data_2DBO
# 
_entry.id   2DBO 
# 
_audit_conform.dict_name       mmcif_pdbx.dic 
_audit_conform.dict_version    5.380 
_audit_conform.dict_location   http://mmcif.pdb.org/dictionaries/ascii/mmcif_pdbx.dic 
# 
loop_
_database_2.database_id 
_database_2.database_code 
_database_2.pdbx_database_accession 
_database_2.pdbx_DOI 
PDB   2DBO         pdb_00002dbo 10.2210/pdb2dbo/pdb 
RCSB  RCSB025223   ?            ?                   
WWPDB D_1000025223 ?            ?                   
# 
_pdbx_database_related.db_name        TargetDB 
_pdbx_database_related.db_id          aae001000428.1 
_pdbx_database_related.details        . 
_pdbx_database_related.content_type   unspecified 
# 
_pdbx_database_status.status_code                     REL 
_pdbx_database_status.entry_id                        2DBO 
_pdbx_database_status.recvd_initial_deposition_date   2005-12-15 
_pdbx_database_status.deposit_site                    PDBJ 
_pdbx_database_status.process_site                    PDBJ 
_pdbx_database_status.status_code_sf                  REL 
_pdbx_database_status.status_code_mr                  ? 
_pdbx_database_status.SG_entry                        Y 
_pdbx_database_status.pdb_format_compatible           Y 
_pdbx_database_status.status_code_cs                  ? 
_pdbx_database_status.status_code_nmr_data            ? 
_pdbx_database_status.methods_development_category    ? 
# 
loop_
_audit_author.name 
_audit_author.pdbx_ordinal 
'Ishii, T.'                                              1 
'Shibata, R.'                                            2 
'Bessho, Y.'                                             3 
'Shirouzu, M.'                                           4 
'Yokoyama, S.'                                           5 
'RIKEN Structural Genomics/Proteomics Initiative (RSGI)' 6 
# 
_citation.id                        primary 
_citation.title                     'Crystal structure of D-Tyr-tRNA(Tyr) deacylase from Aquifex aeolicus' 
_citation.journal_abbrev            'To be Published' 
_citation.journal_volume            ? 
_citation.page_first                ? 
_citation.page_last                 ? 
_citation.year                      ? 
_citation.journal_id_ASTM           ? 
_citation.country                   ? 
_citation.journal_id_ISSN           ? 
_citation.journal_id_CSD            0353 
_citation.book_publisher            ? 
_citation.pdbx_database_id_PubMed   ? 
_citation.pdbx_database_id_DOI      ? 
# 
loop_
_citation_author.citation_id 
_citation_author.name 
_citation_author.ordinal 
_citation_author.identifier_ORCID 
primary 'Ishii, T.'    1 ? 
primary 'Shibata, R.'  2 ? 
primary 'Bessho, Y.'   3 ? 
primary 'Shirouzu, M.' 4 ? 
primary 'Yokoyama, S.' 5 ? 
# 
_cell.entry_id           2DBO 
_cell.length_a           76.010 
_cell.length_b           76.010 
_cell.length_c           133.754 
_cell.angle_alpha        90.00 
_cell.angle_beta         90.00 
_cell.angle_gamma        120.00 
_cell.Z_PDB              12 
_cell.pdbx_unique_axis   ? 
_cell.length_a_esd       ? 
_cell.length_b_esd       ? 
_cell.length_c_esd       ? 
_cell.angle_alpha_esd    ? 
_cell.angle_beta_esd     ? 
_cell.angle_gamma_esd    ? 
# 
_symmetry.entry_id                         2DBO 
_symmetry.space_group_name_H-M             'P 65 2 2' 
_symmetry.pdbx_full_space_group_name_H-M   ? 
_symmetry.cell_setting                     ? 
_symmetry.Int_Tables_number                179 
_symmetry.space_group_name_Hall            ? 
# 
loop_
_entity.id 
_entity.type 
_entity.src_method 
_entity.pdbx_description 
_entity.formula_weight 
_entity.pdbx_number_of_molecules 
_entity.pdbx_ec 
_entity.pdbx_mutation 
_entity.pdbx_fragment 
_entity.details 
1 polymer man 'D-tyrosyl-tRNA(Tyr) deacylase' 16992.645 1  3.1.-.- ? ? ? 
2 water   nat water                           18.015    32 ?       ? ? ? 
# 
_entity_poly.entity_id                      1 
_entity_poly.type                           'polypeptide(L)' 
_entity_poly.nstd_linkage                   no 
_entity_poly.nstd_monomer                   no 
_entity_poly.pdbx_seq_one_letter_code       
;MRAVIQRVKKSWVEVDGKVVGSINEGLNVFLGVRKGDTEEDIEKLVNKILNLRIFEDERGKFQYSVLDIKGEILVVSQFT
LYANVKKGRRPSFEEAEEPKRAKELYEKFVDKIKESGLKVETGIFGAMMDVFIENWGPVTIIIDSREI
;
_entity_poly.pdbx_seq_one_letter_code_can   
;MRAVIQRVKKSWVEVDGKVVGSINEGLNVFLGVRKGDTEEDIEKLVNKILNLRIFEDERGKFQYSVLDIKGEILVVSQFT
LYANVKKGRRPSFEEAEEPKRAKELYEKFVDKIKESGLKVETGIFGAMMDVFIENWGPVTIIIDSREI
;
_entity_poly.pdbx_strand_id                 A 
_entity_poly.pdbx_target_identifier         aae001000428.1 
# 
loop_
_entity_poly_seq.entity_id 
_entity_poly_seq.num 
_entity_poly_seq.mon_id 
_entity_poly_seq.hetero 
1 1   MET n 
1 2   ARG n 
1 3   ALA n 
1 4   VAL n 
1 5   ILE n 
1 6   GLN n 
1 7   ARG n 
1 8   VAL n 
1 9   LYS n 
1 10  LYS n 
1 11  SER n 
1 12  TRP n 
1 13  VAL n 
1 14  GLU n 
1 15  VAL n 
1 16  ASP n 
1 17  GLY n 
1 18  LYS n 
1 19  VAL n 
1 20  VAL n 
1 21  GLY n 
1 22  SER n 
1 23  ILE n 
1 24  ASN n 
1 25  GLU n 
1 26  GLY n 
1 27  LEU n 
1 28  ASN n 
1 29  VAL n 
1 30  PHE n 
1 31  LEU n 
1 32  GLY n 
1 33  VAL n 
1 34  ARG n 
1 35  LYS n 
1 36  GLY n 
1 37  ASP n 
1 38  THR n 
1 39  GLU n 
1 40  GLU n 
1 41  ASP n 
1 42  ILE n 
1 43  GLU n 
1 44  LYS n 
1 45  LEU n 
1 46  VAL n 
1 47  ASN n 
1 48  LYS n 
1 49  ILE n 
1 50  LEU n 
1 51  ASN n 
1 52  LEU n 
1 53  ARG n 
1 54  ILE n 
1 55  PHE n 
1 56  GLU n 
1 57  ASP n 
1 58  GLU n 
1 59  ARG n 
1 60  GLY n 
1 61  LYS n 
1 62  PHE n 
1 63  GLN n 
1 64  TYR n 
1 65  SER n 
1 66  VAL n 
1 67  LEU n 
1 68  ASP n 
1 69  ILE n 
1 70  LYS n 
1 71  GLY n 
1 72  GLU n 
1 73  ILE n 
1 74  LEU n 
1 75  VAL n 
1 76  VAL n 
1 77  SER n 
1 78  GLN n 
1 79  PHE n 
1 80  THR n 
1 81  LEU n 
1 82  TYR n 
1 83  ALA n 
1 84  ASN n 
1 85  VAL n 
1 86  LYS n 
1 87  LYS n 
1 88  GLY n 
1 89  ARG n 
1 90  ARG n 
1 91  PRO n 
1 92  SER n 
1 93  PHE n 
1 94  GLU n 
1 95  GLU n 
1 96  ALA n 
1 97  GLU n 
1 98  GLU n 
1 99  PRO n 
1 100 LYS n 
1 101 ARG n 
1 102 ALA n 
1 103 LYS n 
1 104 GLU n 
1 105 LEU n 
1 106 TYR n 
1 107 GLU n 
1 108 LYS n 
1 109 PHE n 
1 110 VAL n 
1 111 ASP n 
1 112 LYS n 
1 113 ILE n 
1 114 LYS n 
1 115 GLU n 
1 116 SER n 
1 117 GLY n 
1 118 LEU n 
1 119 LYS n 
1 120 VAL n 
1 121 GLU n 
1 122 THR n 
1 123 GLY n 
1 124 ILE n 
1 125 PHE n 
1 126 GLY n 
1 127 ALA n 
1 128 MET n 
1 129 MET n 
1 130 ASP n 
1 131 VAL n 
1 132 PHE n 
1 133 ILE n 
1 134 GLU n 
1 135 ASN n 
1 136 TRP n 
1 137 GLY n 
1 138 PRO n 
1 139 VAL n 
1 140 THR n 
1 141 ILE n 
1 142 ILE n 
1 143 ILE n 
1 144 ASP n 
1 145 SER n 
1 146 ARG n 
1 147 GLU n 
1 148 ILE n 
# 
_entity_src_gen.entity_id                          1 
_entity_src_gen.pdbx_src_id                        1 
_entity_src_gen.pdbx_alt_source_flag               sample 
_entity_src_gen.pdbx_seq_type                      ? 
_entity_src_gen.pdbx_beg_seq_num                   ? 
_entity_src_gen.pdbx_end_seq_num                   ? 
_entity_src_gen.gene_src_common_name               ? 
_entity_src_gen.gene_src_genus                     Aquifex 
_entity_src_gen.pdbx_gene_src_gene                 ? 
_entity_src_gen.gene_src_species                   'Aquifex aeolicus' 
_entity_src_gen.gene_src_strain                    VF5 
_entity_src_gen.gene_src_tissue                    ? 
_entity_src_gen.gene_src_tissue_fraction           ? 
_entity_src_gen.gene_src_details                   ? 
_entity_src_gen.pdbx_gene_src_fragment             ? 
_entity_src_gen.pdbx_gene_src_scientific_name      'Aquifex aeolicus' 
_entity_src_gen.pdbx_gene_src_ncbi_taxonomy_id     224324 
_entity_src_gen.pdbx_gene_src_variant              ? 
_entity_src_gen.pdbx_gene_src_cell_line            ? 
_entity_src_gen.pdbx_gene_src_atcc                 ? 
_entity_src_gen.pdbx_gene_src_organ                ? 
_entity_src_gen.pdbx_gene_src_organelle            ? 
_entity_src_gen.pdbx_gene_src_cell                 ? 
_entity_src_gen.pdbx_gene_src_cellular_location    ? 
_entity_src_gen.host_org_common_name               ? 
_entity_src_gen.pdbx_host_org_scientific_name      'Escherichia coli' 
_entity_src_gen.pdbx_host_org_ncbi_taxonomy_id     562 
_entity_src_gen.host_org_genus                     Escherichia 
_entity_src_gen.pdbx_host_org_gene                 ? 
_entity_src_gen.pdbx_host_org_organ                ? 
_entity_src_gen.host_org_species                   ? 
_entity_src_gen.pdbx_host_org_tissue               ? 
_entity_src_gen.pdbx_host_org_tissue_fraction      ? 
_entity_src_gen.pdbx_host_org_strain               ? 
_entity_src_gen.pdbx_host_org_variant              ? 
_entity_src_gen.pdbx_host_org_cell_line            ? 
_entity_src_gen.pdbx_host_org_atcc                 ? 
_entity_src_gen.pdbx_host_org_culture_collection   ? 
_entity_src_gen.pdbx_host_org_cell                 ? 
_entity_src_gen.pdbx_host_org_organelle            ? 
_entity_src_gen.pdbx_host_org_cellular_location    ? 
_entity_src_gen.pdbx_host_org_vector_type          plasmid 
_entity_src_gen.pdbx_host_org_vector               ? 
_entity_src_gen.host_org_details                   ? 
_entity_src_gen.expression_system_id               ? 
_entity_src_gen.plasmid_name                       pET-11b 
_entity_src_gen.plasmid_details                    ? 
_entity_src_gen.pdbx_description                   ? 
# 
_struct_ref.id                         1 
_struct_ref.db_name                    UNP 
_struct_ref.db_code                    DTD_AQUAE 
_struct_ref.pdbx_db_accession          O66742 
_struct_ref.entity_id                  1 
_struct_ref.pdbx_align_begin           1 
_struct_ref.pdbx_db_isoform            ? 
_struct_ref.pdbx_seq_one_letter_code   ? 
# 
_struct_ref_seq.align_id                      1 
_struct_ref_seq.ref_id                        1 
_struct_ref_seq.pdbx_PDB_id_code              2DBO 
_struct_ref_seq.pdbx_strand_id                A 
_struct_ref_seq.seq_align_beg                 1 
_struct_ref_seq.pdbx_seq_align_beg_ins_code   ? 
_struct_ref_seq.seq_align_end                 148 
_struct_ref_seq.pdbx_seq_align_end_ins_code   ? 
_struct_ref_seq.pdbx_db_accession             O66742 
_struct_ref_seq.db_align_beg                  1 
_struct_ref_seq.pdbx_db_align_beg_ins_code    ? 
_struct_ref_seq.db_align_end                  148 
_struct_ref_seq.pdbx_db_align_end_ins_code    ? 
_struct_ref_seq.pdbx_auth_seq_align_beg       1 
_struct_ref_seq.pdbx_auth_seq_align_end       148 
# 
loop_
_chem_comp.id 
_chem_comp.type 
_chem_comp.mon_nstd_flag 
_chem_comp.name 
_chem_comp.pdbx_synonyms 
_chem_comp.formula 
_chem_comp.formula_weight 
ALA 'L-peptide linking' y ALANINE         ? 'C3 H7 N O2'     89.093  
ARG 'L-peptide linking' y ARGININE        ? 'C6 H15 N4 O2 1' 175.209 
ASN 'L-peptide linking' y ASPARAGINE      ? 'C4 H8 N2 O3'    132.118 
ASP 'L-peptide linking' y 'ASPARTIC ACID' ? 'C4 H7 N O4'     133.103 
GLN 'L-peptide linking' y GLUTAMINE       ? 'C5 H10 N2 O3'   146.144 
GLU 'L-peptide linking' y 'GLUTAMIC ACID' ? 'C5 H9 N O4'     147.129 
GLY 'peptide linking'   y GLYCINE         ? 'C2 H5 N O2'     75.067  
HOH non-polymer         . WATER           ? 'H2 O'           18.015  
ILE 'L-peptide linking' y ISOLEUCINE      ? 'C6 H13 N O2'    131.173 
LEU 'L-peptide linking' y LEUCINE         ? 'C6 H13 N O2'    131.173 
LYS 'L-peptide linking' y LYSINE          ? 'C6 H15 N2 O2 1' 147.195 
MET 'L-peptide linking' y METHIONINE      ? 'C5 H11 N O2 S'  149.211 
PHE 'L-peptide linking' y PHENYLALANINE   ? 'C9 H11 N O2'    165.189 
PRO 'L-peptide linking' y PROLINE         ? 'C5 H9 N O2'     115.130 
SER 'L-peptide linking' y SERINE          ? 'C3 H7 N O3'     105.093 
THR 'L-peptide linking' y THREONINE       ? 'C4 H9 N O3'     119.119 
TRP 'L-peptide linking' y TRYPTOPHAN      ? 'C11 H12 N2 O2'  204.225 
TYR 'L-peptide linking' y TYROSINE        ? 'C9 H11 N O3'    181.189 
VAL 'L-peptide linking' y VALINE          ? 'C5 H11 N O2'    117.146 
# 
_exptl.entry_id          2DBO 
_exptl.method            'X-RAY DIFFRACTION' 
_exptl.crystals_number   1 
# 
_exptl_crystal.id                    1 
_exptl_crystal.density_meas          ? 
_exptl_crystal.density_Matthews      3.28 
_exptl_crystal.density_percent_sol   62.52 
_exptl_crystal.description           ? 
_exptl_crystal.F_000                 ? 
_exptl_crystal.preparation           ? 
# 
_exptl_crystal_grow.crystal_id      1 
_exptl_crystal_grow.method          'SMALL TUBES' 
_exptl_crystal_grow.temp            277 
_exptl_crystal_grow.temp_details    ? 
_exptl_crystal_grow.pH              8.0 
_exptl_crystal_grow.pdbx_details    '0.15M sodium chloride, pH 8.0, SMALL TUBES, temperature 277K' 
_exptl_crystal_grow.pdbx_pH_range   . 
# 
_diffrn.id                     1 
_diffrn.ambient_temp           100 
_diffrn.ambient_temp_details   ? 
_diffrn.crystal_id             1 
# 
_diffrn_detector.diffrn_id              1 
_diffrn_detector.detector               CCD 
_diffrn_detector.type                   'ADSC QUANTUM 4' 
_diffrn_detector.pdbx_collection_date   2005-10-27 
_diffrn_detector.details                ? 
# 
_diffrn_radiation.diffrn_id                        1 
_diffrn_radiation.wavelength_id                    1 
_diffrn_radiation.pdbx_monochromatic_or_laue_m_l   M 
_diffrn_radiation.monochromator                    'SI(111)' 
_diffrn_radiation.pdbx_diffrn_protocol             'SINGLE WAVELENGTH' 
_diffrn_radiation.pdbx_scattering_type             x-ray 
# 
_diffrn_radiation_wavelength.id           1 
_diffrn_radiation_wavelength.wavelength   1.0 
_diffrn_radiation_wavelength.wt           1.0 
# 
_diffrn_source.diffrn_id                   1 
_diffrn_source.source                      SYNCHROTRON 
_diffrn_source.type                        'PHOTON FACTORY BEAMLINE BL-6A' 
_diffrn_source.pdbx_synchrotron_site       'Photon Factory' 
_diffrn_source.pdbx_synchrotron_beamline   BL-6A 
_diffrn_source.pdbx_wavelength             ? 
_diffrn_source.pdbx_wavelength_list        1.0 
# 
_reflns.entry_id                     2DBO 
_reflns.observed_criterion_sigma_I   ? 
_reflns.observed_criterion_sigma_F   ? 
_reflns.d_resolution_low             38.01 
_reflns.d_resolution_high            2.76 
_reflns.number_obs                   6373 
_reflns.number_all                   ? 
_reflns.percent_possible_obs         100.0 
_reflns.pdbx_Rmerge_I_obs            ? 
_reflns.pdbx_Rsym_value              0.09 
_reflns.pdbx_netI_over_sigmaI        28.8534 
_reflns.B_iso_Wilson_estimate        46.6 
_reflns.pdbx_redundancy              12.3 
_reflns.R_free_details               ? 
_reflns.limit_h_max                  ? 
_reflns.limit_h_min                  ? 
_reflns.limit_k_max                  ? 
_reflns.limit_k_min                  ? 
_reflns.limit_l_max                  ? 
_reflns.limit_l_min                  ? 
_reflns.observed_criterion_F_max     ? 
_reflns.observed_criterion_F_min     ? 
_reflns.pdbx_chi_squared             ? 
_reflns.pdbx_scaling_rejects         ? 
_reflns.pdbx_ordinal                 1 
_reflns.pdbx_diffrn_id               1 
# 
_reflns_shell.d_res_high             2.76 
_reflns_shell.d_res_low              2.86 
_reflns_shell.percent_possible_all   100.0 
_reflns_shell.Rmerge_I_obs           ? 
_reflns_shell.pdbx_Rsym_value        0.368 
_reflns_shell.meanI_over_sigI_obs    7.72 
_reflns_shell.pdbx_redundancy        13.0 
_reflns_shell.percent_possible_obs   ? 
_reflns_shell.number_unique_all      611 
_reflns_shell.number_measured_all    ? 
_reflns_shell.number_measured_obs    ? 
_reflns_shell.number_unique_obs      ? 
_reflns_shell.pdbx_chi_squared       ? 
_reflns_shell.pdbx_ordinal           1 
_reflns_shell.pdbx_diffrn_id         1 
# 
_refine.entry_id                                 2DBO 
_refine.ls_number_reflns_obs                     6116 
_refine.ls_number_reflns_all                     ? 
_refine.pdbx_ls_sigma_I                          ? 
_refine.pdbx_ls_sigma_F                          0.0 
_refine.pdbx_data_cutoff_high_absF               111177.44 
_refine.pdbx_data_cutoff_low_absF                0.000000 
_refine.pdbx_data_cutoff_high_rms_absF           ? 
_refine.ls_d_res_low                             38.01 
_refine.ls_d_res_high                            2.76 
_refine.ls_percent_reflns_obs                    96.4 
_refine.ls_R_factor_obs                          ? 
_refine.ls_R_factor_all                          ? 
_refine.ls_R_factor_R_work                       0.23 
_refine.ls_R_factor_R_free                       0.284 
_refine.ls_R_factor_R_free_error                 0.011 
_refine.ls_R_factor_R_free_error_details         ? 
_refine.ls_percent_reflns_R_free                 10.6 
_refine.ls_number_reflns_R_free                  670 
_refine.ls_number_parameters                     ? 
_refine.ls_number_restraints                     ? 
_refine.occupancy_min                            ? 
_refine.occupancy_max                            ? 
_refine.correlation_coeff_Fo_to_Fc               ? 
_refine.correlation_coeff_Fo_to_Fc_free          ? 
_refine.B_iso_mean                               36.7 
_refine.aniso_B[1][1]                            4.34 
_refine.aniso_B[2][2]                            4.34 
_refine.aniso_B[3][3]                            -8.69 
_refine.aniso_B[1][2]                            12.49 
_refine.aniso_B[1][3]                            0.00 
_refine.aniso_B[2][3]                            0.00 
_refine.solvent_model_details                    'FLAT MODEL' 
_refine.solvent_model_param_ksol                 0.366911 
_refine.solvent_model_param_bsol                 29.9913 
_refine.pdbx_solvent_vdw_probe_radii             ? 
_refine.pdbx_solvent_ion_probe_radii             ? 
_refine.pdbx_solvent_shrinkage_radii             ? 
_refine.pdbx_ls_cross_valid_method               THROUGHOUT 
_refine.details                                  ? 
_refine.pdbx_starting_model                      1J7G 
_refine.pdbx_method_to_determine_struct          'MOLECULAR REPLACEMENT' 
_refine.pdbx_isotropic_thermal_model             RESTRAINED 
_refine.pdbx_stereochemistry_target_values       ? 
_refine.pdbx_stereochem_target_val_spec_case     ? 
_refine.pdbx_R_Free_selection_details            RANDOM 
_refine.pdbx_overall_ESU_R                       ? 
_refine.pdbx_overall_ESU_R_Free                  ? 
_refine.overall_SU_ML                            ? 
_refine.overall_SU_B                             ? 
_refine.ls_redundancy_reflns_obs                 ? 
_refine.B_iso_min                                ? 
_refine.B_iso_max                                ? 
_refine.overall_SU_R_Cruickshank_DPI             ? 
_refine.overall_SU_R_free                        ? 
_refine.ls_wR_factor_R_free                      ? 
_refine.ls_wR_factor_R_work                      ? 
_refine.overall_FOM_free_R_set                   ? 
_refine.overall_FOM_work_R_set                   ? 
_refine.pdbx_refine_id                           'X-RAY DIFFRACTION' 
_refine.pdbx_diffrn_id                           1 
_refine.pdbx_TLS_residual_ADP_flag               ? 
_refine.pdbx_overall_phase_error                 ? 
_refine.pdbx_overall_SU_R_free_Cruickshank_DPI   ? 
_refine.pdbx_overall_SU_R_Blow_DPI               ? 
_refine.pdbx_overall_SU_R_free_Blow_DPI          ? 
# 
_refine_analyze.entry_id                        2DBO 
_refine_analyze.Luzzati_coordinate_error_obs    0.33 
_refine_analyze.Luzzati_sigma_a_obs             0.32 
_refine_analyze.Luzzati_d_res_low_obs           5.00 
_refine_analyze.Luzzati_coordinate_error_free   0.44 
_refine_analyze.Luzzati_sigma_a_free            0.44 
_refine_analyze.Luzzati_d_res_low_free          ? 
_refine_analyze.number_disordered_residues      ? 
_refine_analyze.occupancy_sum_hydrogen          ? 
_refine_analyze.occupancy_sum_non_hydrogen      ? 
_refine_analyze.pdbx_Luzzati_d_res_high_obs     ? 
_refine_analyze.pdbx_refine_id                  'X-RAY DIFFRACTION' 
# 
_refine_hist.pdbx_refine_id                   'X-RAY DIFFRACTION' 
_refine_hist.cycle_id                         LAST 
_refine_hist.pdbx_number_atoms_protein        1196 
_refine_hist.pdbx_number_atoms_nucleic_acid   0 
_refine_hist.pdbx_number_atoms_ligand         0 
_refine_hist.number_atoms_solvent             32 
_refine_hist.number_atoms_total               1228 
_refine_hist.d_res_high                       2.76 
_refine_hist.d_res_low                        38.01 
# 
loop_
_refine_ls_restr.type 
_refine_ls_restr.dev_ideal 
_refine_ls_restr.dev_ideal_target 
_refine_ls_restr.weight 
_refine_ls_restr.number 
_refine_ls_restr.pdbx_refine_id 
_refine_ls_restr.pdbx_restraint_function 
c_bond_d           0.013 ? ? ? 'X-RAY DIFFRACTION' ? 
c_angle_deg        1.5   ? ? ? 'X-RAY DIFFRACTION' ? 
c_dihedral_angle_d 25.4  ? ? ? 'X-RAY DIFFRACTION' ? 
c_improper_angle_d 0.88  ? ? ? 'X-RAY DIFFRACTION' ? 
# 
_refine_ls_shell.pdbx_total_number_of_bins_used   6 
_refine_ls_shell.d_res_high                       2.76 
_refine_ls_shell.d_res_low                        2.93 
_refine_ls_shell.number_reflns_R_work             857 
_refine_ls_shell.R_factor_R_work                  0.296 
_refine_ls_shell.percent_reflns_obs               93.5 
_refine_ls_shell.R_factor_R_free                  0.349 
_refine_ls_shell.R_factor_R_free_error            0.035 
_refine_ls_shell.percent_reflns_R_free            10.5 
_refine_ls_shell.number_reflns_R_free             101 
_refine_ls_shell.number_reflns_all                ? 
_refine_ls_shell.R_factor_all                     ? 
_refine_ls_shell.number_reflns_obs                ? 
_refine_ls_shell.redundancy_reflns_obs            ? 
_refine_ls_shell.pdbx_refine_id                   'X-RAY DIFFRACTION' 
# 
loop_
_pdbx_xplor_file.serial_no 
_pdbx_xplor_file.param_file 
_pdbx_xplor_file.topol_file 
_pdbx_xplor_file.pdbx_refine_id 
1 protein_rep.param protein.top   'X-RAY DIFFRACTION' 
2 water_rep.param   water_rep.top 'X-RAY DIFFRACTION' 
# 
_struct.entry_id                  2DBO 
_struct.title                     'Crystal structure of D-Tyr-tRNA(Tyr) deacylase from Aquifex aeolicus' 
_struct.pdbx_model_details        ? 
_struct.pdbx_CASP_flag            ? 
_struct.pdbx_model_type_details   ? 
# 
_struct_keywords.entry_id        2DBO 
_struct_keywords.pdbx_keywords   HYDROLASE 
_struct_keywords.text            
;D-amino acid, D-Tyrosine, tRNA, deacylase, Structural Genomics, NPPSFA, National Project on Protein Structural and Functional Analyses, RIKEN Structural Genomics/Proteomics Initiative, RSGI, Hydrolase
;
# 
loop_
_struct_asym.id 
_struct_asym.pdbx_blank_PDB_chainid_flag 
_struct_asym.pdbx_modified 
_struct_asym.entity_id 
_struct_asym.details 
A N N 1 ? 
B N N 2 ? 
# 
_struct_biol.id   1 
# 
loop_
_struct_conf.conf_type_id 
_struct_conf.id 
_struct_conf.pdbx_PDB_helix_id 
_struct_conf.beg_label_comp_id 
_struct_conf.beg_label_asym_id 
_struct_conf.beg_label_seq_id 
_struct_conf.pdbx_beg_PDB_ins_code 
_struct_conf.end_label_comp_id 
_struct_conf.end_label_asym_id 
_struct_conf.end_label_seq_id 
_struct_conf.pdbx_end_PDB_ins_code 
_struct_conf.beg_auth_comp_id 
_struct_conf.beg_auth_asym_id 
_struct_conf.beg_auth_seq_id 
_struct_conf.end_auth_comp_id 
_struct_conf.end_auth_asym_id 
_struct_conf.end_auth_seq_id 
_struct_conf.pdbx_PDB_helix_class 
_struct_conf.details 
_struct_conf.pdbx_PDB_helix_length 
HELX_P HELX_P1 1 THR A 38  ? LEU A 52  ? THR A 38  LEU A 52  1 ? 15 
HELX_P HELX_P2 2 PHE A 79  ? ALA A 83  ? PHE A 79  ALA A 83  5 ? 5  
HELX_P HELX_P3 3 GLU A 98  ? GLU A 115 ? GLU A 98  GLU A 115 1 ? 18 
HELX_P HELX_P4 4 ARG A 146 ? ILE A 148 ? ARG A 146 ILE A 148 5 ? 3  
# 
_struct_conf_type.id          HELX_P 
_struct_conf_type.criteria    ? 
_struct_conf_type.reference   ? 
# 
_struct_mon_prot_cis.pdbx_id                1 
_struct_mon_prot_cis.label_comp_id          GLY 
_struct_mon_prot_cis.label_seq_id           137 
_struct_mon_prot_cis.label_asym_id          A 
_struct_mon_prot_cis.label_alt_id           . 
_struct_mon_prot_cis.pdbx_PDB_ins_code      ? 
_struct_mon_prot_cis.auth_comp_id           GLY 
_struct_mon_prot_cis.auth_seq_id            137 
_struct_mon_prot_cis.auth_asym_id           A 
_struct_mon_prot_cis.pdbx_label_comp_id_2   PRO 
_struct_mon_prot_cis.pdbx_label_seq_id_2    138 
_struct_mon_prot_cis.pdbx_label_asym_id_2   A 
_struct_mon_prot_cis.pdbx_PDB_ins_code_2    ? 
_struct_mon_prot_cis.pdbx_auth_comp_id_2    PRO 
_struct_mon_prot_cis.pdbx_auth_seq_id_2     138 
_struct_mon_prot_cis.pdbx_auth_asym_id_2    A 
_struct_mon_prot_cis.pdbx_PDB_model_num     1 
_struct_mon_prot_cis.pdbx_omega_angle       -0.23 
# 
loop_
_struct_sheet.id 
_struct_sheet.type 
_struct_sheet.number_strands 
_struct_sheet.details 
A ? 5 ? 
B ? 3 ? 
# 
loop_
_struct_sheet_order.sheet_id 
_struct_sheet_order.range_id_1 
_struct_sheet_order.range_id_2 
_struct_sheet_order.offset 
_struct_sheet_order.sense 
A 1 2 ? parallel      
A 2 3 ? parallel      
A 3 4 ? anti-parallel 
A 4 5 ? anti-parallel 
B 1 2 ? anti-parallel 
B 2 3 ? anti-parallel 
# 
loop_
_struct_sheet_range.sheet_id 
_struct_sheet_range.id 
_struct_sheet_range.beg_label_comp_id 
_struct_sheet_range.beg_label_asym_id 
_struct_sheet_range.beg_label_seq_id 
_struct_sheet_range.pdbx_beg_PDB_ins_code 
_struct_sheet_range.end_label_comp_id 
_struct_sheet_range.end_label_asym_id 
_struct_sheet_range.end_label_seq_id 
_struct_sheet_range.pdbx_end_PDB_ins_code 
_struct_sheet_range.beg_auth_comp_id 
_struct_sheet_range.beg_auth_asym_id 
_struct_sheet_range.beg_auth_seq_id 
_struct_sheet_range.end_auth_comp_id 
_struct_sheet_range.end_auth_asym_id 
_struct_sheet_range.end_auth_seq_id 
A 1 VAL A 120 ? THR A 122 ? VAL A 120 THR A 122 
A 2 GLU A 72  ? SER A 77  ? GLU A 72  SER A 77  
A 3 GLY A 26  ? GLY A 32  ? GLY A 26  GLY A 32  
A 4 ARG A 2   ? VAL A 8   ? ARG A 2   VAL A 8   
A 5 ASN A 135 ? ASP A 144 ? ASN A 135 ASP A 144 
B 1 LYS A 18  ? ILE A 23  ? LYS A 18  ILE A 23  
B 2 SER A 11  ? VAL A 15  ? SER A 11  VAL A 15  
B 3 ASP A 130 ? PHE A 132 ? ASP A 130 PHE A 132 
# 
loop_
_pdbx_struct_sheet_hbond.sheet_id 
_pdbx_struct_sheet_hbond.range_id_1 
_pdbx_struct_sheet_hbond.range_id_2 
_pdbx_struct_sheet_hbond.range_1_label_atom_id 
_pdbx_struct_sheet_hbond.range_1_label_comp_id 
_pdbx_struct_sheet_hbond.range_1_label_asym_id 
_pdbx_struct_sheet_hbond.range_1_label_seq_id 
_pdbx_struct_sheet_hbond.range_1_PDB_ins_code 
_pdbx_struct_sheet_hbond.range_1_auth_atom_id 
_pdbx_struct_sheet_hbond.range_1_auth_comp_id 
_pdbx_struct_sheet_hbond.range_1_auth_asym_id 
_pdbx_struct_sheet_hbond.range_1_auth_seq_id 
_pdbx_struct_sheet_hbond.range_2_label_atom_id 
_pdbx_struct_sheet_hbond.range_2_label_comp_id 
_pdbx_struct_sheet_hbond.range_2_label_asym_id 
_pdbx_struct_sheet_hbond.range_2_label_seq_id 
_pdbx_struct_sheet_hbond.range_2_PDB_ins_code 
_pdbx_struct_sheet_hbond.range_2_auth_atom_id 
_pdbx_struct_sheet_hbond.range_2_auth_comp_id 
_pdbx_struct_sheet_hbond.range_2_auth_asym_id 
_pdbx_struct_sheet_hbond.range_2_auth_seq_id 
A 1 2 O GLU A 121 ? O GLU A 121 N ILE A 73  ? N ILE A 73  
A 2 3 O LEU A 74  ? O LEU A 74  N VAL A 29  ? N VAL A 29  
A 3 4 O GLY A 32  ? O GLY A 32  N ARG A 2   ? N ARG A 2   
A 4 5 N ARG A 7   ? N ARG A 7   O VAL A 139 ? O VAL A 139 
B 1 2 O VAL A 20  ? O VAL A 20  N VAL A 13  ? N VAL A 13  
B 2 3 N TRP A 12  ? N TRP A 12  O PHE A 132 ? O PHE A 132 
# 
_atom_sites.entry_id                    2DBO 
_atom_sites.fract_transf_matrix[1][1]   -0.00522616 
_atom_sites.fract_transf_matrix[1][2]   0.01425529 
_atom_sites.fract_transf_matrix[1][3]   0.00050362 
_atom_sites.fract_transf_matrix[2][1]   0.00963236 
_atom_sites.fract_transf_matrix[2][2]   0.01155040 
_atom_sites.fract_transf_matrix[2][3]   0.00213831 
_atom_sites.fract_transf_matrix[3][1]   0.00092267 
_atom_sites.fract_transf_matrix[3][2]   0.00059950 
_atom_sites.fract_transf_matrix[3][3]   -0.00739458 
_atom_sites.fract_transf_vector[1]      0.063755 
_atom_sites.fract_transf_vector[2]      0.491675 
_atom_sites.fract_transf_vector[3]      0.104336 
# 
loop_
_atom_type.symbol 
C 
N 
O 
S 
# 
loop_
_atom_site.group_PDB 
_atom_site.id 
_atom_site.type_symbol 
_atom_site.label_atom_id 
_atom_site.label_alt_id 
_atom_site.label_comp_id 
_atom_site.label_asym_id 
_atom_site.label_entity_id 
_atom_site.label_seq_id 
_atom_site.pdbx_PDB_ins_code 
_atom_site.Cartn_x 
_atom_site.Cartn_y 
_atom_site.Cartn_z 
_atom_site.occupancy 
_atom_site.B_iso_or_equiv 
_atom_site.pdbx_formal_charge 
_atom_site.auth_seq_id 
_atom_site.auth_comp_id 
_atom_site.auth_asym_id 
_atom_site.auth_atom_id 
_atom_site.pdbx_PDB_model_num 
ATOM   1    N N   . MET A 1 1   ? 11.137  1.225   4.233   1.00 30.47 ? 1   MET A N   1 
ATOM   2    C CA  . MET A 1 1   ? 9.735   0.765   3.992   1.00 33.82 ? 1   MET A CA  1 
ATOM   3    C C   . MET A 1 1   ? 9.407   1.012   2.527   1.00 33.09 ? 1   MET A C   1 
ATOM   4    O O   . MET A 1 1   ? 9.902   1.970   1.933   1.00 34.57 ? 1   MET A O   1 
ATOM   5    C CB  . MET A 1 1   ? 8.755   1.522   4.897   1.00 27.46 ? 1   MET A CB  1 
ATOM   6    C CG  . MET A 1 1   ? 7.357   0.916   4.908   1.00 32.29 ? 1   MET A CG  1 
ATOM   7    S SD  . MET A 1 1   ? 6.247   1.579   6.177   1.00 29.80 ? 1   MET A SD  1 
ATOM   8    C CE  . MET A 1 1   ? 6.813   0.665   7.608   1.00 29.80 ? 1   MET A CE  1 
ATOM   9    N N   . ARG A 1 2   ? 8.574   0.157   1.942   1.00 32.13 ? 2   ARG A N   1 
ATOM   10   C CA  . ARG A 1 2   ? 8.258   0.305   0.525   1.00 31.98 ? 2   ARG A CA  1 
ATOM   11   C C   . ARG A 1 2   ? 6.786   0.111   0.184   1.00 28.97 ? 2   ARG A C   1 
ATOM   12   O O   . ARG A 1 2   ? 6.054   -0.589  0.879   1.00 32.34 ? 2   ARG A O   1 
ATOM   13   C CB  . ARG A 1 2   ? 9.115   -0.674  -0.278  1.00 28.20 ? 2   ARG A CB  1 
ATOM   14   C CG  . ARG A 1 2   ? 9.084   -0.464  -1.768  1.00 25.36 ? 2   ARG A CG  1 
ATOM   15   C CD  . ARG A 1 2   ? 10.083  -1.380  -2.463  1.00 32.66 ? 2   ARG A CD  1 
ATOM   16   N NE  . ARG A 1 2   ? 11.446  -1.218  -1.956  1.00 36.35 ? 2   ARG A NE  1 
ATOM   17   C CZ  . ARG A 1 2   ? 12.514  -1.824  -2.476  1.00 40.24 ? 2   ARG A CZ  1 
ATOM   18   N NH1 . ARG A 1 2   ? 12.381  -2.627  -3.524  1.00 40.99 ? 2   ARG A NH1 1 
ATOM   19   N NH2 . ARG A 1 2   ? 13.715  -1.642  -1.942  1.00 34.98 ? 2   ARG A NH2 1 
ATOM   20   N N   . ALA A 1 3   ? 6.347   0.723   -0.905  1.00 25.59 ? 3   ALA A N   1 
ATOM   21   C CA  . ALA A 1 3   ? 4.948   0.585   -1.274  1.00 23.77 ? 3   ALA A CA  1 
ATOM   22   C C   . ALA A 1 3   ? 4.647   0.611   -2.768  1.00 19.88 ? 3   ALA A C   1 
ATOM   23   O O   . ALA A 1 3   ? 5.217   1.394   -3.533  1.00 15.34 ? 3   ALA A O   1 
ATOM   24   C CB  . ALA A 1 3   ? 4.123   1.670   -0.563  1.00 17.98 ? 3   ALA A CB  1 
ATOM   25   N N   . VAL A 1 4   ? 3.763   -0.273  -3.193  1.00 16.86 ? 4   VAL A N   1 
ATOM   26   C CA  . VAL A 1 4   ? 3.352   -0.261  -4.588  1.00 24.15 ? 4   VAL A CA  1 
ATOM   27   C C   . VAL A 1 4   ? 1.892   0.176   -4.514  1.00 22.21 ? 4   VAL A C   1 
ATOM   28   O O   . VAL A 1 4   ? 1.046   -0.547  -3.988  1.00 19.92 ? 4   VAL A O   1 
ATOM   29   C CB  . VAL A 1 4   ? 3.473   -1.646  -5.256  1.00 20.50 ? 4   VAL A CB  1 
ATOM   30   C CG1 . VAL A 1 4   ? 2.787   -1.616  -6.596  1.00 23.02 ? 4   VAL A CG1 1 
ATOM   31   C CG2 . VAL A 1 4   ? 4.950   -2.003  -5.462  1.00 23.89 ? 4   VAL A CG2 1 
ATOM   32   N N   . ILE A 1 5   ? 1.601   1.379   -4.995  1.00 18.41 ? 5   ILE A N   1 
ATOM   33   C CA  . ILE A 1 5   ? 0.231   1.862   -4.923  1.00 20.60 ? 5   ILE A CA  1 
ATOM   34   C C   . ILE A 1 5   ? -0.431  1.923   -6.288  1.00 19.38 ? 5   ILE A C   1 
ATOM   35   O O   . ILE A 1 5   ? 0.069   2.565   -7.215  1.00 24.91 ? 5   ILE A O   1 
ATOM   36   C CB  . ILE A 1 5   ? 0.148   3.248   -4.212  1.00 19.17 ? 5   ILE A CB  1 
ATOM   37   C CG1 . ILE A 1 5   ? -0.580  4.247   -5.102  1.00 21.03 ? 5   ILE A CG1 1 
ATOM   38   C CG2 . ILE A 1 5   ? 1.547   3.731   -3.815  1.00 21.41 ? 5   ILE A CG2 1 
ATOM   39   C CD1 . ILE A 1 5   ? -0.947  5.543   -4.426  1.00 33.32 ? 5   ILE A CD1 1 
ATOM   40   N N   . GLN A 1 6   ? -1.560  1.237   -6.412  1.00 15.50 ? 6   GLN A N   1 
ATOM   41   C CA  . GLN A 1 6   ? -2.276  1.201   -7.677  1.00 20.00 ? 6   GLN A CA  1 
ATOM   42   C C   . GLN A 1 6   ? -3.603  1.947   -7.614  1.00 21.66 ? 6   GLN A C   1 
ATOM   43   O O   . GLN A 1 6   ? -4.455  1.659   -6.758  1.00 23.49 ? 6   GLN A O   1 
ATOM   44   C CB  . GLN A 1 6   ? -2.520  -0.255  -8.095  1.00 16.18 ? 6   GLN A CB  1 
ATOM   45   C CG  . GLN A 1 6   ? -1.244  -1.094  -8.228  1.00 16.30 ? 6   GLN A CG  1 
ATOM   46   C CD  . GLN A 1 6   ? -1.520  -2.529  -8.683  1.00 19.85 ? 6   GLN A CD  1 
ATOM   47   O OE1 . GLN A 1 6   ? -1.826  -2.784  -9.850  1.00 16.43 ? 6   GLN A OE1 1 
ATOM   48   N NE2 . GLN A 1 6   ? -1.416  -3.469  -7.754  1.00 23.92 ? 6   GLN A NE2 1 
ATOM   49   N N   . ARG A 1 7   ? -3.770  2.913   -8.513  1.00 20.66 ? 7   ARG A N   1 
ATOM   50   C CA  . ARG A 1 7   ? -5.010  3.679   -8.563  1.00 26.41 ? 7   ARG A CA  1 
ATOM   51   C C   . ARG A 1 7   ? -6.089  2.691   -8.980  1.00 27.57 ? 7   ARG A C   1 
ATOM   52   O O   . ARG A 1 7   ? -5.995  2.064   -10.045 1.00 23.84 ? 7   ARG A O   1 
ATOM   53   C CB  . ARG A 1 7   ? -4.924  4.814   -9.592  1.00 27.82 ? 7   ARG A CB  1 
ATOM   54   C CG  . ARG A 1 7   ? -6.159  5.722   -9.597  1.00 26.45 ? 7   ARG A CG  1 
ATOM   55   C CD  . ARG A 1 7   ? -6.058  6.875   -10.604 1.00 23.52 ? 7   ARG A CD  1 
ATOM   56   N NE  . ARG A 1 7   ? -6.309  6.452   -11.977 1.00 21.10 ? 7   ARG A NE  1 
ATOM   57   C CZ  . ARG A 1 7   ? -6.288  7.266   -13.032 1.00 20.14 ? 7   ARG A CZ  1 
ATOM   58   N NH1 . ARG A 1 7   ? -6.024  8.557   -12.880 1.00 16.63 ? 7   ARG A NH1 1 
ATOM   59   N NH2 . ARG A 1 7   ? -6.539  6.787   -14.244 1.00 20.34 ? 7   ARG A NH2 1 
ATOM   60   N N   . VAL A 1 8   ? -7.109  2.550   -8.143  1.00 23.46 ? 8   VAL A N   1 
ATOM   61   C CA  . VAL A 1 8   ? -8.179  1.617   -8.434  1.00 31.79 ? 8   VAL A CA  1 
ATOM   62   C C   . VAL A 1 8   ? -9.540  2.289   -8.504  1.00 36.62 ? 8   VAL A C   1 
ATOM   63   O O   . VAL A 1 8   ? -9.735  3.410   -8.029  1.00 39.65 ? 8   VAL A O   1 
ATOM   64   C CB  . VAL A 1 8   ? -8.252  0.505   -7.363  1.00 27.86 ? 8   VAL A CB  1 
ATOM   65   C CG1 . VAL A 1 8   ? -6.911  -0.154  -7.214  1.00 28.99 ? 8   VAL A CG1 1 
ATOM   66   C CG2 . VAL A 1 8   ? -8.701  1.092   -6.034  1.00 24.49 ? 8   VAL A CG2 1 
ATOM   67   N N   . LYS A 1 9   ? -10.480 1.568   -9.091  1.00 36.58 ? 9   LYS A N   1 
ATOM   68   C CA  . LYS A 1 9   ? -11.838 2.035   -9.236  1.00 37.40 ? 9   LYS A CA  1 
ATOM   69   C C   . LYS A 1 9   ? -12.634 1.188   -8.254  1.00 38.93 ? 9   LYS A C   1 
ATOM   70   O O   . LYS A 1 9   ? -13.659 1.613   -7.713  1.00 41.41 ? 9   LYS A O   1 
ATOM   71   C CB  . LYS A 1 9   ? -12.285 1.776   -10.669 1.00 37.59 ? 9   LYS A CB  1 
ATOM   72   C CG  . LYS A 1 9   ? -13.456 2.587   -11.120 1.00 38.47 ? 9   LYS A CG  1 
ATOM   73   C CD  . LYS A 1 9   ? -13.608 2.471   -12.621 1.00 39.16 ? 9   LYS A CD  1 
ATOM   74   C CE  . LYS A 1 9   ? -12.443 3.112   -13.345 1.00 22.20 ? 9   LYS A CE  1 
ATOM   75   N NZ  . LYS A 1 9   ? -12.681 3.091   -14.817 1.00 26.54 ? 9   LYS A NZ  1 
ATOM   76   N N   . LYS A 1 10  ? -12.124 -0.017  -8.025  1.00 38.56 ? 10  LYS A N   1 
ATOM   77   C CA  . LYS A 1 10  ? -12.728 -0.983  -7.112  1.00 35.30 ? 10  LYS A CA  1 
ATOM   78   C C   . LYS A 1 10  ? -11.591 -1.915  -6.723  1.00 31.10 ? 10  LYS A C   1 
ATOM   79   O O   . LYS A 1 10  ? -10.715 -2.199  -7.537  1.00 30.63 ? 10  LYS A O   1 
ATOM   80   C CB  . LYS A 1 10  ? -13.832 -1.765  -7.825  1.00 32.32 ? 10  LYS A CB  1 
ATOM   81   C CG  . LYS A 1 10  ? -14.740 -2.556  -6.909  1.00 30.57 ? 10  LYS A CG  1 
ATOM   82   C CD  . LYS A 1 10  ? -15.901 -3.160  -7.701  1.00 37.64 ? 10  LYS A CD  1 
ATOM   83   C CE  . LYS A 1 10  ? -17.042 -3.605  -6.786  1.00 42.06 ? 10  LYS A CE  1 
ATOM   84   N NZ  . LYS A 1 10  ? -16.625 -4.626  -5.777  1.00 43.11 ? 10  LYS A NZ  1 
ATOM   85   N N   . SER A 1 11  ? -11.595 -2.393  -5.489  1.00 29.58 ? 11  SER A N   1 
ATOM   86   C CA  . SER A 1 11  ? -10.524 -3.267  -5.042  1.00 32.05 ? 11  SER A CA  1 
ATOM   87   C C   . SER A 1 11  ? -10.824 -3.879  -3.679  1.00 30.60 ? 11  SER A C   1 
ATOM   88   O O   . SER A 1 11  ? -11.253 -3.179  -2.762  1.00 35.15 ? 11  SER A O   1 
ATOM   89   C CB  . SER A 1 11  ? -9.218  -2.459  -4.985  1.00 33.18 ? 11  SER A CB  1 
ATOM   90   O OG  . SER A 1 11  ? -8.124  -3.235  -4.541  1.00 33.03 ? 11  SER A OG  1 
ATOM   91   N N   . TRP A 1 12  ? -10.622 -5.185  -3.545  1.00 28.53 ? 12  TRP A N   1 
ATOM   92   C CA  . TRP A 1 12  ? -10.862 -5.832  -2.263  1.00 33.29 ? 12  TRP A CA  1 
ATOM   93   C C   . TRP A 1 12  ? -10.022 -7.082  -2.014  1.00 34.60 ? 12  TRP A C   1 
ATOM   94   O O   . TRP A 1 12  ? -9.432  -7.661  -2.930  1.00 31.00 ? 12  TRP A O   1 
ATOM   95   C CB  . TRP A 1 12  ? -12.350 -6.161  -2.094  1.00 27.53 ? 12  TRP A CB  1 
ATOM   96   C CG  . TRP A 1 12  ? -12.855 -7.253  -2.979  1.00 27.34 ? 12  TRP A CG  1 
ATOM   97   C CD1 . TRP A 1 12  ? -13.060 -8.558  -2.635  1.00 29.57 ? 12  TRP A CD1 1 
ATOM   98   C CD2 . TRP A 1 12  ? -13.232 -7.134  -4.357  1.00 27.58 ? 12  TRP A CD2 1 
ATOM   99   N NE1 . TRP A 1 12  ? -13.545 -9.265  -3.716  1.00 26.69 ? 12  TRP A NE1 1 
ATOM   100  C CE2 . TRP A 1 12  ? -13.656 -8.417  -4.784  1.00 28.99 ? 12  TRP A CE2 1 
ATOM   101  C CE3 . TRP A 1 12  ? -13.246 -6.073  -5.275  1.00 25.99 ? 12  TRP A CE3 1 
ATOM   102  C CZ2 . TRP A 1 12  ? -14.095 -8.666  -6.092  1.00 29.84 ? 12  TRP A CZ2 1 
ATOM   103  C CZ3 . TRP A 1 12  ? -13.682 -6.321  -6.580  1.00 21.49 ? 12  TRP A CZ3 1 
ATOM   104  C CH2 . TRP A 1 12  ? -14.098 -7.609  -6.974  1.00 29.65 ? 12  TRP A CH2 1 
ATOM   105  N N   . VAL A 1 13  ? -9.973  -7.472  -0.747  1.00 33.76 ? 13  VAL A N   1 
ATOM   106  C CA  . VAL A 1 13  ? -9.219  -8.632  -0.314  1.00 39.64 ? 13  VAL A CA  1 
ATOM   107  C C   . VAL A 1 13  ? -10.188 -9.659  0.246   1.00 44.63 ? 13  VAL A C   1 
ATOM   108  O O   . VAL A 1 13  ? -11.110 -9.304  0.986   1.00 47.13 ? 13  VAL A O   1 
ATOM   109  C CB  . VAL A 1 13  ? -8.238  -8.253  0.808   1.00 39.31 ? 13  VAL A CB  1 
ATOM   110  C CG1 . VAL A 1 13  ? -7.468  -9.484  1.263   1.00 45.06 ? 13  VAL A CG1 1 
ATOM   111  C CG2 . VAL A 1 13  ? -7.294  -7.170  0.333   1.00 43.20 ? 13  VAL A CG2 1 
ATOM   112  N N   . GLU A 1 14  ? -9.994  -10.927 -0.102  1.00 45.46 ? 14  GLU A N   1 
ATOM   113  C CA  . GLU A 1 14  ? -10.862 -11.962 0.441   1.00 50.49 ? 14  GLU A CA  1 
ATOM   114  C C   . GLU A 1 14  ? -10.071 -13.202 0.840   1.00 50.07 ? 14  GLU A C   1 
ATOM   115  O O   . GLU A 1 14  ? -9.152  -13.624 0.140   1.00 50.33 ? 14  GLU A O   1 
ATOM   116  C CB  . GLU A 1 14  ? -11.997 -12.308 -0.538  1.00 49.80 ? 14  GLU A CB  1 
ATOM   117  C CG  . GLU A 1 14  ? -11.610 -13.059 -1.785  1.00 48.79 ? 14  GLU A CG  1 
ATOM   118  C CD  . GLU A 1 14  ? -12.795 -13.235 -2.726  1.00 47.40 ? 14  GLU A CD  1 
ATOM   119  O OE1 . GLU A 1 14  ? -13.280 -12.225 -3.272  1.00 41.35 ? 14  GLU A OE1 1 
ATOM   120  O OE2 . GLU A 1 14  ? -13.246 -14.384 -2.917  1.00 49.91 ? 14  GLU A OE2 1 
ATOM   121  N N   . VAL A 1 15  ? -10.435 -13.758 1.994   1.00 52.49 ? 15  VAL A N   1 
ATOM   122  C CA  . VAL A 1 15  ? -9.784  -14.937 2.558   1.00 51.10 ? 15  VAL A CA  1 
ATOM   123  C C   . VAL A 1 15  ? -10.711 -16.152 2.514   1.00 51.55 ? 15  VAL A C   1 
ATOM   124  O O   . VAL A 1 15  ? -11.748 -16.176 3.173   1.00 46.19 ? 15  VAL A O   1 
ATOM   125  C CB  . VAL A 1 15  ? -9.387  -14.679 4.029   1.00 50.68 ? 15  VAL A CB  1 
ATOM   126  C CG1 . VAL A 1 15  ? -8.551  -15.836 4.561   1.00 47.45 ? 15  VAL A CG1 1 
ATOM   127  C CG2 . VAL A 1 15  ? -8.637  -13.364 4.138   1.00 48.76 ? 15  VAL A CG2 1 
ATOM   128  N N   . ASP A 1 16  ? -10.327 -17.165 1.747   1.00 54.61 ? 16  ASP A N   1 
ATOM   129  C CA  . ASP A 1 16  ? -11.140 -18.373 1.620   1.00 60.56 ? 16  ASP A CA  1 
ATOM   130  C C   . ASP A 1 16  ? -12.494 -18.030 1.015   1.00 61.24 ? 16  ASP A C   1 
ATOM   131  O O   . ASP A 1 16  ? -13.466 -18.758 1.207   1.00 59.61 ? 16  ASP A O   1 
ATOM   132  C CB  . ASP A 1 16  ? -11.372 -19.029 2.984   1.00 60.49 ? 16  ASP A CB  1 
ATOM   133  C CG  . ASP A 1 16  ? -10.086 -19.331 3.712   1.00 63.28 ? 16  ASP A CG  1 
ATOM   134  O OD1 . ASP A 1 16  ? -9.150  -19.849 3.058   1.00 60.47 ? 16  ASP A OD1 1 
ATOM   135  O OD2 . ASP A 1 16  ? -10.021 -19.062 4.937   1.00 61.58 ? 16  ASP A OD2 1 
ATOM   136  N N   . GLY A 1 17  ? -12.553 -16.911 0.300   1.00 60.10 ? 17  GLY A N   1 
ATOM   137  C CA  . GLY A 1 17  ? -13.803 -16.502 -0.312  1.00 56.92 ? 17  GLY A CA  1 
ATOM   138  C C   . GLY A 1 17  ? -14.565 -15.482 0.513   1.00 55.95 ? 17  GLY A C   1 
ATOM   139  O O   . GLY A 1 17  ? -15.573 -14.942 0.051   1.00 56.18 ? 17  GLY A O   1 
ATOM   140  N N   . LYS A 1 18  ? -14.106 -15.227 1.735   1.00 52.73 ? 18  LYS A N   1 
ATOM   141  C CA  . LYS A 1 18  ? -14.762 -14.248 2.596   1.00 53.55 ? 18  LYS A CA  1 
ATOM   142  C C   . LYS A 1 18  ? -14.035 -12.899 2.477   1.00 55.59 ? 18  LYS A C   1 
ATOM   143  O O   . LYS A 1 18  ? -12.895 -12.751 2.930   1.00 57.35 ? 18  LYS A O   1 
ATOM   144  C CB  . LYS A 1 18  ? -14.770 -14.726 4.062   1.00 51.38 ? 18  LYS A CB  1 
ATOM   145  C CG  . LYS A 1 18  ? -13.389 -14.838 4.728   1.00 57.71 ? 18  LYS A CG  1 
ATOM   146  C CD  . LYS A 1 18  ? -13.469 -15.381 6.163   1.00 59.19 ? 18  LYS A CD  1 
ATOM   147  C CE  . LYS A 1 18  ? -12.083 -15.661 6.762   1.00 56.85 ? 18  LYS A CE  1 
ATOM   148  N NZ  . LYS A 1 18  ? -11.254 -14.436 6.970   1.00 50.39 ? 18  LYS A NZ  1 
ATOM   149  N N   . VAL A 1 19  ? -14.686 -11.923 1.847   1.00 52.28 ? 19  VAL A N   1 
ATOM   150  C CA  . VAL A 1 19  ? -14.092 -10.600 1.681   1.00 48.13 ? 19  VAL A CA  1 
ATOM   151  C C   . VAL A 1 19  ? -13.817 -9.998  3.055   1.00 46.21 ? 19  VAL A C   1 
ATOM   152  O O   . VAL A 1 19  ? -14.685 -10.011 3.923   1.00 41.77 ? 19  VAL A O   1 
ATOM   153  C CB  . VAL A 1 19  ? -15.022 -9.658  0.868   1.00 45.84 ? 19  VAL A CB  1 
ATOM   154  C CG1 . VAL A 1 19  ? -16.427 -9.693  1.431   1.00 49.95 ? 19  VAL A CG1 1 
ATOM   155  C CG2 . VAL A 1 19  ? -14.476 -8.236  0.892   1.00 45.69 ? 19  VAL A CG2 1 
ATOM   156  N N   . VAL A 1 20  ? -12.609 -9.476  3.258   1.00 46.30 ? 20  VAL A N   1 
ATOM   157  C CA  . VAL A 1 20  ? -12.249 -8.900  4.552   1.00 43.21 ? 20  VAL A CA  1 
ATOM   158  C C   . VAL A 1 20  ? -11.895 -7.414  4.509   1.00 40.90 ? 20  VAL A C   1 
ATOM   159  O O   . VAL A 1 20  ? -11.430 -6.847  5.502   1.00 39.61 ? 20  VAL A O   1 
ATOM   160  C CB  . VAL A 1 20  ? -11.074 -9.671  5.175   1.00 42.80 ? 20  VAL A CB  1 
ATOM   161  C CG1 . VAL A 1 20  ? -11.443 -11.139 5.304   1.00 40.12 ? 20  VAL A CG1 1 
ATOM   162  C CG2 . VAL A 1 20  ? -9.821  -9.504  4.320   1.00 39.17 ? 20  VAL A CG2 1 
ATOM   163  N N   . GLY A 1 21  ? -12.117 -6.790  3.357   1.00 38.66 ? 21  GLY A N   1 
ATOM   164  C CA  . GLY A 1 21  ? -11.820 -5.377  3.200   1.00 37.78 ? 21  GLY A CA  1 
ATOM   165  C C   . GLY A 1 21  ? -12.152 -4.953  1.786   1.00 40.36 ? 21  GLY A C   1 
ATOM   166  O O   . GLY A 1 21  ? -11.736 -5.599  0.825   1.00 39.89 ? 21  GLY A O   1 
ATOM   167  N N   . SER A 1 22  ? -12.908 -3.874  1.641   1.00 42.66 ? 22  SER A N   1 
ATOM   168  C CA  . SER A 1 22  ? -13.277 -3.425  0.310   1.00 39.95 ? 22  SER A CA  1 
ATOM   169  C C   . SER A 1 22  ? -13.346 -1.912  0.177   1.00 37.66 ? 22  SER A C   1 
ATOM   170  O O   . SER A 1 22  ? -13.639 -1.198  1.137   1.00 40.14 ? 22  SER A O   1 
ATOM   171  C CB  . SER A 1 22  ? -14.625 -4.026  -0.083  1.00 36.12 ? 22  SER A CB  1 
ATOM   172  O OG  . SER A 1 22  ? -14.980 -3.622  -1.393  1.00 46.29 ? 22  SER A OG  1 
ATOM   173  N N   . ILE A 1 23  ? -13.061 -1.427  -1.026  1.00 33.78 ? 23  ILE A N   1 
ATOM   174  C CA  . ILE A 1 23  ? -13.122 0.000   -1.293  1.00 30.07 ? 23  ILE A CA  1 
ATOM   175  C C   . ILE A 1 23  ? -13.595 0.189   -2.716  1.00 29.40 ? 23  ILE A C   1 
ATOM   176  O O   . ILE A 1 23  ? -13.517 -0.723  -3.538  1.00 28.13 ? 23  ILE A O   1 
ATOM   177  C CB  . ILE A 1 23  ? -11.737 0.721   -1.131  1.00 32.06 ? 23  ILE A CB  1 
ATOM   178  C CG1 . ILE A 1 23  ? -10.737 0.216   -2.176  1.00 26.68 ? 23  ILE A CG1 1 
ATOM   179  C CG2 . ILE A 1 23  ? -11.190 0.527   0.285   1.00 14.44 ? 23  ILE A CG2 1 
ATOM   180  C CD1 . ILE A 1 23  ? -9.499  1.108   -2.321  1.00 23.09 ? 23  ILE A CD1 1 
ATOM   181  N N   . ASN A 1 24  ? -14.108 1.377   -2.992  1.00 35.96 ? 24  ASN A N   1 
ATOM   182  C CA  . ASN A 1 24  ? -14.579 1.712   -4.327  1.00 41.97 ? 24  ASN A CA  1 
ATOM   183  C C   . ASN A 1 24  ? -13.462 2.577   -4.927  1.00 39.12 ? 24  ASN A C   1 
ATOM   184  O O   . ASN A 1 24  ? -12.294 2.201   -4.834  1.00 41.67 ? 24  ASN A O   1 
ATOM   185  C CB  . ASN A 1 24  ? -15.914 2.463   -4.222  1.00 44.97 ? 24  ASN A CB  1 
ATOM   186  C CG  . ASN A 1 24  ? -16.968 1.665   -3.452  1.00 48.77 ? 24  ASN A CG  1 
ATOM   187  O OD1 . ASN A 1 24  ? -17.362 0.574   -3.876  1.00 48.13 ? 24  ASN A OD1 1 
ATOM   188  N ND2 . ASN A 1 24  ? -17.420 2.203   -2.312  1.00 42.17 ? 24  ASN A ND2 1 
ATOM   189  N N   . GLU A 1 25  ? -13.786 3.721   -5.524  1.00 37.93 ? 25  GLU A N   1 
ATOM   190  C CA  . GLU A 1 25  ? -12.744 4.570   -6.103  1.00 35.38 ? 25  GLU A CA  1 
ATOM   191  C C   . GLU A 1 25  ? -11.705 4.974   -5.052  1.00 37.38 ? 25  GLU A C   1 
ATOM   192  O O   . GLU A 1 25  ? -12.057 5.491   -3.991  1.00 38.35 ? 25  GLU A O   1 
ATOM   193  C CB  . GLU A 1 25  ? -13.359 5.824   -6.722  1.00 34.56 ? 25  GLU A CB  1 
ATOM   194  C CG  . GLU A 1 25  ? -12.328 6.808   -7.252  1.00 50.66 ? 25  GLU A CG  1 
ATOM   195  C CD  . GLU A 1 25  ? -12.946 8.018   -7.940  1.00 54.06 ? 25  GLU A CD  1 
ATOM   196  O OE1 . GLU A 1 25  ? -13.598 8.832   -7.247  1.00 58.20 ? 25  GLU A OE1 1 
ATOM   197  O OE2 . GLU A 1 25  ? -12.776 8.149   -9.174  1.00 55.84 ? 25  GLU A OE2 1 
ATOM   198  N N   . GLY A 1 26  ? -10.426 4.732   -5.341  1.00 35.17 ? 26  GLY A N   1 
ATOM   199  C CA  . GLY A 1 26  ? -9.390  5.090   -4.387  1.00 30.78 ? 26  GLY A CA  1 
ATOM   200  C C   . GLY A 1 26  ? -8.026  4.485   -4.663  1.00 27.04 ? 26  GLY A C   1 
ATOM   201  O O   . GLY A 1 26  ? -7.619  4.356   -5.810  1.00 24.05 ? 26  GLY A O   1 
ATOM   202  N N   . LEU A 1 27  ? -7.324  4.103   -3.601  1.00 29.27 ? 27  LEU A N   1 
ATOM   203  C CA  . LEU A 1 27  ? -5.991  3.519   -3.736  1.00 30.97 ? 27  LEU A CA  1 
ATOM   204  C C   . LEU A 1 27  ? -5.779  2.154   -3.083  1.00 31.23 ? 27  LEU A C   1 
ATOM   205  O O   . LEU A 1 27  ? -6.209  1.907   -1.950  1.00 28.81 ? 27  LEU A O   1 
ATOM   206  C CB  . LEU A 1 27  ? -4.939  4.467   -3.148  1.00 30.81 ? 27  LEU A CB  1 
ATOM   207  C CG  . LEU A 1 27  ? -4.716  5.813   -3.832  1.00 35.04 ? 27  LEU A CG  1 
ATOM   208  C CD1 . LEU A 1 27  ? -3.795  6.650   -2.970  1.00 31.52 ? 27  LEU A CD1 1 
ATOM   209  C CD2 . LEU A 1 27  ? -4.137  5.597   -5.228  1.00 27.21 ? 27  LEU A CD2 1 
ATOM   210  N N   . ASN A 1 28  ? -5.111  1.266   -3.811  1.00 29.05 ? 28  ASN A N   1 
ATOM   211  C CA  . ASN A 1 28  ? -4.760  -0.024  -3.249  1.00 24.17 ? 28  ASN A CA  1 
ATOM   212  C C   . ASN A 1 28  ? -3.300  0.173   -2.884  1.00 19.06 ? 28  ASN A C   1 
ATOM   213  O O   . ASN A 1 28  ? -2.501  0.594   -3.721  1.00 14.47 ? 28  ASN A O   1 
ATOM   214  C CB  . ASN A 1 28  ? -4.889  -1.149  -4.274  1.00 26.07 ? 28  ASN A CB  1 
ATOM   215  C CG  . ASN A 1 28  ? -4.427  -2.483  -3.716  1.00 24.28 ? 28  ASN A CG  1 
ATOM   216  O OD1 . ASN A 1 28  ? -3.231  -2.784  -3.709  1.00 26.16 ? 28  ASN A OD1 1 
ATOM   217  N ND2 . ASN A 1 28  ? -5.371  -3.281  -3.216  1.00 19.16 ? 28  ASN A ND2 1 
ATOM   218  N N   . VAL A 1 29  ? -2.949  -0.105  -1.638  1.00 17.43 ? 29  VAL A N   1 
ATOM   219  C CA  . VAL A 1 29  ? -1.570  0.074   -1.209  1.00 21.18 ? 29  VAL A CA  1 
ATOM   220  C C   . VAL A 1 29  ? -0.887  -1.213  -0.750  1.00 22.43 ? 29  VAL A C   1 
ATOM   221  O O   . VAL A 1 29  ? -1.316  -1.853  0.215   1.00 20.92 ? 29  VAL A O   1 
ATOM   222  C CB  . VAL A 1 29  ? -1.476  1.113   -0.059  1.00 21.47 ? 29  VAL A CB  1 
ATOM   223  C CG1 . VAL A 1 29  ? -0.033  1.206   0.452   1.00 21.47 ? 29  VAL A CG1 1 
ATOM   224  C CG2 . VAL A 1 29  ? -1.947  2.466   -0.544  1.00 9.98  ? 29  VAL A CG2 1 
ATOM   225  N N   . PHE A 1 30  ? 0.182   -1.580  -1.450  1.00 24.65 ? 30  PHE A N   1 
ATOM   226  C CA  . PHE A 1 30  ? 0.966   -2.762  -1.116  1.00 26.69 ? 30  PHE A CA  1 
ATOM   227  C C   . PHE A 1 30  ? 2.059   -2.334  -0.175  1.00 30.25 ? 30  PHE A C   1 
ATOM   228  O O   . PHE A 1 30  ? 2.912   -1.527  -0.550  1.00 36.81 ? 30  PHE A O   1 
ATOM   229  C CB  . PHE A 1 30  ? 1.625   -3.334  -2.348  1.00 33.41 ? 30  PHE A CB  1 
ATOM   230  C CG  . PHE A 1 30  ? 0.788   -4.313  -3.069  1.00 41.26 ? 30  PHE A CG  1 
ATOM   231  C CD1 . PHE A 1 30  ? 0.177   -5.354  -2.376  1.00 41.53 ? 30  PHE A CD1 1 
ATOM   232  C CD2 . PHE A 1 30  ? 0.636   -4.225  -4.450  1.00 48.40 ? 30  PHE A CD2 1 
ATOM   233  C CE1 . PHE A 1 30  ? -0.575  -6.299  -3.049  1.00 57.43 ? 30  PHE A CE1 1 
ATOM   234  C CE2 . PHE A 1 30  ? -0.111  -5.162  -5.141  1.00 57.26 ? 30  PHE A CE2 1 
ATOM   235  C CZ  . PHE A 1 30  ? -0.722  -6.207  -4.442  1.00 64.03 ? 30  PHE A CZ  1 
ATOM   236  N N   . LEU A 1 31  ? 2.076   -2.891  1.028   1.00 30.85 ? 31  LEU A N   1 
ATOM   237  C CA  . LEU A 1 31  ? 3.082   -2.479  1.986   1.00 30.93 ? 31  LEU A CA  1 
ATOM   238  C C   . LEU A 1 31  ? 4.137   -3.521  2.330   1.00 31.28 ? 31  LEU A C   1 
ATOM   239  O O   . LEU A 1 31  ? 3.827   -4.672  2.643   1.00 30.99 ? 31  LEU A O   1 
ATOM   240  C CB  . LEU A 1 31  ? 2.385   -2.010  3.261   1.00 34.51 ? 31  LEU A CB  1 
ATOM   241  C CG  . LEU A 1 31  ? 3.199   -1.175  4.240   1.00 31.70 ? 31  LEU A CG  1 
ATOM   242  C CD1 . LEU A 1 31  ? 3.446   0.202   3.651   1.00 37.44 ? 31  LEU A CD1 1 
ATOM   243  C CD2 . LEU A 1 31  ? 2.431   -1.059  5.542   1.00 34.93 ? 31  LEU A CD2 1 
ATOM   244  N N   . GLY A 1 32  ? 5.391   -3.092  2.271   1.00 29.45 ? 32  GLY A N   1 
ATOM   245  C CA  . GLY A 1 32  ? 6.496   -3.965  2.610   1.00 27.81 ? 32  GLY A CA  1 
ATOM   246  C C   . GLY A 1 32  ? 7.377   -3.289  3.652   1.00 32.46 ? 32  GLY A C   1 
ATOM   247  O O   . GLY A 1 32  ? 7.889   -2.186  3.421   1.00 29.16 ? 32  GLY A O   1 
ATOM   248  N N   . VAL A 1 33  ? 7.547   -3.940  4.802   1.00 32.11 ? 33  VAL A N   1 
ATOM   249  C CA  . VAL A 1 33  ? 8.380   -3.387  5.864   1.00 34.19 ? 33  VAL A CA  1 
ATOM   250  C C   . VAL A 1 33  ? 9.819   -3.880  5.740   1.00 36.71 ? 33  VAL A C   1 
ATOM   251  O O   . VAL A 1 33  ? 10.070  -5.066  5.499   1.00 33.00 ? 33  VAL A O   1 
ATOM   252  C CB  . VAL A 1 33  ? 7.843   -3.761  7.245   1.00 33.99 ? 33  VAL A CB  1 
ATOM   253  C CG1 . VAL A 1 33  ? 8.698   -3.112  8.322   1.00 36.71 ? 33  VAL A CG1 1 
ATOM   254  C CG2 . VAL A 1 33  ? 6.401   -3.317  7.369   1.00 36.06 ? 33  VAL A CG2 1 
ATOM   255  N N   . ARG A 1 34  ? 10.763  -2.964  5.928   1.00 36.76 ? 34  ARG A N   1 
ATOM   256  C CA  . ARG A 1 34  ? 12.181  -3.281  5.805   1.00 38.84 ? 34  ARG A CA  1 
ATOM   257  C C   . ARG A 1 34  ? 12.931  -3.385  7.130   1.00 42.29 ? 34  ARG A C   1 
ATOM   258  O O   . ARG A 1 34  ? 12.615  -2.671  8.082   1.00 47.23 ? 34  ARG A O   1 
ATOM   259  C CB  . ARG A 1 34  ? 12.852  -2.204  4.946   1.00 29.85 ? 34  ARG A CB  1 
ATOM   260  C CG  . ARG A 1 34  ? 14.310  -2.464  4.640   1.00 31.85 ? 34  ARG A CG  1 
ATOM   261  C CD  . ARG A 1 34  ? 14.939  -1.312  3.880   1.00 30.00 ? 34  ARG A CD  1 
ATOM   262  N NE  . ARG A 1 34  ? 16.159  -1.729  3.200   1.00 40.38 ? 34  ARG A NE  1 
ATOM   263  C CZ  . ARG A 1 34  ? 17.205  -2.286  3.810   1.00 48.02 ? 34  ARG A CZ  1 
ATOM   264  N NH1 . ARG A 1 34  ? 18.279  -2.638  3.108   1.00 39.43 ? 34  ARG A NH1 1 
ATOM   265  N NH2 . ARG A 1 34  ? 17.183  -2.488  5.124   1.00 42.80 ? 34  ARG A NH2 1 
ATOM   266  N N   . LYS A 1 35  ? 13.910  -4.284  7.206   1.00 44.50 ? 35  LYS A N   1 
ATOM   267  C CA  . LYS A 1 35  ? 14.719  -4.358  8.413   1.00 44.30 ? 35  LYS A CA  1 
ATOM   268  C C   . LYS A 1 35  ? 15.227  -2.919  8.414   1.00 45.02 ? 35  LYS A C   1 
ATOM   269  O O   . LYS A 1 35  ? 15.569  -2.381  7.357   1.00 45.24 ? 35  LYS A O   1 
ATOM   270  C CB  . LYS A 1 35  ? 15.920  -5.303  8.243   1.00 46.60 ? 35  LYS A CB  1 
ATOM   271  C CG  . LYS A 1 35  ? 15.603  -6.786  8.127   1.00 47.31 ? 35  LYS A CG  1 
ATOM   272  C CD  . LYS A 1 35  ? 16.890  -7.585  7.932   1.00 52.53 ? 35  LYS A CD  1 
ATOM   273  C CE  . LYS A 1 35  ? 16.667  -9.093  8.014   1.00 48.49 ? 35  LYS A CE  1 
ATOM   274  N NZ  . LYS A 1 35  ? 17.926  -9.845  7.701   1.00 50.79 ? 35  LYS A NZ  1 
ATOM   275  N N   . GLY A 1 36  ? 15.260  -2.285  9.575   1.00 47.34 ? 36  GLY A N   1 
ATOM   276  C CA  . GLY A 1 36  ? 15.717  -0.912  9.621   1.00 47.51 ? 36  GLY A CA  1 
ATOM   277  C C   . GLY A 1 36  ? 14.540  0.003   9.860   1.00 50.18 ? 36  GLY A C   1 
ATOM   278  O O   . GLY A 1 36  ? 14.590  0.863   10.734  1.00 50.61 ? 36  GLY A O   1 
ATOM   279  N N   . ASP A 1 37  ? 13.474  -0.191  9.089   1.00 52.54 ? 37  ASP A N   1 
ATOM   280  C CA  . ASP A 1 37  ? 12.258  0.614   9.194   1.00 54.45 ? 37  ASP A CA  1 
ATOM   281  C C   . ASP A 1 37  ? 11.962  1.186   10.574  1.00 55.54 ? 37  ASP A C   1 
ATOM   282  O O   . ASP A 1 37  ? 12.131  0.507   11.589  1.00 59.71 ? 37  ASP A O   1 
ATOM   283  C CB  . ASP A 1 37  ? 11.057  -0.208  8.737   1.00 50.96 ? 37  ASP A CB  1 
ATOM   284  C CG  . ASP A 1 37  ? 10.775  -0.043  7.271   1.00 46.32 ? 37  ASP A CG  1 
ATOM   285  O OD1 . ASP A 1 37  ? 11.745  0.070   6.492   1.00 46.61 ? 37  ASP A OD1 1 
ATOM   286  O OD2 . ASP A 1 37  ? 9.583   -0.033  6.901   1.00 44.31 ? 37  ASP A OD2 1 
ATOM   287  N N   . THR A 1 38  ? 11.500  2.432   10.598  1.00 55.43 ? 38  THR A N   1 
ATOM   288  C CA  . THR A 1 38  ? 11.168  3.112   11.847  1.00 53.06 ? 38  THR A CA  1 
ATOM   289  C C   . THR A 1 38  ? 9.858   3.863   11.700  1.00 51.95 ? 38  THR A C   1 
ATOM   290  O O   . THR A 1 38  ? 9.198   3.797   10.663  1.00 52.07 ? 38  THR A O   1 
ATOM   291  C CB  . THR A 1 38  ? 12.225  4.155   12.227  1.00 51.08 ? 38  THR A CB  1 
ATOM   292  O OG1 . THR A 1 38  ? 12.080  5.306   11.380  1.00 43.09 ? 38  THR A OG1 1 
ATOM   293  C CG2 . THR A 1 38  ? 13.622  3.574   12.069  1.00 49.95 ? 38  THR A CG2 1 
ATOM   294  N N   . GLU A 1 39  ? 9.494   4.588   12.750  1.00 51.96 ? 39  GLU A N   1 
ATOM   295  C CA  . GLU A 1 39  ? 8.272   5.376   12.748  1.00 51.27 ? 39  GLU A CA  1 
ATOM   296  C C   . GLU A 1 39  ? 8.378   6.463   11.681  1.00 51.88 ? 39  GLU A C   1 
ATOM   297  O O   . GLU A 1 39  ? 7.406   6.766   10.985  1.00 49.55 ? 39  GLU A O   1 
ATOM   298  C CB  . GLU A 1 39  ? 8.060   6.036   14.114  1.00 55.63 ? 39  GLU A CB  1 
ATOM   299  C CG  . GLU A 1 39  ? 7.694   5.090   15.236  1.00 60.54 ? 39  GLU A CG  1 
ATOM   300  C CD  . GLU A 1 39  ? 6.211   5.013   15.481  1.00 66.42 ? 39  GLU A CD  1 
ATOM   301  O OE1 . GLU A 1 39  ? 5.453   4.818   14.504  1.00 70.95 ? 39  GLU A OE1 1 
ATOM   302  O OE2 . GLU A 1 39  ? 5.801   5.145   16.655  1.00 67.20 ? 39  GLU A OE2 1 
ATOM   303  N N   . GLU A 1 40  ? 9.563   7.053   11.550  1.00 48.45 ? 40  GLU A N   1 
ATOM   304  C CA  . GLU A 1 40  ? 9.748   8.110   10.569  1.00 49.59 ? 40  GLU A CA  1 
ATOM   305  C C   . GLU A 1 40  ? 9.523   7.622   9.142   1.00 51.00 ? 40  GLU A C   1 
ATOM   306  O O   . GLU A 1 40  ? 9.080   8.390   8.289   1.00 52.89 ? 40  GLU A O   1 
ATOM   307  C CB  . GLU A 1 40  ? 11.141  8.726   10.675  1.00 50.10 ? 40  GLU A CB  1 
ATOM   308  C CG  . GLU A 1 40  ? 11.285  9.969   9.808   1.00 52.56 ? 40  GLU A CG  1 
ATOM   309  C CD  . GLU A 1 40  ? 12.699  10.500  9.746   1.00 52.23 ? 40  GLU A CD  1 
ATOM   310  O OE1 . GLU A 1 40  ? 12.925  11.501  9.031   1.00 42.57 ? 40  GLU A OE1 1 
ATOM   311  O OE2 . GLU A 1 40  ? 13.584  9.914   10.409  1.00 56.91 ? 40  GLU A OE2 1 
ATOM   312  N N   . ASP A 1 41  ? 9.843   6.356   8.875   1.00 50.19 ? 41  ASP A N   1 
ATOM   313  C CA  . ASP A 1 41  ? 9.633   5.807   7.541   1.00 44.34 ? 41  ASP A CA  1 
ATOM   314  C C   . ASP A 1 41  ? 8.137   5.808   7.269   1.00 44.24 ? 41  ASP A C   1 
ATOM   315  O O   . ASP A 1 41  ? 7.699   6.074   6.153   1.00 44.77 ? 41  ASP A O   1 
ATOM   316  C CB  . ASP A 1 41  ? 10.156  4.377   7.437   1.00 43.01 ? 41  ASP A CB  1 
ATOM   317  C CG  . ASP A 1 41  ? 11.634  4.282   7.688   1.00 40.68 ? 41  ASP A CG  1 
ATOM   318  O OD1 . ASP A 1 41  ? 12.022  4.304   8.877   1.00 45.96 ? 41  ASP A OD1 1 
ATOM   319  O OD2 . ASP A 1 41  ? 12.402  4.196   6.702   1.00 31.51 ? 41  ASP A OD2 1 
ATOM   320  N N   . ILE A 1 42  ? 7.353   5.502   8.296   1.00 37.09 ? 42  ILE A N   1 
ATOM   321  C CA  . ILE A 1 42  ? 5.907   5.500   8.152   1.00 38.85 ? 42  ILE A CA  1 
ATOM   322  C C   . ILE A 1 42  ? 5.464   6.916   7.770   1.00 40.38 ? 42  ILE A C   1 
ATOM   323  O O   . ILE A 1 42  ? 4.688   7.099   6.839   1.00 39.60 ? 42  ILE A O   1 
ATOM   324  C CB  . ILE A 1 42  ? 5.230   5.059   9.469   1.00 36.21 ? 42  ILE A CB  1 
ATOM   325  C CG1 . ILE A 1 42  ? 5.631   3.618   9.785   1.00 38.05 ? 42  ILE A CG1 1 
ATOM   326  C CG2 . ILE A 1 42  ? 3.730   5.167   9.356   1.00 24.26 ? 42  ILE A CG2 1 
ATOM   327  C CD1 . ILE A 1 42  ? 5.344   3.181   11.203  1.00 44.54 ? 42  ILE A CD1 1 
ATOM   328  N N   . GLU A 1 43  ? 5.978   7.912   8.485   1.00 44.79 ? 43  GLU A N   1 
ATOM   329  C CA  . GLU A 1 43  ? 5.651   9.313   8.220   1.00 45.76 ? 43  GLU A CA  1 
ATOM   330  C C   . GLU A 1 43  ? 6.020   9.706   6.802   1.00 39.53 ? 43  GLU A C   1 
ATOM   331  O O   . GLU A 1 43  ? 5.167   10.055  5.984   1.00 40.92 ? 43  GLU A O   1 
ATOM   332  C CB  . GLU A 1 43  ? 6.414   10.228  9.186   1.00 53.61 ? 43  GLU A CB  1 
ATOM   333  C CG  . GLU A 1 43  ? 5.632   10.676  10.412  1.00 64.02 ? 43  GLU A CG  1 
ATOM   334  C CD  . GLU A 1 43  ? 4.997   12.051  10.248  1.00 70.29 ? 43  GLU A CD  1 
ATOM   335  O OE1 . GLU A 1 43  ? 4.370   12.521  11.222  1.00 76.21 ? 43  GLU A OE1 1 
ATOM   336  O OE2 . GLU A 1 43  ? 5.121   12.664  9.161   1.00 71.43 ? 43  GLU A OE2 1 
ATOM   337  N N   . LYS A 1 44  ? 7.311   9.659   6.520   1.00 33.81 ? 44  LYS A N   1 
ATOM   338  C CA  . LYS A 1 44  ? 7.793   10.033  5.213   1.00 37.51 ? 44  LYS A CA  1 
ATOM   339  C C   . LYS A 1 44  ? 7.017   9.348   4.088   1.00 39.71 ? 44  LYS A C   1 
ATOM   340  O O   . LYS A 1 44  ? 6.989   9.835   2.957   1.00 44.48 ? 44  LYS A O   1 
ATOM   341  C CB  . LYS A 1 44  ? 9.282   9.714   5.115   1.00 37.12 ? 44  LYS A CB  1 
ATOM   342  C CG  . LYS A 1 44  ? 10.152  10.585  6.004   1.00 36.36 ? 44  LYS A CG  1 
ATOM   343  C CD  . LYS A 1 44  ? 11.597  10.093  6.028   1.00 42.78 ? 44  LYS A CD  1 
ATOM   344  C CE  . LYS A 1 44  ? 12.166  9.991   4.638   1.00 37.78 ? 44  LYS A CE  1 
ATOM   345  N NZ  . LYS A 1 44  ? 13.495  9.322   4.611   1.00 48.98 ? 44  LYS A NZ  1 
ATOM   346  N N   . LEU A 1 45  ? 6.368   8.232   4.400   1.00 40.39 ? 45  LEU A N   1 
ATOM   347  C CA  . LEU A 1 45  ? 5.614   7.495   3.388   1.00 37.02 ? 45  LEU A CA  1 
ATOM   348  C C   . LEU A 1 45  ? 4.127   7.841   3.390   1.00 34.78 ? 45  LEU A C   1 
ATOM   349  O O   . LEU A 1 45  ? 3.593   8.297   2.383   1.00 33.55 ? 45  LEU A O   1 
ATOM   350  C CB  . LEU A 1 45  ? 5.799   5.995   3.605   1.00 33.88 ? 45  LEU A CB  1 
ATOM   351  C CG  . LEU A 1 45  ? 5.409   5.032   2.490   1.00 28.61 ? 45  LEU A CG  1 
ATOM   352  C CD1 . LEU A 1 45  ? 6.170   5.366   1.221   1.00 31.28 ? 45  LEU A CD1 1 
ATOM   353  C CD2 . LEU A 1 45  ? 5.732   3.612   2.937   1.00 35.04 ? 45  LEU A CD2 1 
ATOM   354  N N   . VAL A 1 46  ? 3.465   7.630   4.523   1.00 32.02 ? 46  VAL A N   1 
ATOM   355  C CA  . VAL A 1 46  ? 2.043   7.921   4.645   1.00 34.70 ? 46  VAL A CA  1 
ATOM   356  C C   . VAL A 1 46  ? 1.707   9.284   4.052   1.00 42.80 ? 46  VAL A C   1 
ATOM   357  O O   . VAL A 1 46  ? 0.585   9.518   3.585   1.00 45.37 ? 46  VAL A O   1 
ATOM   358  C CB  . VAL A 1 46  ? 1.592   7.917   6.116   1.00 28.52 ? 46  VAL A CB  1 
ATOM   359  C CG1 . VAL A 1 46  ? 0.128   8.324   6.211   1.00 25.93 ? 46  VAL A CG1 1 
ATOM   360  C CG2 . VAL A 1 46  ? 1.786   6.531   6.710   1.00 27.54 ? 46  VAL A CG2 1 
ATOM   361  N N   . ASN A 1 47  ? 2.698   10.171  4.064   1.00 44.91 ? 47  ASN A N   1 
ATOM   362  C CA  . ASN A 1 47  ? 2.536   11.524  3.549   1.00 39.79 ? 47  ASN A CA  1 
ATOM   363  C C   . ASN A 1 47  ? 2.478   11.584  2.030   1.00 36.11 ? 47  ASN A C   1 
ATOM   364  O O   . ASN A 1 47  ? 1.487   12.037  1.454   1.00 35.50 ? 47  ASN A O   1 
ATOM   365  C CB  . ASN A 1 47  ? 3.685   12.392  4.045   1.00 50.18 ? 47  ASN A CB  1 
ATOM   366  C CG  . ASN A 1 47  ? 3.272   13.832  4.254   1.00 58.62 ? 47  ASN A CG  1 
ATOM   367  O OD1 . ASN A 1 47  ? 2.415   14.123  5.096   1.00 63.88 ? 47  ASN A OD1 1 
ATOM   368  N ND2 . ASN A 1 47  ? 3.876   14.746  3.493   1.00 50.00 ? 47  ASN A ND2 1 
ATOM   369  N N   . LYS A 1 48  ? 3.538   11.130  1.368   1.00 34.70 ? 48  LYS A N   1 
ATOM   370  C CA  . LYS A 1 48  ? 3.575   11.155  -0.090  1.00 36.55 ? 48  LYS A CA  1 
ATOM   371  C C   . LYS A 1 48  ? 2.381   10.445  -0.736  1.00 39.20 ? 48  LYS A C   1 
ATOM   372  O O   . LYS A 1 48  ? 1.895   10.868  -1.790  1.00 45.02 ? 48  LYS A O   1 
ATOM   373  C CB  . LYS A 1 48  ? 4.887   10.569  -0.618  1.00 34.15 ? 48  LYS A CB  1 
ATOM   374  C CG  . LYS A 1 48  ? 5.966   11.573  -1.069  1.00 41.55 ? 48  LYS A CG  1 
ATOM   375  C CD  . LYS A 1 48  ? 5.533   13.055  -1.053  1.00 57.37 ? 48  LYS A CD  1 
ATOM   376  C CE  . LYS A 1 48  ? 6.719   14.044  -1.127  1.00 55.61 ? 48  LYS A CE  1 
ATOM   377  N NZ  . LYS A 1 48  ? 7.496   14.000  -2.391  1.00 58.27 ? 48  LYS A NZ  1 
ATOM   378  N N   . ILE A 1 49  ? 1.880   9.397   -0.092  1.00 34.54 ? 49  ILE A N   1 
ATOM   379  C CA  . ILE A 1 49  ? 0.743   8.655   -0.620  1.00 30.47 ? 49  ILE A CA  1 
ATOM   380  C C   . ILE A 1 49  ? -0.527  9.512   -0.565  1.00 28.29 ? 49  ILE A C   1 
ATOM   381  O O   . ILE A 1 49  ? -1.316  9.545   -1.514  1.00 21.22 ? 49  ILE A O   1 
ATOM   382  C CB  . ILE A 1 49  ? 0.512   7.331   0.164   1.00 32.84 ? 49  ILE A CB  1 
ATOM   383  C CG1 . ILE A 1 49  ? 1.641   6.322   -0.099  1.00 26.96 ? 49  ILE A CG1 1 
ATOM   384  C CG2 . ILE A 1 49  ? -0.812  6.702   -0.266  1.00 24.47 ? 49  ILE A CG2 1 
ATOM   385  C CD1 . ILE A 1 49  ? 3.051   6.813   0.255   1.00 50.07 ? 49  ILE A CD1 1 
ATOM   386  N N   . LEU A 1 50  ? -0.727  10.208  0.544   1.00 29.94 ? 50  LEU A N   1 
ATOM   387  C CA  . LEU A 1 50  ? -1.914  11.047  0.695   1.00 29.96 ? 50  LEU A CA  1 
ATOM   388  C C   . LEU A 1 50  ? -1.954  12.292  -0.216  1.00 29.70 ? 50  LEU A C   1 
ATOM   389  O O   . LEU A 1 50  ? -3.033  12.744  -0.601  1.00 28.01 ? 50  LEU A O   1 
ATOM   390  C CB  . LEU A 1 50  ? -2.062  11.457  2.160   1.00 27.08 ? 50  LEU A CB  1 
ATOM   391  C CG  . LEU A 1 50  ? -3.081  10.737  3.063   1.00 29.14 ? 50  LEU A CG  1 
ATOM   392  C CD1 . LEU A 1 50  ? -3.362  9.332   2.594   1.00 31.29 ? 50  LEU A CD1 1 
ATOM   393  C CD2 . LEU A 1 50  ? -2.550  10.742  4.486   1.00 18.01 ? 50  LEU A CD2 1 
ATOM   394  N N   . ASN A 1 51  ? -0.796  12.847  -0.573  1.00 28.12 ? 51  ASN A N   1 
ATOM   395  C CA  . ASN A 1 51  ? -0.781  14.043  -1.418  1.00 31.38 ? 51  ASN A CA  1 
ATOM   396  C C   . ASN A 1 51  ? -0.410  13.788  -2.876  1.00 34.48 ? 51  ASN A C   1 
ATOM   397  O O   . ASN A 1 51  ? -0.215  14.732  -3.640  1.00 43.27 ? 51  ASN A O   1 
ATOM   398  C CB  . ASN A 1 51  ? 0.188   15.096  -0.856  1.00 30.01 ? 51  ASN A CB  1 
ATOM   399  C CG  . ASN A 1 51  ? -0.055  15.409  0.620   1.00 32.72 ? 51  ASN A CG  1 
ATOM   400  O OD1 . ASN A 1 51  ? -1.188  15.647  1.056   1.00 22.71 ? 51  ASN A OD1 1 
ATOM   401  N ND2 . ASN A 1 51  ? 1.024   15.427  1.395   1.00 37.69 ? 51  ASN A ND2 1 
ATOM   402  N N   . LEU A 1 52  ? -0.305  12.528  -3.275  1.00 36.09 ? 52  LEU A N   1 
ATOM   403  C CA  . LEU A 1 52  ? 0.069   12.219  -4.651  1.00 34.55 ? 52  LEU A CA  1 
ATOM   404  C C   . LEU A 1 52  ? -1.027  12.578  -5.644  1.00 34.87 ? 52  LEU A C   1 
ATOM   405  O O   . LEU A 1 52  ? -2.120  12.007  -5.611  1.00 37.28 ? 52  LEU A O   1 
ATOM   406  C CB  . LEU A 1 52  ? 0.404   10.734  -4.787  1.00 34.86 ? 52  LEU A CB  1 
ATOM   407  C CG  . LEU A 1 52  ? 1.788   10.344  -5.321  1.00 38.76 ? 52  LEU A CG  1 
ATOM   408  C CD1 . LEU A 1 52  ? 1.819   8.825   -5.423  1.00 44.61 ? 52  LEU A CD1 1 
ATOM   409  C CD2 . LEU A 1 52  ? 2.088   10.978  -6.685  1.00 36.58 ? 52  LEU A CD2 1 
ATOM   410  N N   . ARG A 1 53  ? -0.733  13.513  -6.538  1.00 32.99 ? 53  ARG A N   1 
ATOM   411  C CA  . ARG A 1 53  ? -1.716  13.916  -7.531  1.00 36.57 ? 53  ARG A CA  1 
ATOM   412  C C   . ARG A 1 53  ? -1.713  12.913  -8.682  1.00 32.53 ? 53  ARG A C   1 
ATOM   413  O O   . ARG A 1 53  ? -1.065  13.146  -9.704  1.00 34.41 ? 53  ARG A O   1 
ATOM   414  C CB  . ARG A 1 53  ? -1.400  15.323  -8.079  1.00 38.11 ? 53  ARG A CB  1 
ATOM   415  C CG  . ARG A 1 53  ? -0.797  16.291  -7.063  1.00 45.85 ? 53  ARG A CG  1 
ATOM   416  C CD  . ARG A 1 53  ? -1.802  17.250  -6.426  1.00 49.17 ? 53  ARG A CD  1 
ATOM   417  N NE  . ARG A 1 53  ? -1.483  18.629  -6.794  1.00 48.33 ? 53  ARG A NE  1 
ATOM   418  C CZ  . ARG A 1 53  ? -1.770  19.705  -6.063  1.00 47.49 ? 53  ARG A CZ  1 
ATOM   419  N NH1 . ARG A 1 53  ? -2.396  19.590  -4.889  1.00 42.60 ? 53  ARG A NH1 1 
ATOM   420  N NH2 . ARG A 1 53  ? -1.417  20.901  -6.514  1.00 36.29 ? 53  ARG A NH2 1 
ATOM   421  N N   . ILE A 1 54  ? -2.410  11.790  -8.523  1.00 30.51 ? 54  ILE A N   1 
ATOM   422  C CA  . ILE A 1 54  ? -2.474  10.803  -9.603  1.00 34.27 ? 54  ILE A CA  1 
ATOM   423  C C   . ILE A 1 54  ? -3.876  10.728  -10.192 1.00 33.47 ? 54  ILE A C   1 
ATOM   424  O O   . ILE A 1 54  ? -4.066  10.229  -11.308 1.00 34.11 ? 54  ILE A O   1 
ATOM   425  C CB  . ILE A 1 54  ? -2.053  9.381   -9.158  1.00 36.50 ? 54  ILE A CB  1 
ATOM   426  C CG1 . ILE A 1 54  ? -2.872  8.941   -7.946  1.00 38.25 ? 54  ILE A CG1 1 
ATOM   427  C CG2 . ILE A 1 54  ? -0.550  9.340   -8.908  1.00 28.95 ? 54  ILE A CG2 1 
ATOM   428  C CD1 . ILE A 1 54  ? -2.748  7.455   -7.642  1.00 50.63 ? 54  ILE A CD1 1 
ATOM   429  N N   . PHE A 1 55  ? -4.858  11.226  -9.445  1.00 30.51 ? 55  PHE A N   1 
ATOM   430  C CA  . PHE A 1 55  ? -6.236  11.232  -9.926  1.00 24.00 ? 55  PHE A CA  1 
ATOM   431  C C   . PHE A 1 55  ? -6.440  12.373  -10.918 1.00 23.74 ? 55  PHE A C   1 
ATOM   432  O O   . PHE A 1 55  ? -5.767  13.410  -10.846 1.00 23.62 ? 55  PHE A O   1 
ATOM   433  C CB  . PHE A 1 55  ? -7.209  11.356  -8.761  1.00 16.80 ? 55  PHE A CB  1 
ATOM   434  C CG  . PHE A 1 55  ? -7.172  10.188  -7.840  1.00 23.60 ? 55  PHE A CG  1 
ATOM   435  C CD1 . PHE A 1 55  ? -6.283  10.154  -6.768  1.00 26.91 ? 55  PHE A CD1 1 
ATOM   436  C CD2 . PHE A 1 55  ? -7.994  9.090   -8.070  1.00 22.02 ? 55  PHE A CD2 1 
ATOM   437  C CE1 . PHE A 1 55  ? -6.215  9.032   -5.932  1.00 30.86 ? 55  PHE A CE1 1 
ATOM   438  C CE2 . PHE A 1 55  ? -7.939  7.962   -7.243  1.00 26.29 ? 55  PHE A CE2 1 
ATOM   439  C CZ  . PHE A 1 55  ? -7.048  7.931   -6.170  1.00 25.98 ? 55  PHE A CZ  1 
ATOM   440  N N   . GLU A 1 56  ? -7.383  12.179  -11.831 1.00 20.76 ? 56  GLU A N   1 
ATOM   441  C CA  . GLU A 1 56  ? -7.649  13.150  -12.884 1.00 26.83 ? 56  GLU A CA  1 
ATOM   442  C C   . GLU A 1 56  ? -9.142  13.388  -13.106 1.00 27.41 ? 56  GLU A C   1 
ATOM   443  O O   . GLU A 1 56  ? -9.975  12.629  -12.616 1.00 28.47 ? 56  GLU A O   1 
ATOM   444  C CB  . GLU A 1 56  ? -7.076  12.596  -14.179 1.00 23.34 ? 56  GLU A CB  1 
ATOM   445  C CG  . GLU A 1 56  ? -7.742  11.265  -14.527 1.00 30.09 ? 56  GLU A CG  1 
ATOM   446  C CD  . GLU A 1 56  ? -7.153  10.562  -15.736 1.00 36.59 ? 56  GLU A CD  1 
ATOM   447  O OE1 . GLU A 1 56  ? -7.242  11.104  -16.867 1.00 31.43 ? 56  GLU A OE1 1 
ATOM   448  O OE2 . GLU A 1 56  ? -6.604  9.451   -15.544 1.00 31.91 ? 56  GLU A OE2 1 
ATOM   449  N N   . ASP A 1 57  ? -9.474  14.459  -13.823 1.00 28.45 ? 57  ASP A N   1 
ATOM   450  C CA  . ASP A 1 57  ? -10.868 14.693  -14.200 1.00 32.15 ? 57  ASP A CA  1 
ATOM   451  C C   . ASP A 1 57  ? -10.782 14.791  -15.721 1.00 33.92 ? 57  ASP A C   1 
ATOM   452  O O   . ASP A 1 57  ? -9.824  14.274  -16.303 1.00 29.64 ? 57  ASP A O   1 
ATOM   453  C CB  . ASP A 1 57  ? -11.496 15.955  -13.565 1.00 29.00 ? 57  ASP A CB  1 
ATOM   454  C CG  . ASP A 1 57  ? -10.719 17.227  -13.834 1.00 38.50 ? 57  ASP A CG  1 
ATOM   455  O OD1 . ASP A 1 57  ? -10.137 17.363  -14.931 1.00 36.38 ? 57  ASP A OD1 1 
ATOM   456  O OD2 . ASP A 1 57  ? -10.715 18.112  -12.942 1.00 34.25 ? 57  ASP A OD2 1 
ATOM   457  N N   . GLU A 1 58  ? -11.744 15.432  -16.376 1.00 34.43 ? 58  GLU A N   1 
ATOM   458  C CA  . GLU A 1 58  ? -11.688 15.507  -17.834 1.00 35.30 ? 58  GLU A CA  1 
ATOM   459  C C   . GLU A 1 58  ? -10.817 16.649  -18.368 1.00 32.94 ? 58  GLU A C   1 
ATOM   460  O O   . GLU A 1 58  ? -10.567 16.741  -19.574 1.00 28.00 ? 58  GLU A O   1 
ATOM   461  C CB  . GLU A 1 58  ? -13.110 15.603  -18.414 1.00 37.57 ? 58  GLU A CB  1 
ATOM   462  C CG  . GLU A 1 58  ? -13.791 16.979  -18.352 1.00 45.40 ? 58  GLU A CG  1 
ATOM   463  C CD  . GLU A 1 58  ? -14.021 17.504  -16.938 1.00 53.00 ? 58  GLU A CD  1 
ATOM   464  O OE1 . GLU A 1 58  ? -14.059 16.701  -15.982 1.00 57.90 ? 58  GLU A OE1 1 
ATOM   465  O OE2 . GLU A 1 58  ? -14.184 18.736  -16.786 1.00 58.38 ? 58  GLU A OE2 1 
ATOM   466  N N   . ARG A 1 59  ? -10.327 17.489  -17.461 1.00 23.56 ? 59  ARG A N   1 
ATOM   467  C CA  . ARG A 1 59  ? -9.516  18.640  -17.838 1.00 29.65 ? 59  ARG A CA  1 
ATOM   468  C C   . ARG A 1 59  ? -8.003  18.476  -17.675 1.00 31.55 ? 59  ARG A C   1 
ATOM   469  O O   . ARG A 1 59  ? -7.221  19.260  -18.223 1.00 32.84 ? 59  ARG A O   1 
ATOM   470  C CB  . ARG A 1 59  ? -10.009 19.860  -17.050 1.00 33.21 ? 59  ARG A CB  1 
ATOM   471  C CG  . ARG A 1 59  ? -11.481 20.158  -17.328 1.00 38.41 ? 59  ARG A CG  1 
ATOM   472  C CD  . ARG A 1 59  ? -12.221 20.835  -16.180 1.00 37.16 ? 59  ARG A CD  1 
ATOM   473  N NE  . ARG A 1 59  ? -12.169 22.297  -16.234 1.00 40.95 ? 59  ARG A NE  1 
ATOM   474  C CZ  . ARG A 1 59  ? -13.112 23.090  -15.735 1.00 31.69 ? 59  ARG A CZ  1 
ATOM   475  N NH1 . ARG A 1 59  ? -14.186 22.568  -15.153 1.00 20.99 ? 59  ARG A NH1 1 
ATOM   476  N NH2 . ARG A 1 59  ? -12.974 24.406  -15.808 1.00 32.25 ? 59  ARG A NH2 1 
ATOM   477  N N   . GLY A 1 60  ? -7.579  17.462  -16.933 1.00 33.20 ? 60  GLY A N   1 
ATOM   478  C CA  . GLY A 1 60  ? -6.156  17.257  -16.744 1.00 24.69 ? 60  GLY A CA  1 
ATOM   479  C C   . GLY A 1 60  ? -5.851  16.041  -15.903 1.00 24.89 ? 60  GLY A C   1 
ATOM   480  O O   . GLY A 1 60  ? -6.574  15.728  -14.955 1.00 31.68 ? 60  GLY A O   1 
ATOM   481  N N   . LYS A 1 61  ? -4.778  15.344  -16.257 1.00 28.06 ? 61  LYS A N   1 
ATOM   482  C CA  . LYS A 1 61  ? -4.350  14.158  -15.526 1.00 27.75 ? 61  LYS A CA  1 
ATOM   483  C C   . LYS A 1 61  ? -3.342  14.563  -14.461 1.00 27.66 ? 61  LYS A C   1 
ATOM   484  O O   . LYS A 1 61  ? -2.709  15.622  -14.559 1.00 28.64 ? 61  LYS A O   1 
ATOM   485  C CB  . LYS A 1 61  ? -3.718  13.144  -16.480 1.00 29.40 ? 61  LYS A CB  1 
ATOM   486  C CG  . LYS A 1 61  ? -4.682  12.647  -17.543 1.00 36.99 ? 61  LYS A CG  1 
ATOM   487  C CD  . LYS A 1 61  ? -4.050  11.623  -18.472 1.00 37.32 ? 61  LYS A CD  1 
ATOM   488  C CE  . LYS A 1 61  ? -5.118  11.016  -19.381 1.00 39.41 ? 61  LYS A CE  1 
ATOM   489  N NZ  . LYS A 1 61  ? -4.583  10.063  -20.386 1.00 39.35 ? 61  LYS A NZ  1 
ATOM   490  N N   . PHE A 1 62  ? -3.204  13.730  -13.434 1.00 27.16 ? 62  PHE A N   1 
ATOM   491  C CA  . PHE A 1 62  ? -2.263  14.002  -12.357 1.00 25.81 ? 62  PHE A CA  1 
ATOM   492  C C   . PHE A 1 62  ? -2.484  15.368  -11.719 1.00 26.55 ? 62  PHE A C   1 
ATOM   493  O O   . PHE A 1 62  ? -1.589  16.215  -11.740 1.00 28.45 ? 62  PHE A O   1 
ATOM   494  C CB  . PHE A 1 62  ? -0.823  13.918  -12.888 1.00 24.55 ? 62  PHE A CB  1 
ATOM   495  C CG  . PHE A 1 62  ? -0.499  12.608  -13.536 1.00 20.68 ? 62  PHE A CG  1 
ATOM   496  C CD1 . PHE A 1 62  ? -0.355  11.456  -12.770 1.00 26.18 ? 62  PHE A CD1 1 
ATOM   497  C CD2 . PHE A 1 62  ? -0.381  12.511  -14.914 1.00 17.60 ? 62  PHE A CD2 1 
ATOM   498  C CE1 . PHE A 1 62  ? -0.099  10.222  -13.373 1.00 20.86 ? 62  PHE A CE1 1 
ATOM   499  C CE2 . PHE A 1 62  ? -0.124  11.284  -15.527 1.00 19.11 ? 62  PHE A CE2 1 
ATOM   500  C CZ  . PHE A 1 62  ? 0.016   10.136  -14.751 1.00 21.41 ? 62  PHE A CZ  1 
ATOM   501  N N   . GLN A 1 63  ? -3.676  15.595  -11.172 1.00 29.92 ? 63  GLN A N   1 
ATOM   502  C CA  . GLN A 1 63  ? -3.943  16.862  -10.509 1.00 30.13 ? 63  GLN A CA  1 
ATOM   503  C C   . GLN A 1 63  ? -4.604  16.703  -9.147  1.00 29.83 ? 63  GLN A C   1 
ATOM   504  O O   . GLN A 1 63  ? -4.573  17.631  -8.338  1.00 33.13 ? 63  GLN A O   1 
ATOM   505  C CB  . GLN A 1 63  ? -4.738  17.828  -11.414 1.00 34.46 ? 63  GLN A CB  1 
ATOM   506  C CG  . GLN A 1 63  ? -6.130  17.428  -11.852 1.00 39.39 ? 63  GLN A CG  1 
ATOM   507  C CD  . GLN A 1 63  ? -6.817  18.558  -12.624 1.00 50.08 ? 63  GLN A CD  1 
ATOM   508  O OE1 . GLN A 1 63  ? -7.098  19.626  -12.074 1.00 43.28 ? 63  GLN A OE1 1 
ATOM   509  N NE2 . GLN A 1 63  ? -7.078  18.327  -13.906 1.00 59.22 ? 63  GLN A NE2 1 
ATOM   510  N N   . TYR A 1 64  ? -5.164  15.526  -8.869  1.00 26.79 ? 64  TYR A N   1 
ATOM   511  C CA  . TYR A 1 64  ? -5.789  15.292  -7.566  1.00 29.27 ? 64  TYR A CA  1 
ATOM   512  C C   . TYR A 1 64  ? -5.195  14.130  -6.772  1.00 31.99 ? 64  TYR A C   1 
ATOM   513  O O   . TYR A 1 64  ? -4.842  13.087  -7.323  1.00 31.99 ? 64  TYR A O   1 
ATOM   514  C CB  . TYR A 1 64  ? -7.286  15.047  -7.707  1.00 27.48 ? 64  TYR A CB  1 
ATOM   515  C CG  . TYR A 1 64  ? -8.010  16.120  -8.460  1.00 35.13 ? 64  TYR A CG  1 
ATOM   516  C CD1 . TYR A 1 64  ? -8.469  15.895  -9.756  1.00 39.35 ? 64  TYR A CD1 1 
ATOM   517  C CD2 . TYR A 1 64  ? -8.226  17.375  -7.893  1.00 40.35 ? 64  TYR A CD2 1 
ATOM   518  C CE1 . TYR A 1 64  ? -9.127  16.890  -10.471 1.00 38.43 ? 64  TYR A CE1 1 
ATOM   519  C CE2 . TYR A 1 64  ? -8.884  18.381  -8.601  1.00 38.43 ? 64  TYR A CE2 1 
ATOM   520  C CZ  . TYR A 1 64  ? -9.332  18.129  -9.890  1.00 38.38 ? 64  TYR A CZ  1 
ATOM   521  O OH  . TYR A 1 64  ? -9.996  19.108  -10.596 1.00 36.89 ? 64  TYR A OH  1 
ATOM   522  N N   . SER A 1 65  ? -5.110  14.326  -5.458  1.00 35.43 ? 65  SER A N   1 
ATOM   523  C CA  . SER A 1 65  ? -4.593  13.321  -4.539  1.00 32.31 ? 65  SER A CA  1 
ATOM   524  C C   . SER A 1 65  ? -5.779  12.523  -3.998  1.00 32.10 ? 65  SER A C   1 
ATOM   525  O O   . SER A 1 65  ? -6.937  12.843  -4.284  1.00 30.10 ? 65  SER A O   1 
ATOM   526  C CB  . SER A 1 65  ? -3.871  14.003  -3.380  1.00 34.15 ? 65  SER A CB  1 
ATOM   527  O OG  . SER A 1 65  ? -4.765  14.840  -2.666  1.00 27.27 ? 65  SER A OG  1 
ATOM   528  N N   . VAL A 1 66  ? -5.496  11.491  -3.214  1.00 29.41 ? 66  VAL A N   1 
ATOM   529  C CA  . VAL A 1 66  ? -6.560  10.670  -2.658  1.00 33.09 ? 66  VAL A CA  1 
ATOM   530  C C   . VAL A 1 66  ? -7.446  11.522  -1.746  1.00 37.40 ? 66  VAL A C   1 
ATOM   531  O O   . VAL A 1 66  ? -8.682  11.409  -1.775  1.00 30.23 ? 66  VAL A O   1 
ATOM   532  C CB  . VAL A 1 66  ? -5.978  9.466   -1.882  1.00 30.16 ? 66  VAL A CB  1 
ATOM   533  C CG1 . VAL A 1 66  ? -5.127  9.946   -0.730  1.00 32.14 ? 66  VAL A CG1 1 
ATOM   534  C CG2 . VAL A 1 66  ? -7.100  8.572   -1.398  1.00 29.48 ? 66  VAL A CG2 1 
ATOM   535  N N   . LEU A 1 67  ? -6.807  12.380  -0.947  1.00 38.75 ? 67  LEU A N   1 
ATOM   536  C CA  . LEU A 1 67  ? -7.530  13.277  -0.053  1.00 37.96 ? 67  LEU A CA  1 
ATOM   537  C C   . LEU A 1 67  ? -8.401  14.184  -0.924  1.00 36.88 ? 67  LEU A C   1 
ATOM   538  O O   . LEU A 1 67  ? -9.620  14.223  -0.760  1.00 38.90 ? 67  LEU A O   1 
ATOM   539  C CB  . LEU A 1 67  ? -6.551  14.117  0.775   1.00 39.09 ? 67  LEU A CB  1 
ATOM   540  C CG  . LEU A 1 67  ? -5.696  13.380  1.820   1.00 45.08 ? 67  LEU A CG  1 
ATOM   541  C CD1 . LEU A 1 67  ? -4.585  14.286  2.339   1.00 33.50 ? 67  LEU A CD1 1 
ATOM   542  C CD2 . LEU A 1 67  ? -6.584  12.918  2.974   1.00 45.08 ? 67  LEU A CD2 1 
ATOM   543  N N   . ASP A 1 68  ? -7.776  14.889  -1.866  1.00 31.98 ? 68  ASP A N   1 
ATOM   544  C CA  . ASP A 1 68  ? -8.507  15.777  -2.763  1.00 31.21 ? 68  ASP A CA  1 
ATOM   545  C C   . ASP A 1 68  ? -9.832  15.169  -3.212  1.00 31.15 ? 68  ASP A C   1 
ATOM   546  O O   . ASP A 1 68  ? -10.888 15.774  -3.039  1.00 30.16 ? 68  ASP A O   1 
ATOM   547  C CB  . ASP A 1 68  ? -7.673  16.120  -4.008  1.00 33.89 ? 68  ASP A CB  1 
ATOM   548  C CG  . ASP A 1 68  ? -6.603  17.152  -3.729  1.00 28.47 ? 68  ASP A CG  1 
ATOM   549  O OD1 . ASP A 1 68  ? -6.781  17.958  -2.794  1.00 32.47 ? 68  ASP A OD1 1 
ATOM   550  O OD2 . ASP A 1 68  ? -5.589  17.174  -4.454  1.00 34.58 ? 68  ASP A OD2 1 
ATOM   551  N N   . ILE A 1 69  ? -9.780  13.969  -3.782  1.00 33.02 ? 69  ILE A N   1 
ATOM   552  C CA  . ILE A 1 69  ? -10.999 13.320  -4.257  1.00 39.51 ? 69  ILE A CA  1 
ATOM   553  C C   . ILE A 1 69  ? -11.746 12.567  -3.163  1.00 37.99 ? 69  ILE A C   1 
ATOM   554  O O   . ILE A 1 69  ? -12.794 11.975  -3.419  1.00 31.17 ? 69  ILE A O   1 
ATOM   555  C CB  . ILE A 1 69  ? -10.709 12.346  -5.435  1.00 38.08 ? 69  ILE A CB  1 
ATOM   556  C CG1 . ILE A 1 69  ? -9.784  11.212  -4.988  1.00 46.09 ? 69  ILE A CG1 1 
ATOM   557  C CG2 . ILE A 1 69  ? -10.060 13.094  -6.569  1.00 41.67 ? 69  ILE A CG2 1 
ATOM   558  C CD1 . ILE A 1 69  ? -10.500 9.908   -4.773  1.00 48.27 ? 69  ILE A CD1 1 
ATOM   559  N N   . LYS A 1 70  ? -11.211 12.606  -1.945  1.00 41.77 ? 70  LYS A N   1 
ATOM   560  C CA  . LYS A 1 70  ? -11.819 11.921  -0.806  1.00 40.65 ? 70  LYS A CA  1 
ATOM   561  C C   . LYS A 1 70  ? -12.035 10.445  -1.123  1.00 40.75 ? 70  LYS A C   1 
ATOM   562  O O   . LYS A 1 70  ? -13.127 9.898   -0.940  1.00 37.40 ? 70  LYS A O   1 
ATOM   563  C CB  . LYS A 1 70  ? -13.144 12.592  -0.433  1.00 38.74 ? 70  LYS A CB  1 
ATOM   564  C CG  . LYS A 1 70  ? -12.944 13.912  0.305   1.00 48.09 ? 70  LYS A CG  1 
ATOM   565  C CD  . LYS A 1 70  ? -14.245 14.509  0.847   1.00 50.91 ? 70  LYS A CD  1 
ATOM   566  C CE  . LYS A 1 70  ? -14.977 15.374  -0.184  1.00 58.79 ? 70  LYS A CE  1 
ATOM   567  N NZ  . LYS A 1 70  ? -15.526 14.613  -1.348  1.00 65.69 ? 70  LYS A NZ  1 
ATOM   568  N N   . GLY A 1 71  ? -10.966 9.811   -1.594  1.00 41.85 ? 71  GLY A N   1 
ATOM   569  C CA  . GLY A 1 71  ? -11.020 8.409   -1.959  1.00 40.12 ? 71  GLY A CA  1 
ATOM   570  C C   . GLY A 1 71  ? -10.812 7.426   -0.827  1.00 38.54 ? 71  GLY A C   1 
ATOM   571  O O   . GLY A 1 71  ? -10.488 7.786   0.307   1.00 34.35 ? 71  GLY A O   1 
ATOM   572  N N   . GLU A 1 72  ? -11.006 6.156   -1.153  1.00 38.70 ? 72  GLU A N   1 
ATOM   573  C CA  . GLU A 1 72  ? -10.853 5.092   -0.183  1.00 35.05 ? 72  GLU A CA  1 
ATOM   574  C C   . GLU A 1 72  ? -9.483  4.440   -0.320  1.00 36.24 ? 72  GLU A C   1 
ATOM   575  O O   . GLU A 1 72  ? -8.878  4.440   -1.396  1.00 35.20 ? 72  GLU A O   1 
ATOM   576  C CB  . GLU A 1 72  ? -11.985 4.084   -0.361  1.00 35.71 ? 72  GLU A CB  1 
ATOM   577  C CG  . GLU A 1 72  ? -13.253 4.494   0.390   1.00 42.90 ? 72  GLU A CG  1 
ATOM   578  C CD  . GLU A 1 72  ? -14.534 3.992   -0.251  1.00 52.07 ? 72  GLU A CD  1 
ATOM   579  O OE1 . GLU A 1 72  ? -14.525 2.888   -0.846  1.00 52.68 ? 72  GLU A OE1 1 
ATOM   580  O OE2 . GLU A 1 72  ? -15.561 4.703   -0.144  1.00 51.38 ? 72  GLU A OE2 1 
ATOM   581  N N   . ILE A 1 73  ? -8.986  3.899   0.783   1.00 33.77 ? 73  ILE A N   1 
ATOM   582  C CA  . ILE A 1 73  ? -7.678  3.273   0.786   1.00 33.40 ? 73  ILE A CA  1 
ATOM   583  C C   . ILE A 1 73  ? -7.721  1.841   1.301   1.00 36.69 ? 73  ILE A C   1 
ATOM   584  O O   . ILE A 1 73  ? -8.390  1.551   2.296   1.00 33.93 ? 73  ILE A O   1 
ATOM   585  C CB  . ILE A 1 73  ? -6.701  4.099   1.635   1.00 32.25 ? 73  ILE A CB  1 
ATOM   586  C CG1 . ILE A 1 73  ? -6.507  5.482   0.993   1.00 29.23 ? 73  ILE A CG1 1 
ATOM   587  C CG2 . ILE A 1 73  ? -5.374  3.354   1.777   1.00 24.97 ? 73  ILE A CG2 1 
ATOM   588  C CD1 . ILE A 1 73  ? -5.822  6.504   1.891   1.00 23.34 ? 73  ILE A CD1 1 
ATOM   589  N N   . LEU A 1 74  ? -7.008  0.952   0.607   1.00 34.18 ? 74  LEU A N   1 
ATOM   590  C CA  . LEU A 1 74  ? -6.937  -0.456  0.987   1.00 34.48 ? 74  LEU A CA  1 
ATOM   591  C C   . LEU A 1 74  ? -5.479  -0.856  1.167   1.00 35.46 ? 74  LEU A C   1 
ATOM   592  O O   . LEU A 1 74  ? -4.725  -0.927  0.196   1.00 36.67 ? 74  LEU A O   1 
ATOM   593  C CB  . LEU A 1 74  ? -7.552  -1.340  -0.092  1.00 33.98 ? 74  LEU A CB  1 
ATOM   594  C CG  . LEU A 1 74  ? -8.067  -2.723  0.328   1.00 35.41 ? 74  LEU A CG  1 
ATOM   595  C CD1 . LEU A 1 74  ? -7.946  -3.659  -0.870  1.00 31.63 ? 74  LEU A CD1 1 
ATOM   596  C CD2 . LEU A 1 74  ? -7.291  -3.266  1.521   1.00 27.84 ? 74  LEU A CD2 1 
ATOM   597  N N   . VAL A 1 75  ? -5.083  -1.125  2.405   1.00 34.32 ? 75  VAL A N   1 
ATOM   598  C CA  . VAL A 1 75  ? -3.706  -1.517  2.672   1.00 35.36 ? 75  VAL A CA  1 
ATOM   599  C C   . VAL A 1 75  ? -3.577  -3.036  2.744   1.00 33.51 ? 75  VAL A C   1 
ATOM   600  O O   . VAL A 1 75  ? -4.334  -3.701  3.454   1.00 31.58 ? 75  VAL A O   1 
ATOM   601  C CB  . VAL A 1 75  ? -3.194  -0.921  4.002   1.00 34.50 ? 75  VAL A CB  1 
ATOM   602  C CG1 . VAL A 1 75  ? -1.713  -1.197  4.142   1.00 30.76 ? 75  VAL A CG1 1 
ATOM   603  C CG2 . VAL A 1 75  ? -3.470  0.573   4.052   1.00 31.03 ? 75  VAL A CG2 1 
ATOM   604  N N   . VAL A 1 76  ? -2.616  -3.574  2.001   1.00 28.57 ? 76  VAL A N   1 
ATOM   605  C CA  . VAL A 1 76  ? -2.379  -5.008  1.985   1.00 23.28 ? 76  VAL A CA  1 
ATOM   606  C C   . VAL A 1 76  ? -0.901  -5.309  2.215   1.00 28.28 ? 76  VAL A C   1 
ATOM   607  O O   . VAL A 1 76  ? -0.027  -4.814  1.496   1.00 22.43 ? 76  VAL A O   1 
ATOM   608  C CB  . VAL A 1 76  ? -2.822  -5.627  0.650   1.00 25.39 ? 76  VAL A CB  1 
ATOM   609  C CG1 . VAL A 1 76  ? -2.379  -7.098  0.572   1.00 23.89 ? 76  VAL A CG1 1 
ATOM   610  C CG2 . VAL A 1 76  ? -4.336  -5.519  0.519   1.00 23.12 ? 76  VAL A CG2 1 
ATOM   611  N N   . SER A 1 77  ? -0.631  -6.116  3.240   1.00 27.89 ? 77  SER A N   1 
ATOM   612  C CA  . SER A 1 77  ? 0.734   -6.492  3.571   1.00 27.46 ? 77  SER A CA  1 
ATOM   613  C C   . SER A 1 77  ? 1.359   -7.198  2.384   1.00 25.09 ? 77  SER A C   1 
ATOM   614  O O   . SER A 1 77  ? 0.703   -8.001  1.719   1.00 26.86 ? 77  SER A O   1 
ATOM   615  C CB  . SER A 1 77  ? 0.760   -7.428  4.772   1.00 33.53 ? 77  SER A CB  1 
ATOM   616  O OG  . SER A 1 77  ? 2.086   -7.876  5.005   1.00 40.88 ? 77  SER A OG  1 
ATOM   617  N N   . GLN A 1 78  ? 2.631   -6.905  2.130   1.00 21.57 ? 78  GLN A N   1 
ATOM   618  C CA  . GLN A 1 78  ? 3.344   -7.494  1.004   1.00 24.26 ? 78  GLN A CA  1 
ATOM   619  C C   . GLN A 1 78  ? 4.854   -7.517  1.254   1.00 25.16 ? 78  GLN A C   1 
ATOM   620  O O   . GLN A 1 78  ? 5.591   -6.696  0.702   1.00 34.14 ? 78  GLN A O   1 
ATOM   621  C CB  . GLN A 1 78  ? 3.048   -6.686  -0.272  1.00 17.06 ? 78  GLN A CB  1 
ATOM   622  C CG  . GLN A 1 78  ? 3.628   -7.283  -1.544  1.00 18.18 ? 78  GLN A CG  1 
ATOM   623  C CD  . GLN A 1 78  ? 2.925   -8.561  -1.959  1.00 25.87 ? 78  GLN A CD  1 
ATOM   624  O OE1 . GLN A 1 78  ? 2.219   -8.595  -2.970  1.00 22.82 ? 78  GLN A OE1 1 
ATOM   625  N NE2 . GLN A 1 78  ? 3.108   -9.619  -1.173  1.00 20.46 ? 78  GLN A NE2 1 
ATOM   626  N N   . PHE A 1 79  ? 5.321   -8.457  2.065   1.00 20.57 ? 79  PHE A N   1 
ATOM   627  C CA  . PHE A 1 79  ? 6.744   -8.539  2.361   1.00 18.95 ? 79  PHE A CA  1 
ATOM   628  C C   . PHE A 1 79  ? 7.613   -8.758  1.118   1.00 22.59 ? 79  PHE A C   1 
ATOM   629  O O   . PHE A 1 79  ? 8.810   -8.482  1.151   1.00 28.76 ? 79  PHE A O   1 
ATOM   630  C CB  . PHE A 1 79  ? 7.009   -9.651  3.385   1.00 18.44 ? 79  PHE A CB  1 
ATOM   631  C CG  . PHE A 1 79  ? 7.187   -11.015 2.776   1.00 22.83 ? 79  PHE A CG  1 
ATOM   632  C CD1 . PHE A 1 79  ? 8.462   -11.518 2.530   1.00 23.54 ? 79  PHE A CD1 1 
ATOM   633  C CD2 . PHE A 1 79  ? 6.079   -11.777 2.404   1.00 23.74 ? 79  PHE A CD2 1 
ATOM   634  C CE1 . PHE A 1 79  ? 8.637   -12.755 1.921   1.00 21.80 ? 79  PHE A CE1 1 
ATOM   635  C CE2 . PHE A 1 79  ? 6.240   -13.013 1.793   1.00 24.91 ? 79  PHE A CE2 1 
ATOM   636  C CZ  . PHE A 1 79  ? 7.525   -13.505 1.550   1.00 29.25 ? 79  PHE A CZ  1 
ATOM   637  N N   . THR A 1 80  ? 7.020   -9.228  0.021   1.00 27.97 ? 80  THR A N   1 
ATOM   638  C CA  . THR A 1 80  ? 7.779   -9.486  -1.210  1.00 29.82 ? 80  THR A CA  1 
ATOM   639  C C   . THR A 1 80  ? 8.252   -8.252  -1.972  1.00 28.07 ? 80  THR A C   1 
ATOM   640  O O   . THR A 1 80  ? 8.872   -8.386  -3.023  1.00 23.30 ? 80  THR A O   1 
ATOM   641  C CB  . THR A 1 80  ? 6.987   -10.353 -2.221  1.00 26.69 ? 80  THR A CB  1 
ATOM   642  O OG1 . THR A 1 80  ? 5.809   -9.652  -2.627  1.00 32.45 ? 80  THR A OG1 1 
ATOM   643  C CG2 . THR A 1 80  ? 6.587   -11.667 -1.605  1.00 29.56 ? 80  THR A CG2 1 
ATOM   644  N N   . LEU A 1 81  ? 7.949   -7.057  -1.471  1.00 30.23 ? 81  LEU A N   1 
ATOM   645  C CA  . LEU A 1 81  ? 8.398   -5.842  -2.148  1.00 31.72 ? 81  LEU A CA  1 
ATOM   646  C C   . LEU A 1 81  ? 9.909   -5.646  -1.938  1.00 33.16 ? 81  LEU A C   1 
ATOM   647  O O   . LEU A 1 81  ? 10.545  -4.835  -2.617  1.00 27.26 ? 81  LEU A O   1 
ATOM   648  C CB  . LEU A 1 81  ? 7.628   -4.620  -1.643  1.00 23.50 ? 81  LEU A CB  1 
ATOM   649  C CG  . LEU A 1 81  ? 6.164   -4.495  -2.067  1.00 23.49 ? 81  LEU A CG  1 
ATOM   650  C CD1 . LEU A 1 81  ? 5.653   -3.129  -1.673  1.00 20.10 ? 81  LEU A CD1 1 
ATOM   651  C CD2 . LEU A 1 81  ? 6.020   -4.670  -3.564  1.00 17.46 ? 81  LEU A CD2 1 
ATOM   652  N N   . TYR A 1 82  ? 10.472  -6.390  -0.986  1.00 27.69 ? 82  TYR A N   1 
ATOM   653  C CA  . TYR A 1 82  ? 11.905  -6.329  -0.721  1.00 32.82 ? 82  TYR A CA  1 
ATOM   654  C C   . TYR A 1 82  ? 12.548  -7.628  -1.202  1.00 33.47 ? 82  TYR A C   1 
ATOM   655  O O   . TYR A 1 82  ? 13.415  -8.204  -0.549  1.00 36.32 ? 82  TYR A O   1 
ATOM   656  C CB  . TYR A 1 82  ? 12.176  -6.094  0.769   1.00 27.79 ? 82  TYR A CB  1 
ATOM   657  C CG  . TYR A 1 82  ? 12.084  -4.627  1.138   1.00 31.64 ? 82  TYR A CG  1 
ATOM   658  C CD1 . TYR A 1 82  ? 13.020  -3.714  0.655   1.00 26.46 ? 82  TYR A CD1 1 
ATOM   659  C CD2 . TYR A 1 82  ? 11.023  -4.139  1.911   1.00 29.17 ? 82  TYR A CD2 1 
ATOM   660  C CE1 . TYR A 1 82  ? 12.903  -2.352  0.926   1.00 28.70 ? 82  TYR A CE1 1 
ATOM   661  C CE2 . TYR A 1 82  ? 10.896  -2.775  2.192   1.00 28.34 ? 82  TYR A CE2 1 
ATOM   662  C CZ  . TYR A 1 82  ? 11.843  -1.887  1.696   1.00 34.37 ? 82  TYR A CZ  1 
ATOM   663  O OH  . TYR A 1 82  ? 11.743  -0.538  1.979   1.00 32.29 ? 82  TYR A OH  1 
ATOM   664  N N   . ALA A 1 83  ? 12.098  -8.075  -2.369  1.00 32.17 ? 83  ALA A N   1 
ATOM   665  C CA  . ALA A 1 83  ? 12.592  -9.291  -2.979  1.00 29.82 ? 83  ALA A CA  1 
ATOM   666  C C   . ALA A 1 83  ? 13.887  -9.014  -3.710  1.00 34.39 ? 83  ALA A C   1 
ATOM   667  O O   . ALA A 1 83  ? 14.028  -8.012  -4.413  1.00 33.52 ? 83  ALA A O   1 
ATOM   668  C CB  . ALA A 1 83  ? 11.562  -9.847  -3.953  1.00 29.97 ? 83  ALA A CB  1 
ATOM   669  N N   . ASN A 1 84  ? 14.836  -9.921  -3.531  1.00 37.19 ? 84  ASN A N   1 
ATOM   670  C CA  . ASN A 1 84  ? 16.127  -9.819  -4.172  1.00 34.96 ? 84  ASN A CA  1 
ATOM   671  C C   . ASN A 1 84  ? 16.158  -10.924 -5.213  1.00 32.60 ? 84  ASN A C   1 
ATOM   672  O O   . ASN A 1 84  ? 16.094  -12.104 -4.868  1.00 36.05 ? 84  ASN A O   1 
ATOM   673  C CB  . ASN A 1 84  ? 17.229  -10.047 -3.142  1.00 42.07 ? 84  ASN A CB  1 
ATOM   674  C CG  . ASN A 1 84  ? 18.611  -9.751  -3.687  1.00 45.06 ? 84  ASN A CG  1 
ATOM   675  O OD1 . ASN A 1 84  ? 18.876  -9.910  -4.885  1.00 35.74 ? 84  ASN A OD1 1 
ATOM   676  N ND2 . ASN A 1 84  ? 19.512  -9.334  -2.801  1.00 44.30 ? 84  ASN A ND2 1 
ATOM   677  N N   . VAL A 1 85  ? 16.230  -10.549 -6.485  1.00 29.83 ? 85  VAL A N   1 
ATOM   678  C CA  . VAL A 1 85  ? 16.280  -11.543 -7.546  1.00 33.37 ? 85  VAL A CA  1 
ATOM   679  C C   . VAL A 1 85  ? 17.640  -11.481 -8.209  1.00 36.19 ? 85  VAL A C   1 
ATOM   680  O O   . VAL A 1 85  ? 17.822  -11.990 -9.305  1.00 34.14 ? 85  VAL A O   1 
ATOM   681  C CB  . VAL A 1 85  ? 15.213  -11.295 -8.617  1.00 29.35 ? 85  VAL A CB  1 
ATOM   682  C CG1 . VAL A 1 85  ? 13.840  -11.323 -7.991  1.00 27.07 ? 85  VAL A CG1 1 
ATOM   683  C CG2 . VAL A 1 85  ? 15.484  -9.980  -9.308  1.00 32.53 ? 85  VAL A CG2 1 
ATOM   684  N N   . LYS A 1 86  ? 18.590  -10.856 -7.524  1.00 45.74 ? 86  LYS A N   1 
ATOM   685  C CA  . LYS A 1 86  ? 19.942  -10.692 -8.042  1.00 52.86 ? 86  LYS A CA  1 
ATOM   686  C C   . LYS A 1 86  ? 20.712  -11.982 -8.340  1.00 57.54 ? 86  LYS A C   1 
ATOM   687  O O   . LYS A 1 86  ? 21.550  -12.004 -9.248  1.00 60.44 ? 86  LYS A O   1 
ATOM   688  C CB  . LYS A 1 86  ? 20.752  -9.818  -7.084  1.00 55.63 ? 86  LYS A CB  1 
ATOM   689  C CG  . LYS A 1 86  ? 20.372  -8.346  -7.116  1.00 60.15 ? 86  LYS A CG  1 
ATOM   690  C CD  . LYS A 1 86  ? 20.649  -7.764  -8.490  1.00 64.62 ? 86  LYS A CD  1 
ATOM   691  C CE  . LYS A 1 86  ? 21.030  -6.292  -8.401  1.00 70.95 ? 86  LYS A CE  1 
ATOM   692  N NZ  . LYS A 1 86  ? 19.919  -5.423  -7.912  1.00 81.32 ? 86  LYS A NZ  1 
ATOM   693  N N   . LYS A 1 87  ? 20.451  -13.055 -7.599  1.00 57.01 ? 87  LYS A N   1 
ATOM   694  C CA  . LYS A 1 87  ? 21.178  -14.285 -7.886  1.00 56.54 ? 87  LYS A CA  1 
ATOM   695  C C   . LYS A 1 87  ? 20.356  -15.427 -8.473  1.00 57.73 ? 87  LYS A C   1 
ATOM   696  O O   . LYS A 1 87  ? 20.113  -15.464 -9.680  1.00 59.00 ? 87  LYS A O   1 
ATOM   697  C CB  . LYS A 1 87  ? 21.934  -14.792 -6.650  1.00 55.98 ? 87  LYS A CB  1 
ATOM   698  C CG  . LYS A 1 87  ? 21.701  -14.046 -5.357  1.00 58.83 ? 87  LYS A CG  1 
ATOM   699  C CD  . LYS A 1 87  ? 20.271  -14.184 -4.876  1.00 62.45 ? 87  LYS A CD  1 
ATOM   700  C CE  . LYS A 1 87  ? 20.198  -14.149 -3.350  1.00 64.34 ? 87  LYS A CE  1 
ATOM   701  N NZ  . LYS A 1 87  ? 20.889  -12.978 -2.740  1.00 64.45 ? 87  LYS A NZ  1 
ATOM   702  N N   . GLY A 1 88  ? 19.931  -16.355 -7.621  1.00 54.51 ? 88  GLY A N   1 
ATOM   703  C CA  . GLY A 1 88  ? 19.183  -17.501 -8.099  1.00 56.00 ? 88  GLY A CA  1 
ATOM   704  C C   . GLY A 1 88  ? 17.840  -17.253 -8.758  1.00 57.37 ? 88  GLY A C   1 
ATOM   705  O O   . GLY A 1 88  ? 17.385  -16.110 -8.888  1.00 57.61 ? 88  GLY A O   1 
ATOM   706  N N   . ARG A 1 89  ? 17.221  -18.348 -9.197  1.00 53.96 ? 89  ARG A N   1 
ATOM   707  C CA  . ARG A 1 89  ? 15.902  -18.306 -9.808  1.00 48.60 ? 89  ARG A CA  1 
ATOM   708  C C   . ARG A 1 89  ? 14.941  -17.979 -8.660  1.00 46.69 ? 89  ARG A C   1 
ATOM   709  O O   . ARG A 1 89  ? 13.891  -17.356 -8.861  1.00 42.39 ? 89  ARG A O   1 
ATOM   710  C CB  . ARG A 1 89  ? 15.560  -19.668 -10.415 1.00 48.75 ? 89  ARG A CB  1 
ATOM   711  C CG  . ARG A 1 89  ? 16.425  -20.050 -11.604 1.00 54.50 ? 89  ARG A CG  1 
ATOM   712  C CD  . ARG A 1 89  ? 16.166  -21.482 -12.048 1.00 59.45 ? 89  ARG A CD  1 
ATOM   713  N NE  . ARG A 1 89  ? 16.473  -21.693 -13.462 1.00 62.46 ? 89  ARG A NE  1 
ATOM   714  C CZ  . ARG A 1 89  ? 16.272  -22.840 -14.108 1.00 66.40 ? 89  ARG A CZ  1 
ATOM   715  N NH1 . ARG A 1 89  ? 15.766  -23.889 -13.466 1.00 71.49 ? 89  ARG A NH1 1 
ATOM   716  N NH2 . ARG A 1 89  ? 16.558  -22.940 -15.399 1.00 62.65 ? 89  ARG A NH2 1 
ATOM   717  N N   . ARG A 1 90  ? 15.321  -18.401 -7.453  1.00 39.92 ? 90  ARG A N   1 
ATOM   718  C CA  . ARG A 1 90  ? 14.524  -18.141 -6.263  1.00 36.03 ? 90  ARG A CA  1 
ATOM   719  C C   . ARG A 1 90  ? 14.880  -16.788 -5.651  1.00 36.74 ? 90  ARG A C   1 
ATOM   720  O O   . ARG A 1 90  ? 16.053  -16.466 -5.450  1.00 41.03 ? 90  ARG A O   1 
ATOM   721  C CB  . ARG A 1 90  ? 14.718  -19.231 -5.206  1.00 31.26 ? 90  ARG A CB  1 
ATOM   722  C CG  . ARG A 1 90  ? 14.158  -18.796 -3.862  1.00 38.29 ? 90  ARG A CG  1 
ATOM   723  C CD  . ARG A 1 90  ? 13.840  -19.926 -2.895  1.00 43.40 ? 90  ARG A CD  1 
ATOM   724  N NE  . ARG A 1 90  ? 13.273  -19.364 -1.667  1.00 47.93 ? 90  ARG A NE  1 
ATOM   725  C CZ  . ARG A 1 90  ? 12.529  -20.036 -0.790  1.00 51.18 ? 90  ARG A CZ  1 
ATOM   726  N NH1 . ARG A 1 90  ? 12.067  -19.411 0.291   1.00 43.06 ? 90  ARG A NH1 1 
ATOM   727  N NH2 . ARG A 1 90  ? 12.240  -21.322 -0.992  1.00 46.06 ? 90  ARG A NH2 1 
ATOM   728  N N   . PRO A 1 91  ? 13.861  -15.978 -5.339  1.00 34.83 ? 91  PRO A N   1 
ATOM   729  C CA  . PRO A 1 91  ? 14.073  -14.654 -4.749  1.00 31.81 ? 91  PRO A CA  1 
ATOM   730  C C   . PRO A 1 91  ? 14.462  -14.695 -3.281  1.00 30.43 ? 91  PRO A C   1 
ATOM   731  O O   . PRO A 1 91  ? 14.037  -15.585 -2.544  1.00 31.21 ? 91  PRO A O   1 
ATOM   732  C CB  . PRO A 1 91  ? 12.730  -13.972 -4.960  1.00 32.96 ? 91  PRO A CB  1 
ATOM   733  C CG  . PRO A 1 91  ? 11.765  -15.124 -4.822  1.00 35.48 ? 91  PRO A CG  1 
ATOM   734  C CD  . PRO A 1 91  ? 12.432  -16.200 -5.640  1.00 29.57 ? 91  PRO A CD  1 
ATOM   735  N N   . SER A 1 92  ? 15.261  -13.714 -2.866  1.00 27.48 ? 92  SER A N   1 
ATOM   736  C CA  . SER A 1 92  ? 15.715  -13.595 -1.485  1.00 25.46 ? 92  SER A CA  1 
ATOM   737  C C   . SER A 1 92  ? 14.955  -12.461 -0.793  1.00 26.32 ? 92  SER A C   1 
ATOM   738  O O   . SER A 1 92  ? 14.431  -11.573 -1.462  1.00 24.56 ? 92  SER A O   1 
ATOM   739  C CB  . SER A 1 92  ? 17.214  -13.299 -1.463  1.00 28.17 ? 92  SER A CB  1 
ATOM   740  O OG  . SER A 1 92  ? 17.591  -12.724 -0.223  1.00 38.99 ? 92  SER A OG  1 
ATOM   741  N N   . PHE A 1 93  ? 14.904  -12.480 0.538   1.00 24.87 ? 93  PHE A N   1 
ATOM   742  C CA  . PHE A 1 93  ? 14.199  -11.440 1.283   1.00 27.62 ? 93  PHE A CA  1 
ATOM   743  C C   . PHE A 1 93  ? 14.958  -10.982 2.531   1.00 32.68 ? 93  PHE A C   1 
ATOM   744  O O   . PHE A 1 93  ? 14.353  -10.667 3.561   1.00 26.22 ? 93  PHE A O   1 
ATOM   745  C CB  . PHE A 1 93  ? 12.811  -11.943 1.673   1.00 26.70 ? 93  PHE A CB  1 
ATOM   746  C CG  . PHE A 1 93  ? 12.015  -12.460 0.509   1.00 31.84 ? 93  PHE A CG  1 
ATOM   747  C CD1 . PHE A 1 93  ? 11.592  -11.599 -0.501  1.00 30.42 ? 93  PHE A CD1 1 
ATOM   748  C CD2 . PHE A 1 93  ? 11.727  -13.820 0.394   1.00 32.76 ? 93  PHE A CD2 1 
ATOM   749  C CE1 . PHE A 1 93  ? 10.899  -12.082 -1.615  1.00 27.77 ? 93  PHE A CE1 1 
ATOM   750  C CE2 . PHE A 1 93  ? 11.033  -14.317 -0.717  1.00 29.89 ? 93  PHE A CE2 1 
ATOM   751  C CZ  . PHE A 1 93  ? 10.619  -13.444 -1.725  1.00 33.56 ? 93  PHE A CZ  1 
ATOM   752  N N   . GLU A 1 94  ? 16.283  -10.941 2.423   1.00 37.11 ? 94  GLU A N   1 
ATOM   753  C CA  . GLU A 1 94  ? 17.151  -10.527 3.522   1.00 38.17 ? 94  GLU A CA  1 
ATOM   754  C C   . GLU A 1 94  ? 16.717  -9.184  4.124   1.00 40.99 ? 94  GLU A C   1 
ATOM   755  O O   . GLU A 1 94  ? 16.744  -9.005  5.335   1.00 34.85 ? 94  GLU A O   1 
ATOM   756  C CB  . GLU A 1 94  ? 18.588  -10.399 3.019   1.00 46.52 ? 94  GLU A CB  1 
ATOM   757  C CG  . GLU A 1 94  ? 19.005  -11.488 2.041   1.00 58.84 ? 94  GLU A CG  1 
ATOM   758  C CD  . GLU A 1 94  ? 19.660  -10.933 0.772   1.00 67.64 ? 94  GLU A CD  1 
ATOM   759  O OE1 . GLU A 1 94  ? 20.042  -11.743 -0.102  1.00 75.76 ? 94  GLU A OE1 1 
ATOM   760  O OE2 . GLU A 1 94  ? 19.793  -9.694  0.643   1.00 69.68 ? 94  GLU A OE2 1 
ATOM   761  N N   . GLU A 1 95  ? 16.318  -8.242  3.273   1.00 40.06 ? 95  GLU A N   1 
ATOM   762  C CA  . GLU A 1 95  ? 15.910  -6.922  3.741   1.00 38.82 ? 95  GLU A CA  1 
ATOM   763  C C   . GLU A 1 95  ? 14.512  -6.853  4.353   1.00 37.79 ? 95  GLU A C   1 
ATOM   764  O O   . GLU A 1 95  ? 14.190  -5.901  5.065   1.00 33.13 ? 95  GLU A O   1 
ATOM   765  C CB  . GLU A 1 95  ? 16.009  -5.923  2.592   1.00 44.64 ? 95  GLU A CB  1 
ATOM   766  C CG  . GLU A 1 95  ? 17.410  -5.789  2.028   1.00 49.12 ? 95  GLU A CG  1 
ATOM   767  C CD  . GLU A 1 95  ? 17.446  -4.980  0.749   1.00 52.78 ? 95  GLU A CD  1 
ATOM   768  O OE1 . GLU A 1 95  ? 16.966  -5.485  -0.293  1.00 46.07 ? 95  GLU A OE1 1 
ATOM   769  O OE2 . GLU A 1 95  ? 17.951  -3.835  0.790   1.00 56.72 ? 95  GLU A OE2 1 
ATOM   770  N N   . ALA A 1 96  ? 13.678  -7.851  4.074   1.00 34.27 ? 96  ALA A N   1 
ATOM   771  C CA  . ALA A 1 96  ? 12.324  -7.855  4.615   1.00 36.12 ? 96  ALA A CA  1 
ATOM   772  C C   . ALA A 1 96  ? 12.365  -8.011  6.129   1.00 39.31 ? 96  ALA A C   1 
ATOM   773  O O   . ALA A 1 96  ? 13.012  -8.922  6.654   1.00 38.86 ? 96  ALA A O   1 
ATOM   774  C CB  . ALA A 1 96  ? 11.502  -8.979  3.989   1.00 32.06 ? 96  ALA A CB  1 
ATOM   775  N N   . GLU A 1 97  ? 11.680  -7.113  6.829   1.00 40.66 ? 97  GLU A N   1 
ATOM   776  C CA  . GLU A 1 97  ? 11.642  -7.162  8.283   1.00 40.17 ? 97  GLU A CA  1 
ATOM   777  C C   . GLU A 1 97  ? 11.028  -8.484  8.728   1.00 40.03 ? 97  GLU A C   1 
ATOM   778  O O   . GLU A 1 97  ? 10.247  -9.082  7.991   1.00 39.25 ? 97  GLU A O   1 
ATOM   779  C CB  . GLU A 1 97  ? 10.812  -5.995  8.827   1.00 38.47 ? 97  GLU A CB  1 
ATOM   780  C CG  . GLU A 1 97  ? 10.623  -6.003  10.338  1.00 36.79 ? 97  GLU A CG  1 
ATOM   781  C CD  . GLU A 1 97  ? 11.931  -5.857  11.091  1.00 41.07 ? 97  GLU A CD  1 
ATOM   782  O OE1 . GLU A 1 97  ? 12.589  -4.798  10.984  1.00 42.42 ? 97  GLU A OE1 1 
ATOM   783  O OE2 . GLU A 1 97  ? 12.308  -6.815  11.793  1.00 48.50 ? 97  GLU A OE2 1 
ATOM   784  N N   . GLU A 1 98  ? 11.404  -8.943  9.920   1.00 40.45 ? 98  GLU A N   1 
ATOM   785  C CA  . GLU A 1 98  ? 10.866  -10.178 10.477  1.00 39.46 ? 98  GLU A CA  1 
ATOM   786  C C   . GLU A 1 98  ? 9.366   -9.951  10.633  1.00 38.05 ? 98  GLU A C   1 
ATOM   787  O O   . GLU A 1 98  ? 8.926   -8.825  10.851  1.00 36.87 ? 98  GLU A O   1 
ATOM   788  C CB  . GLU A 1 98  ? 11.472  -10.459 11.849  1.00 43.19 ? 98  GLU A CB  1 
ATOM   789  C CG  . GLU A 1 98  ? 10.411  -10.759 12.901  1.00 58.89 ? 98  GLU A CG  1 
ATOM   790  C CD  . GLU A 1 98  ? 10.668  -10.067 14.225  1.00 66.89 ? 98  GLU A CD  1 
ATOM   791  O OE1 . GLU A 1 98  ? 11.193  -8.926  14.224  1.00 69.75 ? 98  GLU A OE1 1 
ATOM   792  O OE2 . GLU A 1 98  ? 10.323  -10.661 15.271  1.00 69.00 ? 98  GLU A OE2 1 
ATOM   793  N N   . PRO A 1 99  ? 8.563   -11.021 10.547  1.00 39.32 ? 99  PRO A N   1 
ATOM   794  C CA  . PRO A 1 99  ? 7.114   -10.857 10.680  1.00 37.90 ? 99  PRO A CA  1 
ATOM   795  C C   . PRO A 1 99  ? 6.585   -10.137 11.919  1.00 40.94 ? 99  PRO A C   1 
ATOM   796  O O   . PRO A 1 99  ? 5.761   -9.229  11.803  1.00 45.11 ? 99  PRO A O   1 
ATOM   797  C CB  . PRO A 1 99  ? 6.584   -12.291 10.537  1.00 32.50 ? 99  PRO A CB  1 
ATOM   798  C CG  . PRO A 1 99  ? 7.761   -13.146 10.866  1.00 32.42 ? 99  PRO A CG  1 
ATOM   799  C CD  . PRO A 1 99  ? 8.908   -12.420 10.249  1.00 30.76 ? 99  PRO A CD  1 
ATOM   800  N N   . LYS A 1 100 ? 7.053   -10.515 13.101  1.00 46.13 ? 100 LYS A N   1 
ATOM   801  C CA  . LYS A 1 100 ? 6.570   -9.877  14.326  1.00 48.93 ? 100 LYS A CA  1 
ATOM   802  C C   . LYS A 1 100 ? 6.725   -8.353  14.351  1.00 47.74 ? 100 LYS A C   1 
ATOM   803  O O   . LYS A 1 100 ? 5.765   -7.634  14.636  1.00 45.63 ? 100 LYS A O   1 
ATOM   804  C CB  . LYS A 1 100 ? 7.255   -10.495 15.546  1.00 50.96 ? 100 LYS A CB  1 
ATOM   805  C CG  . LYS A 1 100 ? 6.841   -11.937 15.779  1.00 64.11 ? 100 LYS A CG  1 
ATOM   806  C CD  . LYS A 1 100 ? 7.489   -12.542 17.015  1.00 66.81 ? 100 LYS A CD  1 
ATOM   807  C CE  . LYS A 1 100 ? 7.056   -13.988 17.182  1.00 68.49 ? 100 LYS A CE  1 
ATOM   808  N NZ  . LYS A 1 100 ? 7.623   -14.596 18.410  1.00 72.02 ? 100 LYS A NZ  1 
ATOM   809  N N   . ARG A 1 101 ? 7.929   -7.871  14.064  1.00 43.33 ? 101 ARG A N   1 
ATOM   810  C CA  . ARG A 1 101 ? 8.187   -6.443  14.051  1.00 46.31 ? 101 ARG A CA  1 
ATOM   811  C C   . ARG A 1 101 ? 7.389   -5.849  12.893  1.00 46.22 ? 101 ARG A C   1 
ATOM   812  O O   . ARG A 1 101 ? 6.785   -4.777  13.008  1.00 48.87 ? 101 ARG A O   1 
ATOM   813  C CB  . ARG A 1 101 ? 9.685   -6.181  13.848  1.00 50.64 ? 101 ARG A CB  1 
ATOM   814  C CG  . ARG A 1 101 ? 10.216  -4.899  14.508  1.00 56.37 ? 101 ARG A CG  1 
ATOM   815  C CD  . ARG A 1 101 ? 10.609  -3.865  13.463  1.00 63.39 ? 101 ARG A CD  1 
ATOM   816  N NE  . ARG A 1 101 ? 11.154  -2.599  13.970  1.00 68.58 ? 101 ARG A NE  1 
ATOM   817  C CZ  . ARG A 1 101 ? 10.519  -1.751  14.784  1.00 67.95 ? 101 ARG A CZ  1 
ATOM   818  N NH1 . ARG A 1 101 ? 11.118  -0.626  15.154  1.00 65.71 ? 101 ARG A NH1 1 
ATOM   819  N NH2 . ARG A 1 101 ? 9.314   -2.041  15.267  1.00 64.75 ? 101 ARG A NH2 1 
ATOM   820  N N   . ALA A 1 102 ? 7.419   -6.573  11.774  1.00 40.09 ? 102 ALA A N   1 
ATOM   821  C CA  . ALA A 1 102 ? 6.733   -6.157  10.558  1.00 40.68 ? 102 ALA A CA  1 
ATOM   822  C C   . ALA A 1 102 ? 5.232   -5.910  10.746  1.00 43.04 ? 102 ALA A C   1 
ATOM   823  O O   . ALA A 1 102 ? 4.687   -4.917  10.243  1.00 41.01 ? 102 ALA A O   1 
ATOM   824  C CB  . ALA A 1 102 ? 6.956   -7.193  9.476   1.00 25.14 ? 102 ALA A CB  1 
ATOM   825  N N   . LYS A 1 103 ? 4.556   -6.816  11.448  1.00 41.50 ? 103 LYS A N   1 
ATOM   826  C CA  . LYS A 1 103 ? 3.117   -6.664  11.687  1.00 43.83 ? 103 LYS A CA  1 
ATOM   827  C C   . LYS A 1 103 ? 2.956   -5.366  12.449  1.00 43.31 ? 103 LYS A C   1 
ATOM   828  O O   . LYS A 1 103 ? 2.138   -4.517  12.119  1.00 39.85 ? 103 LYS A O   1 
ATOM   829  C CB  . LYS A 1 103 ? 2.597   -7.837  12.515  1.00 33.55 ? 103 LYS A CB  1 
ATOM   830  C CG  . LYS A 1 103 ? 1.092   -7.849  12.697  1.00 29.00 ? 103 LYS A CG  1 
ATOM   831  C CD  . LYS A 1 103 ? 0.658   -9.073  13.484  1.00 36.25 ? 103 LYS A CD  1 
ATOM   832  C CE  . LYS A 1 103 ? -0.852  -9.217  13.539  1.00 32.84 ? 103 LYS A CE  1 
ATOM   833  N NZ  . LYS A 1 103 ? -1.524  -8.061  14.197  1.00 46.89 ? 103 LYS A NZ  1 
ATOM   834  N N   . GLU A 1 104 ? 3.792   -5.233  13.465  1.00 45.50 ? 104 GLU A N   1 
ATOM   835  C CA  . GLU A 1 104 ? 3.871   -4.045  14.301  1.00 50.94 ? 104 GLU A CA  1 
ATOM   836  C C   . GLU A 1 104 ? 3.881   -2.807  13.380  1.00 51.21 ? 104 GLU A C   1 
ATOM   837  O O   . GLU A 1 104 ? 2.873   -2.095  13.265  1.00 51.67 ? 104 GLU A O   1 
ATOM   838  C CB  . GLU A 1 104 ? 5.177   -4.137  15.076  1.00 54.70 ? 104 GLU A CB  1 
ATOM   839  C CG  . GLU A 1 104 ? 5.175   -3.789  16.527  1.00 63.71 ? 104 GLU A CG  1 
ATOM   840  C CD  . GLU A 1 104 ? 6.588   -3.464  16.972  1.00 70.51 ? 104 GLU A CD  1 
ATOM   841  O OE1 . GLU A 1 104 ? 7.294   -4.356  17.498  1.00 70.65 ? 104 GLU A OE1 1 
ATOM   842  O OE2 . GLU A 1 104 ? 7.006   -2.302  16.755  1.00 68.37 ? 104 GLU A OE2 1 
ATOM   843  N N   . LEU A 1 105 ? 5.015   -2.538  12.735  1.00 46.19 ? 105 LEU A N   1 
ATOM   844  C CA  . LEU A 1 105 ? 5.144   -1.392  11.849  1.00 40.40 ? 105 LEU A CA  1 
ATOM   845  C C   . LEU A 1 105 ? 3.954   -1.280  10.886  1.00 41.99 ? 105 LEU A C   1 
ATOM   846  O O   . LEU A 1 105 ? 3.529   -0.181  10.531  1.00 43.36 ? 105 LEU A O   1 
ATOM   847  C CB  . LEU A 1 105 ? 6.458   -1.480  11.065  1.00 38.69 ? 105 LEU A CB  1 
ATOM   848  C CG  . LEU A 1 105 ? 7.710   -1.146  11.888  1.00 40.38 ? 105 LEU A CG  1 
ATOM   849  C CD1 . LEU A 1 105 ? 8.980   -1.431  11.089  1.00 41.26 ? 105 LEU A CD1 1 
ATOM   850  C CD2 . LEU A 1 105 ? 7.664   0.327   12.282  1.00 36.17 ? 105 LEU A CD2 1 
ATOM   851  N N   . TYR A 1 106 ? 3.430   -2.429  10.475  1.00 41.35 ? 106 TYR A N   1 
ATOM   852  C CA  . TYR A 1 106 ? 2.285   -2.515  9.567   1.00 38.50 ? 106 TYR A CA  1 
ATOM   853  C C   . TYR A 1 106 ? 1.040   -1.872  10.168  1.00 36.21 ? 106 TYR A C   1 
ATOM   854  O O   . TYR A 1 106 ? 0.385   -1.041  9.542   1.00 30.91 ? 106 TYR A O   1 
ATOM   855  C CB  . TYR A 1 106 ? 1.998   -3.991  9.268   1.00 42.31 ? 106 TYR A CB  1 
ATOM   856  C CG  . TYR A 1 106 ? 0.641   -4.279  8.665   1.00 35.31 ? 106 TYR A CG  1 
ATOM   857  C CD1 . TYR A 1 106 ? 0.352   -3.931  7.342   1.00 33.07 ? 106 TYR A CD1 1 
ATOM   858  C CD2 . TYR A 1 106 ? -0.355  -4.905  9.419   1.00 29.69 ? 106 TYR A CD2 1 
ATOM   859  C CE1 . TYR A 1 106 ? -0.899  -4.201  6.785   1.00 36.94 ? 106 TYR A CE1 1 
ATOM   860  C CE2 . TYR A 1 106 ? -1.608  -5.182  8.876   1.00 28.23 ? 106 TYR A CE2 1 
ATOM   861  C CZ  . TYR A 1 106 ? -1.876  -4.827  7.560   1.00 36.83 ? 106 TYR A CZ  1 
ATOM   862  O OH  . TYR A 1 106 ? -3.119  -5.089  7.028   1.00 39.65 ? 106 TYR A OH  1 
ATOM   863  N N   . GLU A 1 107 ? 0.719   -2.276  11.392  1.00 40.30 ? 107 GLU A N   1 
ATOM   864  C CA  . GLU A 1 107 ? -0.445  -1.756  12.093  1.00 40.69 ? 107 GLU A CA  1 
ATOM   865  C C   . GLU A 1 107 ? -0.289  -0.272  12.387  1.00 40.53 ? 107 GLU A C   1 
ATOM   866  O O   . GLU A 1 107 ? -1.249  0.491   12.290  1.00 40.25 ? 107 GLU A O   1 
ATOM   867  C CB  . GLU A 1 107 ? -0.654  -2.531  13.389  1.00 41.20 ? 107 GLU A CB  1 
ATOM   868  C CG  . GLU A 1 107 ? -0.567  -4.032  13.200  1.00 48.83 ? 107 GLU A CG  1 
ATOM   869  C CD  . GLU A 1 107 ? -1.347  -4.798  14.246  1.00 57.08 ? 107 GLU A CD  1 
ATOM   870  O OE1 . GLU A 1 107 ? -2.578  -4.960  14.064  1.00 53.26 ? 107 GLU A OE1 1 
ATOM   871  O OE2 . GLU A 1 107 ? -0.731  -5.226  15.253  1.00 56.36 ? 107 GLU A OE2 1 
ATOM   872  N N   . LYS A 1 108 ? 0.922   0.143   12.743  1.00 42.27 ? 108 LYS A N   1 
ATOM   873  C CA  . LYS A 1 108 ? 1.161   1.548   13.026  1.00 45.12 ? 108 LYS A CA  1 
ATOM   874  C C   . LYS A 1 108 ? 0.937   2.331   11.734  1.00 46.28 ? 108 LYS A C   1 
ATOM   875  O O   . LYS A 1 108 ? 0.247   3.353   11.722  1.00 46.54 ? 108 LYS A O   1 
ATOM   876  C CB  . LYS A 1 108 ? 2.584   1.744   13.566  1.00 44.94 ? 108 LYS A CB  1 
ATOM   877  C CG  . LYS A 1 108 ? 2.765   1.133   14.957  1.00 49.21 ? 108 LYS A CG  1 
ATOM   878  C CD  . LYS A 1 108 ? 4.209   1.155   15.441  1.00 51.68 ? 108 LYS A CD  1 
ATOM   879  C CE  . LYS A 1 108 ? 4.594   2.492   16.057  1.00 53.83 ? 108 LYS A CE  1 
ATOM   880  N NZ  . LYS A 1 108 ? 3.811   2.819   17.288  1.00 53.24 ? 108 LYS A NZ  1 
ATOM   881  N N   . PHE A 1 109 ? 1.501   1.826   10.644  1.00 45.43 ? 109 PHE A N   1 
ATOM   882  C CA  . PHE A 1 109 ? 1.350   2.461   9.341   1.00 43.03 ? 109 PHE A CA  1 
ATOM   883  C C   . PHE A 1 109 ? -0.125  2.701   8.999   1.00 42.14 ? 109 PHE A C   1 
ATOM   884  O O   . PHE A 1 109 ? -0.514  3.802   8.596   1.00 45.59 ? 109 PHE A O   1 
ATOM   885  C CB  . PHE A 1 109 ? 1.982   1.580   8.259   1.00 37.80 ? 109 PHE A CB  1 
ATOM   886  C CG  . PHE A 1 109 ? 1.765   2.084   6.863   1.00 33.76 ? 109 PHE A CG  1 
ATOM   887  C CD1 . PHE A 1 109 ? 2.710   2.885   6.238   1.00 38.38 ? 109 PHE A CD1 1 
ATOM   888  C CD2 . PHE A 1 109 ? 0.597   1.767   6.176   1.00 36.31 ? 109 PHE A CD2 1 
ATOM   889  C CE1 . PHE A 1 109 ? 2.497   3.368   4.942   1.00 35.99 ? 109 PHE A CE1 1 
ATOM   890  C CE2 . PHE A 1 109 ? 0.373   2.244   4.886   1.00 37.37 ? 109 PHE A CE2 1 
ATOM   891  C CZ  . PHE A 1 109 ? 1.328   3.043   4.268   1.00 35.93 ? 109 PHE A CZ  1 
ATOM   892  N N   . VAL A 1 110 ? -0.939  1.668   9.166   1.00 36.32 ? 110 VAL A N   1 
ATOM   893  C CA  . VAL A 1 110 ? -2.355  1.768   8.865   1.00 35.36 ? 110 VAL A CA  1 
ATOM   894  C C   . VAL A 1 110 ? -3.034  2.744   9.806   1.00 40.44 ? 110 VAL A C   1 
ATOM   895  O O   . VAL A 1 110 ? -3.962  3.457   9.424   1.00 41.93 ? 110 VAL A O   1 
ATOM   896  C CB  . VAL A 1 110 ? -3.010  0.378   8.946   1.00 34.07 ? 110 VAL A CB  1 
ATOM   897  C CG1 . VAL A 1 110 ? -4.514  0.465   8.766   1.00 30.95 ? 110 VAL A CG1 1 
ATOM   898  C CG2 . VAL A 1 110 ? -2.410  -0.508  7.857   1.00 46.73 ? 110 VAL A CG2 1 
ATOM   899  N N   . ASP A 1 111 ? -2.560  2.775   11.046  1.00 43.03 ? 111 ASP A N   1 
ATOM   900  C CA  . ASP A 1 111 ? -3.125  3.691   12.022  1.00 41.63 ? 111 ASP A CA  1 
ATOM   901  C C   . ASP A 1 111 ? -2.790  5.125   11.587  1.00 43.57 ? 111 ASP A C   1 
ATOM   902  O O   . ASP A 1 111 ? -3.681  5.968   11.494  1.00 43.50 ? 111 ASP A O   1 
ATOM   903  C CB  . ASP A 1 111 ? -2.563  3.391   13.411  1.00 40.03 ? 111 ASP A CB  1 
ATOM   904  C CG  . ASP A 1 111 ? -3.405  2.383   14.195  1.00 41.65 ? 111 ASP A CG  1 
ATOM   905  O OD1 . ASP A 1 111 ? -2.908  1.909   15.238  1.00 35.97 ? 111 ASP A OD1 1 
ATOM   906  O OD2 . ASP A 1 111 ? -4.555  2.084   13.788  1.00 37.89 ? 111 ASP A OD2 1 
ATOM   907  N N   . LYS A 1 112 ? -1.520  5.396   11.285  1.00 42.89 ? 112 LYS A N   1 
ATOM   908  C CA  . LYS A 1 112 ? -1.120  6.741   10.878  1.00 42.82 ? 112 LYS A CA  1 
ATOM   909  C C   . LYS A 1 112 ? -1.978  7.242   9.728   1.00 43.94 ? 112 LYS A C   1 
ATOM   910  O O   . LYS A 1 112 ? -2.450  8.380   9.740   1.00 42.13 ? 112 LYS A O   1 
ATOM   911  C CB  . LYS A 1 112 ? 0.357   6.774   10.453  1.00 43.47 ? 112 LYS A CB  1 
ATOM   912  C CG  . LYS A 1 112 ? 0.966   8.198   10.364  1.00 49.95 ? 112 LYS A CG  1 
ATOM   913  C CD  . LYS A 1 112 ? 0.795   8.976   11.691  1.00 56.97 ? 112 LYS A CD  1 
ATOM   914  C CE  . LYS A 1 112 ? 2.049   9.769   12.110  1.00 61.06 ? 112 LYS A CE  1 
ATOM   915  N NZ  . LYS A 1 112 ? 2.462   10.852  11.163  1.00 65.98 ? 112 LYS A NZ  1 
ATOM   916  N N   . ILE A 1 113 ? -2.188  6.379   8.738   1.00 43.46 ? 113 ILE A N   1 
ATOM   917  C CA  . ILE A 1 113 ? -2.958  6.747   7.563   1.00 37.90 ? 113 ILE A CA  1 
ATOM   918  C C   . ILE A 1 113 ? -4.454  6.933   7.823   1.00 36.88 ? 113 ILE A C   1 
ATOM   919  O O   . ILE A 1 113 ? -5.122  7.649   7.081   1.00 35.93 ? 113 ILE A O   1 
ATOM   920  C CB  . ILE A 1 113 ? -2.738  5.724   6.426   1.00 33.57 ? 113 ILE A CB  1 
ATOM   921  C CG1 . ILE A 1 113 ? -2.929  6.409   5.076   1.00 37.42 ? 113 ILE A CG1 1 
ATOM   922  C CG2 . ILE A 1 113 ? -3.711  4.561   6.561   1.00 33.16 ? 113 ILE A CG2 1 
ATOM   923  C CD1 . ILE A 1 113 ? -2.386  5.631   3.897   1.00 34.75 ? 113 ILE A CD1 1 
ATOM   924  N N   . LYS A 1 114 ? -4.994  6.305   8.861   1.00 36.21 ? 114 LYS A N   1 
ATOM   925  C CA  . LYS A 1 114 ? -6.419  6.477   9.146   1.00 38.40 ? 114 LYS A CA  1 
ATOM   926  C C   . LYS A 1 114 ? -6.626  7.913   9.623   1.00 36.55 ? 114 LYS A C   1 
ATOM   927  O O   . LYS A 1 114 ? -7.737  8.443   9.593   1.00 31.93 ? 114 LYS A O   1 
ATOM   928  C CB  . LYS A 1 114 ? -6.900  5.489   10.220  1.00 41.71 ? 114 LYS A CB  1 
ATOM   929  C CG  . LYS A 1 114 ? -6.619  4.022   9.897   1.00 37.52 ? 114 LYS A CG  1 
ATOM   930  C CD  . LYS A 1 114 ? -7.707  3.104   10.421  1.00 39.84 ? 114 LYS A CD  1 
ATOM   931  C CE  . LYS A 1 114 ? -7.470  1.669   9.977   1.00 41.14 ? 114 LYS A CE  1 
ATOM   932  N NZ  . LYS A 1 114 ? -8.639  0.781   10.236  1.00 37.48 ? 114 LYS A NZ  1 
ATOM   933  N N   . GLU A 1 115 ? -5.535  8.542   10.049  1.00 37.27 ? 115 GLU A N   1 
ATOM   934  C CA  . GLU A 1 115 ? -5.581  9.919   10.520  1.00 39.34 ? 115 GLU A CA  1 
ATOM   935  C C   . GLU A 1 115 ? -5.967  10.871  9.396   1.00 38.76 ? 115 GLU A C   1 
ATOM   936  O O   . GLU A 1 115 ? -6.325  12.020  9.641   1.00 42.21 ? 115 GLU A O   1 
ATOM   937  C CB  . GLU A 1 115 ? -4.228  10.326  11.106  1.00 39.82 ? 115 GLU A CB  1 
ATOM   938  C CG  . GLU A 1 115 ? -3.981  9.820   12.527  1.00 47.79 ? 115 GLU A CG  1 
ATOM   939  C CD  . GLU A 1 115 ? -2.561  10.083  12.992  1.00 55.46 ? 115 GLU A CD  1 
ATOM   940  O OE1 . GLU A 1 115 ? -2.095  11.231  12.836  1.00 64.48 ? 115 GLU A OE1 1 
ATOM   941  O OE2 . GLU A 1 115 ? -1.909  9.150   13.514  1.00 56.34 ? 115 GLU A OE2 1 
ATOM   942  N N   . SER A 1 116 ? -5.879  10.390  8.161   1.00 40.06 ? 116 SER A N   1 
ATOM   943  C CA  . SER A 1 116 ? -6.239  11.193  6.999   1.00 36.34 ? 116 SER A CA  1 
ATOM   944  C C   . SER A 1 116 ? -7.733  11.476  7.098   1.00 36.35 ? 116 SER A C   1 
ATOM   945  O O   . SER A 1 116 ? -8.245  12.416  6.486   1.00 38.82 ? 116 SER A O   1 
ATOM   946  C CB  . SER A 1 116 ? -5.983  10.417  5.705   1.00 40.85 ? 116 SER A CB  1 
ATOM   947  O OG  . SER A 1 116 ? -7.070  9.539   5.422   1.00 44.47 ? 116 SER A OG  1 
ATOM   948  N N   . GLY A 1 117 ? -8.425  10.645  7.872   1.00 33.44 ? 117 GLY A N   1 
ATOM   949  C CA  . GLY A 1 117 ? -9.854  10.800  8.025   1.00 27.20 ? 117 GLY A CA  1 
ATOM   950  C C   . GLY A 1 117 ? -10.596 10.048  6.943   1.00 30.56 ? 117 GLY A C   1 
ATOM   951  O O   . GLY A 1 117 ? -11.825 9.970   6.979   1.00 36.48 ? 117 GLY A O   1 
ATOM   952  N N   . LEU A 1 118 ? -9.858  9.488   5.982   1.00 31.27 ? 118 LEU A N   1 
ATOM   953  C CA  . LEU A 1 118 ? -10.472 8.739   4.881   1.00 28.12 ? 118 LEU A CA  1 
ATOM   954  C C   . LEU A 1 118 ? -10.905 7.334   5.309   1.00 28.26 ? 118 LEU A C   1 
ATOM   955  O O   . LEU A 1 118 ? -10.601 6.896   6.431   1.00 17.50 ? 118 LEU A O   1 
ATOM   956  C CB  . LEU A 1 118 ? -9.493  8.639   3.713   1.00 29.91 ? 118 LEU A CB  1 
ATOM   957  C CG  . LEU A 1 118 ? -9.031  9.954   3.077   1.00 29.43 ? 118 LEU A CG  1 
ATOM   958  C CD1 . LEU A 1 118 ? -8.067  9.666   1.935   1.00 27.35 ? 118 LEU A CD1 1 
ATOM   959  C CD2 . LEU A 1 118 ? -10.234 10.719  2.569   1.00 23.60 ? 118 LEU A CD2 1 
ATOM   960  N N   . LYS A 1 119 ? -11.632 6.637   4.431   1.00 22.11 ? 119 LYS A N   1 
ATOM   961  C CA  . LYS A 1 119 ? -12.072 5.272   4.737   1.00 28.88 ? 119 LYS A CA  1 
ATOM   962  C C   . LYS A 1 119 ? -10.905 4.382   4.381   1.00 30.99 ? 119 LYS A C   1 
ATOM   963  O O   . LYS A 1 119 ? -10.490 4.342   3.228   1.00 32.71 ? 119 LYS A O   1 
ATOM   964  C CB  . LYS A 1 119 ? -13.284 4.863   3.894   1.00 30.00 ? 119 LYS A CB  1 
ATOM   965  C CG  . LYS A 1 119 ? -13.805 3.442   4.168   1.00 26.28 ? 119 LYS A CG  1 
ATOM   966  C CD  . LYS A 1 119 ? -14.741 2.991   3.047   1.00 34.63 ? 119 LYS A CD  1 
ATOM   967  C CE  . LYS A 1 119 ? -15.305 1.584   3.261   1.00 39.04 ? 119 LYS A CE  1 
ATOM   968  N NZ  . LYS A 1 119 ? -16.023 1.079   2.040   1.00 37.43 ? 119 LYS A NZ  1 
ATOM   969  N N   . VAL A 1 120 ? -10.366 3.671   5.363   1.00 34.69 ? 120 VAL A N   1 
ATOM   970  C CA  . VAL A 1 120 ? -9.228  2.808   5.090   1.00 38.70 ? 120 VAL A CA  1 
ATOM   971  C C   . VAL A 1 120 ? -9.471  1.369   5.494   1.00 32.73 ? 120 VAL A C   1 
ATOM   972  O O   . VAL A 1 120 ? -9.564  1.050   6.677   1.00 38.40 ? 120 VAL A O   1 
ATOM   973  C CB  . VAL A 1 120 ? -7.937  3.338   5.791   1.00 42.80 ? 120 VAL A CB  1 
ATOM   974  C CG1 . VAL A 1 120 ? -8.186  3.511   7.262   1.00 53.03 ? 120 VAL A CG1 1 
ATOM   975  C CG2 . VAL A 1 120 ? -6.770  2.381   5.572   1.00 40.14 ? 120 VAL A CG2 1 
ATOM   976  N N   . GLU A 1 121 ? -9.588  0.508   4.489   1.00 38.13 ? 121 GLU A N   1 
ATOM   977  C CA  . GLU A 1 121 ? -9.784  -0.923  4.700   1.00 40.82 ? 121 GLU A CA  1 
ATOM   978  C C   . GLU A 1 121 ? -8.394  -1.559  4.754   1.00 39.13 ? 121 GLU A C   1 
ATOM   979  O O   . GLU A 1 121 ? -7.387  -0.885  4.537   1.00 35.45 ? 121 GLU A O   1 
ATOM   980  C CB  . GLU A 1 121 ? -10.562 -1.544  3.536   1.00 39.34 ? 121 GLU A CB  1 
ATOM   981  C CG  . GLU A 1 121 ? -11.963 -1.014  3.347   1.00 44.40 ? 121 GLU A CG  1 
ATOM   982  C CD  . GLU A 1 121 ? -12.870 -1.370  4.492   1.00 51.63 ? 121 GLU A CD  1 
ATOM   983  O OE1 . GLU A 1 121 ? -12.735 -0.745  5.567   1.00 57.27 ? 121 GLU A OE1 1 
ATOM   984  O OE2 . GLU A 1 121 ? -13.710 -2.282  4.319   1.00 54.29 ? 121 GLU A OE2 1 
ATOM   985  N N   . THR A 1 122 ? -8.340  -2.851  5.043   1.00 37.92 ? 122 THR A N   1 
ATOM   986  C CA  . THR A 1 122 ? -7.068  -3.554  5.103   1.00 37.92 ? 122 THR A CA  1 
ATOM   987  C C   . THR A 1 122 ? -7.283  -5.001  4.764   1.00 36.91 ? 122 THR A C   1 
ATOM   988  O O   . THR A 1 122 ? -8.416  -5.463  4.622   1.00 37.72 ? 122 THR A O   1 
ATOM   989  C CB  . THR A 1 122 ? -6.452  -3.547  6.503   1.00 36.96 ? 122 THR A CB  1 
ATOM   990  O OG1 . THR A 1 122 ? -7.285  -4.313  7.382   1.00 37.22 ? 122 THR A OG1 1 
ATOM   991  C CG2 . THR A 1 122 ? -6.323  -2.130  7.028   1.00 45.45 ? 122 THR A CG2 1 
ATOM   992  N N   . GLY A 1 123 ? -6.174  -5.712  4.640   1.00 38.58 ? 123 GLY A N   1 
ATOM   993  C CA  . GLY A 1 123 ? -6.228  -7.124  4.351   1.00 36.46 ? 123 GLY A CA  1 
ATOM   994  C C   . GLY A 1 123 ? -5.856  -7.780  5.654   1.00 37.94 ? 123 GLY A C   1 
ATOM   995  O O   . GLY A 1 123 ? -5.824  -7.124  6.702   1.00 38.62 ? 123 GLY A O   1 
ATOM   996  N N   . ILE A 1 124 ? -5.569  -9.071  5.603   1.00 36.82 ? 124 ILE A N   1 
ATOM   997  C CA  . ILE A 1 124 ? -5.190  -9.787  6.801   1.00 36.49 ? 124 ILE A CA  1 
ATOM   998  C C   . ILE A 1 124 ? -3.672  -9.955  6.780   1.00 38.64 ? 124 ILE A C   1 
ATOM   999  O O   . ILE A 1 124 ? -3.079  -10.156 5.722   1.00 42.01 ? 124 ILE A O   1 
ATOM   1000 C CB  . ILE A 1 124 ? -5.920  -11.146 6.849   1.00 37.38 ? 124 ILE A CB  1 
ATOM   1001 C CG1 . ILE A 1 124 ? -6.689  -11.250 8.164   1.00 41.58 ? 124 ILE A CG1 1 
ATOM   1002 C CG2 . ILE A 1 124 ? -4.948  -12.305 6.634   1.00 35.36 ? 124 ILE A CG2 1 
ATOM   1003 C CD1 . ILE A 1 124 ? -7.966  -10.393 8.201   1.00 47.41 ? 124 ILE A CD1 1 
ATOM   1004 N N   . PHE A 1 125 ? -3.039  -9.844  7.938   1.00 35.26 ? 125 PHE A N   1 
ATOM   1005 C CA  . PHE A 1 125 ? -1.592  -9.974  8.014   1.00 35.60 ? 125 PHE A CA  1 
ATOM   1006 C C   . PHE A 1 125 ? -1.199  -11.376 8.439   1.00 37.02 ? 125 PHE A C   1 
ATOM   1007 O O   . PHE A 1 125 ? -1.888  -11.990 9.245   1.00 42.18 ? 125 PHE A O   1 
ATOM   1008 C CB  . PHE A 1 125 ? -1.027  -8.986  9.031   1.00 33.99 ? 125 PHE A CB  1 
ATOM   1009 C CG  . PHE A 1 125 ? 0.472   -8.943  9.067   1.00 34.10 ? 125 PHE A CG  1 
ATOM   1010 C CD1 . PHE A 1 125 ? 1.166   -7.950  8.381   1.00 34.89 ? 125 PHE A CD1 1 
ATOM   1011 C CD2 . PHE A 1 125 ? 1.196   -9.899  9.773   1.00 35.41 ? 125 PHE A CD2 1 
ATOM   1012 C CE1 . PHE A 1 125 ? 2.558   -7.907  8.396   1.00 34.61 ? 125 PHE A CE1 1 
ATOM   1013 C CE2 . PHE A 1 125 ? 2.593   -9.867  9.796   1.00 37.95 ? 125 PHE A CE2 1 
ATOM   1014 C CZ  . PHE A 1 125 ? 3.274   -8.867  9.103   1.00 37.53 ? 125 PHE A CZ  1 
ATOM   1015 N N   . GLY A 1 126 ? -0.093  -11.880 7.893   1.00 36.21 ? 126 GLY A N   1 
ATOM   1016 C CA  . GLY A 1 126 ? 0.388   -13.202 8.270   1.00 33.41 ? 126 GLY A CA  1 
ATOM   1017 C C   . GLY A 1 126 ? -0.066  -14.422 7.483   1.00 33.40 ? 126 GLY A C   1 
ATOM   1018 O O   . GLY A 1 126 ? 0.544   -15.487 7.607   1.00 31.12 ? 126 GLY A O   1 
ATOM   1019 N N   . ALA A 1 127 ? -1.123  -14.292 6.683   1.00 31.58 ? 127 ALA A N   1 
ATOM   1020 C CA  . ALA A 1 127 ? -1.619  -15.423 5.905   1.00 32.22 ? 127 ALA A CA  1 
ATOM   1021 C C   . ALA A 1 127 ? -1.933  -15.029 4.468   1.00 35.50 ? 127 ALA A C   1 
ATOM   1022 O O   . ALA A 1 127 ? -1.860  -13.856 4.109   1.00 37.11 ? 127 ALA A O   1 
ATOM   1023 C CB  . ALA A 1 127 ? -2.854  -16.010 6.564   1.00 29.66 ? 127 ALA A CB  1 
ATOM   1024 N N   . MET A 1 128 ? -2.296  -16.013 3.649   1.00 37.60 ? 128 MET A N   1 
ATOM   1025 C CA  . MET A 1 128 ? -2.595  -15.763 2.243   1.00 37.41 ? 128 MET A CA  1 
ATOM   1026 C C   . MET A 1 128 ? -3.957  -15.145 1.950   1.00 35.94 ? 128 MET A C   1 
ATOM   1027 O O   . MET A 1 128 ? -4.947  -15.431 2.619   1.00 36.05 ? 128 MET A O   1 
ATOM   1028 C CB  . MET A 1 128 ? -2.427  -17.044 1.434   1.00 34.18 ? 128 MET A CB  1 
ATOM   1029 C CG  . MET A 1 128 ? -0.976  -17.420 1.214   1.00 48.86 ? 128 MET A CG  1 
ATOM   1030 S SD  . MET A 1 128 ? -0.729  -18.339 -0.336  1.00 61.70 ? 128 MET A SD  1 
ATOM   1031 C CE  . MET A 1 128 ? -0.981  -20.074 0.272   1.00 55.12 ? 128 MET A CE  1 
ATOM   1032 N N   . MET A 1 129 ? -3.986  -14.307 0.916   1.00 32.47 ? 129 MET A N   1 
ATOM   1033 C CA  . MET A 1 129 ? -5.193  -13.611 0.506   1.00 29.98 ? 129 MET A CA  1 
ATOM   1034 C C   . MET A 1 129 ? -5.314  -13.608 -1.007  1.00 29.54 ? 129 MET A C   1 
ATOM   1035 O O   . MET A 1 129 ? -4.335  -13.842 -1.717  1.00 32.47 ? 129 MET A O   1 
ATOM   1036 C CB  . MET A 1 129 ? -5.133  -12.158 0.972   1.00 32.40 ? 129 MET A CB  1 
ATOM   1037 C CG  . MET A 1 129 ? -4.872  -11.967 2.448   1.00 34.62 ? 129 MET A CG  1 
ATOM   1038 S SD  . MET A 1 129 ? -4.516  -10.224 2.812   1.00 35.03 ? 129 MET A SD  1 
ATOM   1039 C CE  . MET A 1 129 ? -2.720  -10.269 2.976   1.00 23.37 ? 129 MET A CE  1 
ATOM   1040 N N   . ASP A 1 130 ? -6.523  -13.340 -1.491  1.00 29.88 ? 130 ASP A N   1 
ATOM   1041 C CA  . ASP A 1 130 ? -6.791  -13.239 -2.925  1.00 36.24 ? 130 ASP A CA  1 
ATOM   1042 C C   . ASP A 1 130 ? -7.142  -11.771 -3.106  1.00 39.10 ? 130 ASP A C   1 
ATOM   1043 O O   . ASP A 1 130 ? -8.263  -11.358 -2.820  1.00 43.98 ? 130 ASP A O   1 
ATOM   1044 C CB  . ASP A 1 130 ? -7.985  -14.104 -3.331  1.00 43.21 ? 130 ASP A CB  1 
ATOM   1045 C CG  . ASP A 1 130 ? -7.585  -15.292 -4.196  1.00 56.98 ? 130 ASP A CG  1 
ATOM   1046 O OD1 . ASP A 1 130 ? -8.496  -15.964 -4.743  1.00 62.97 ? 130 ASP A OD1 1 
ATOM   1047 O OD2 . ASP A 1 130 ? -6.365  -15.549 -4.328  1.00 54.50 ? 130 ASP A OD2 1 
ATOM   1048 N N   . VAL A 1 131 ? -6.178  -10.979 -3.563  1.00 41.52 ? 131 VAL A N   1 
ATOM   1049 C CA  . VAL A 1 131 ? -6.371  -9.542  -3.735  1.00 36.27 ? 131 VAL A CA  1 
ATOM   1050 C C   . VAL A 1 131 ? -6.955  -9.142  -5.089  1.00 35.76 ? 131 VAL A C   1 
ATOM   1051 O O   . VAL A 1 131 ? -6.330  -9.341  -6.129  1.00 39.73 ? 131 VAL A O   1 
ATOM   1052 C CB  . VAL A 1 131 ? -5.034  -8.797  -3.531  1.00 34.41 ? 131 VAL A CB  1 
ATOM   1053 C CG1 . VAL A 1 131 ? -5.251  -7.298  -3.647  1.00 35.83 ? 131 VAL A CG1 1 
ATOM   1054 C CG2 . VAL A 1 131 ? -4.439  -9.152  -2.171  1.00 31.20 ? 131 VAL A CG2 1 
ATOM   1055 N N   . PHE A 1 132 ? -8.148  -8.558  -5.067  1.00 33.78 ? 132 PHE A N   1 
ATOM   1056 C CA  . PHE A 1 132 ? -8.816  -8.129  -6.290  1.00 31.07 ? 132 PHE A CA  1 
ATOM   1057 C C   . PHE A 1 132 ? -8.581  -6.659  -6.586  1.00 30.43 ? 132 PHE A C   1 
ATOM   1058 O O   . PHE A 1 132 ? -8.966  -5.784  -5.811  1.00 27.35 ? 132 PHE A O   1 
ATOM   1059 C CB  . PHE A 1 132 ? -10.296 -8.429  -6.166  1.00 28.60 ? 132 PHE A CB  1 
ATOM   1060 C CG  . PHE A 1 132 ? -10.582 -9.882  -6.130  1.00 32.57 ? 132 PHE A CG  1 
ATOM   1061 C CD1 . PHE A 1 132 ? -10.798 -10.578 -7.307  1.00 31.92 ? 132 PHE A CD1 1 
ATOM   1062 C CD2 . PHE A 1 132 ? -10.548 -10.583 -4.928  1.00 32.21 ? 132 PHE A CD2 1 
ATOM   1063 C CE1 . PHE A 1 132 ? -10.974 -11.951 -7.293  1.00 31.08 ? 132 PHE A CE1 1 
ATOM   1064 C CE2 . PHE A 1 132 ? -10.720 -11.962 -4.905  1.00 34.36 ? 132 PHE A CE2 1 
ATOM   1065 C CZ  . PHE A 1 132 ? -10.933 -12.650 -6.097  1.00 36.98 ? 132 PHE A CZ  1 
ATOM   1066 N N   . ILE A 1 133 ? -7.946  -6.395  -7.722  1.00 30.36 ? 133 ILE A N   1 
ATOM   1067 C CA  . ILE A 1 133 ? -7.616  -5.034  -8.108  1.00 30.80 ? 133 ILE A CA  1 
ATOM   1068 C C   . ILE A 1 133 ? -8.081  -4.650  -9.491  1.00 33.54 ? 133 ILE A C   1 
ATOM   1069 O O   . ILE A 1 133 ? -7.828  -5.352  -10.466 1.00 36.29 ? 133 ILE A O   1 
ATOM   1070 C CB  . ILE A 1 133 ? -6.102  -4.793  -8.061  1.00 22.29 ? 133 ILE A CB  1 
ATOM   1071 C CG1 . ILE A 1 133 ? -5.562  -5.117  -6.668  1.00 29.54 ? 133 ILE A CG1 1 
ATOM   1072 C CG2 . ILE A 1 133 ? -5.806  -3.359  -8.429  1.00 14.18 ? 133 ILE A CG2 1 
ATOM   1073 C CD1 . ILE A 1 133 ? -4.049  -5.258  -6.604  1.00 34.42 ? 133 ILE A CD1 1 
ATOM   1074 N N   . GLU A 1 134 ? -8.754  -3.512  -9.558  1.00 36.87 ? 134 GLU A N   1 
ATOM   1075 C CA  . GLU A 1 134 ? -9.244  -2.970  -10.802 1.00 36.39 ? 134 GLU A CA  1 
ATOM   1076 C C   . GLU A 1 134 ? -8.497  -1.650  -10.960 1.00 36.58 ? 134 GLU A C   1 
ATOM   1077 O O   . GLU A 1 134 ? -8.949  -0.593  -10.514 1.00 35.78 ? 134 GLU A O   1 
ATOM   1078 C CB  . GLU A 1 134 ? -10.745 -2.747  -10.703 1.00 41.85 ? 134 GLU A CB  1 
ATOM   1079 C CG  . GLU A 1 134 ? -11.443 -2.906  -12.020 1.00 50.42 ? 134 GLU A CG  1 
ATOM   1080 C CD  . GLU A 1 134 ? -12.951 -2.940  -11.882 1.00 55.24 ? 134 GLU A CD  1 
ATOM   1081 O OE1 . GLU A 1 134 ? -13.483 -3.866  -11.210 1.00 44.64 ? 134 GLU A OE1 1 
ATOM   1082 O OE2 . GLU A 1 134 ? -13.589 -2.035  -12.463 1.00 53.03 ? 134 GLU A OE2 1 
ATOM   1083 N N   . ASN A 1 135 ? -7.327  -1.743  -11.580 1.00 36.02 ? 135 ASN A N   1 
ATOM   1084 C CA  . ASN A 1 135 ? -6.453  -0.605  -11.796 1.00 36.88 ? 135 ASN A CA  1 
ATOM   1085 C C   . ASN A 1 135 ? -6.916  0.233   -12.988 1.00 38.85 ? 135 ASN A C   1 
ATOM   1086 O O   . ASN A 1 135 ? -6.814  -0.185  -14.145 1.00 40.01 ? 135 ASN A O   1 
ATOM   1087 C CB  . ASN A 1 135 ? -5.025  -1.108  -12.008 1.00 35.42 ? 135 ASN A CB  1 
ATOM   1088 C CG  . ASN A 1 135 ? -4.003  0.007   -12.021 1.00 44.05 ? 135 ASN A CG  1 
ATOM   1089 O OD1 . ASN A 1 135 ? -4.342  1.176   -12.219 1.00 50.44 ? 135 ASN A OD1 1 
ATOM   1090 N ND2 . ASN A 1 135 ? -2.738  -0.348  -11.831 1.00 43.18 ? 135 ASN A ND2 1 
ATOM   1091 N N   . TRP A 1 136 ? -7.424  1.421   -12.681 1.00 40.14 ? 136 TRP A N   1 
ATOM   1092 C CA  . TRP A 1 136 ? -7.926  2.357   -13.676 1.00 43.08 ? 136 TRP A CA  1 
ATOM   1093 C C   . TRP A 1 136 ? -6.786  3.169   -14.282 1.00 43.34 ? 136 TRP A C   1 
ATOM   1094 O O   . TRP A 1 136 ? -6.105  3.928   -13.582 1.00 46.00 ? 136 TRP A O   1 
ATOM   1095 C CB  . TRP A 1 136 ? -8.956  3.272   -13.002 1.00 49.72 ? 136 TRP A CB  1 
ATOM   1096 C CG  . TRP A 1 136 ? -9.376  4.515   -13.754 1.00 53.76 ? 136 TRP A CG  1 
ATOM   1097 C CD1 . TRP A 1 136 ? -9.507  4.673   -15.111 1.00 52.90 ? 136 TRP A CD1 1 
ATOM   1098 C CD2 . TRP A 1 136 ? -9.819  5.745   -13.161 1.00 55.30 ? 136 TRP A CD2 1 
ATOM   1099 N NE1 . TRP A 1 136 ? -10.016 5.925   -15.393 1.00 55.39 ? 136 TRP A NE1 1 
ATOM   1100 C CE2 . TRP A 1 136 ? -10.221 6.597   -14.219 1.00 55.67 ? 136 TRP A CE2 1 
ATOM   1101 C CE3 . TRP A 1 136 ? -9.936  6.199   -11.837 1.00 55.29 ? 136 TRP A CE3 1 
ATOM   1102 C CZ2 . TRP A 1 136 ? -10.714 7.888   -13.988 1.00 60.19 ? 136 TRP A CZ2 1 
ATOM   1103 C CZ3 . TRP A 1 136 ? -10.430 7.482   -11.609 1.00 55.03 ? 136 TRP A CZ3 1 
ATOM   1104 C CH2 . TRP A 1 136 ? -10.820 8.308   -12.680 1.00 60.53 ? 136 TRP A CH2 1 
ATOM   1105 N N   . GLY A 1 137 ? -6.574  3.001   -15.584 1.00 38.91 ? 137 GLY A N   1 
ATOM   1106 C CA  . GLY A 1 137 ? -5.515  3.736   -16.251 1.00 34.19 ? 137 GLY A CA  1 
ATOM   1107 C C   . GLY A 1 137 ? -4.700  2.845   -17.159 1.00 31.39 ? 137 GLY A C   1 
ATOM   1108 O O   . GLY A 1 137 ? -4.785  2.972   -18.378 1.00 34.33 ? 137 GLY A O   1 
ATOM   1109 N N   . PRO A 1 138 ? -3.878  1.944   -16.592 1.00 28.77 ? 138 PRO A N   1 
ATOM   1110 C CA  . PRO A 1 138 ? -3.706  1.761   -15.147 1.00 27.14 ? 138 PRO A CA  1 
ATOM   1111 C C   . PRO A 1 138 ? -2.656  2.734   -14.606 1.00 28.49 ? 138 PRO A C   1 
ATOM   1112 O O   . PRO A 1 138 ? -1.823  3.240   -15.361 1.00 29.77 ? 138 PRO A O   1 
ATOM   1113 C CB  . PRO A 1 138 ? -3.250  0.311   -15.049 1.00 20.53 ? 138 PRO A CB  1 
ATOM   1114 C CG  . PRO A 1 138 ? -2.362  0.199   -16.235 1.00 23.95 ? 138 PRO A CG  1 
ATOM   1115 C CD  . PRO A 1 138 ? -3.180  0.876   -17.331 1.00 24.44 ? 138 PRO A CD  1 
ATOM   1116 N N   . VAL A 1 139 ? -2.696  2.999   -13.305 1.00 27.57 ? 139 VAL A N   1 
ATOM   1117 C CA  . VAL A 1 139 ? -1.734  3.908   -12.684 1.00 24.52 ? 139 VAL A CA  1 
ATOM   1118 C C   . VAL A 1 139 ? -1.092  3.225   -11.493 1.00 23.98 ? 139 VAL A C   1 
ATOM   1119 O O   . VAL A 1 139 ? -1.759  2.913   -10.505 1.00 21.84 ? 139 VAL A O   1 
ATOM   1120 C CB  . VAL A 1 139 ? -2.390  5.209   -12.172 1.00 26.76 ? 139 VAL A CB  1 
ATOM   1121 C CG1 . VAL A 1 139 ? -1.330  6.066   -11.487 1.00 19.88 ? 139 VAL A CG1 1 
ATOM   1122 C CG2 . VAL A 1 139 ? -3.053  5.975   -13.330 1.00 13.63 ? 139 VAL A CG2 1 
ATOM   1123 N N   . THR A 1 140 ? 0.211   3.013   -11.586 1.00 23.52 ? 140 THR A N   1 
ATOM   1124 C CA  . THR A 1 140 ? 0.942   2.346   -10.524 1.00 23.09 ? 140 THR A CA  1 
ATOM   1125 C C   . THR A 1 140 ? 2.183   3.133   -10.158 1.00 20.79 ? 140 THR A C   1 
ATOM   1126 O O   . THR A 1 140 ? 2.958   3.521   -11.033 1.00 21.52 ? 140 THR A O   1 
ATOM   1127 C CB  . THR A 1 140 ? 1.357   0.944   -10.981 1.00 25.31 ? 140 THR A CB  1 
ATOM   1128 O OG1 . THR A 1 140 ? 0.232   0.302   -11.604 1.00 14.27 ? 140 THR A OG1 1 
ATOM   1129 C CG2 . THR A 1 140 ? 1.849   0.125   -9.783  1.00 15.67 ? 140 THR A CG2 1 
ATOM   1130 N N   . ILE A 1 141 ? 2.373   3.368   -8.868  1.00 21.22 ? 141 ILE A N   1 
ATOM   1131 C CA  . ILE A 1 141 ? 3.530   4.134   -8.416  1.00 25.57 ? 141 ILE A CA  1 
ATOM   1132 C C   . ILE A 1 141 ? 4.301   3.364   -7.348  1.00 25.53 ? 141 ILE A C   1 
ATOM   1133 O O   . ILE A 1 141 ? 3.699   2.675   -6.515  1.00 26.03 ? 141 ILE A O   1 
ATOM   1134 C CB  . ILE A 1 141 ? 3.098   5.513   -7.818  1.00 23.80 ? 141 ILE A CB  1 
ATOM   1135 C CG1 . ILE A 1 141 ? 2.159   6.263   -8.775  1.00 14.82 ? 141 ILE A CG1 1 
ATOM   1136 C CG2 . ILE A 1 141 ? 4.334   6.349   -7.513  1.00 17.89 ? 141 ILE A CG2 1 
ATOM   1137 C CD1 . ILE A 1 141 ? 2.746   6.595   -10.152 1.00 22.11 ? 141 ILE A CD1 1 
ATOM   1138 N N   . ILE A 1 142 ? 5.624   3.481   -7.365  1.00 23.61 ? 142 ILE A N   1 
ATOM   1139 C CA  . ILE A 1 142 ? 6.440   2.805   -6.363  1.00 21.04 ? 142 ILE A CA  1 
ATOM   1140 C C   . ILE A 1 142 ? 7.034   3.887   -5.478  1.00 23.39 ? 142 ILE A C   1 
ATOM   1141 O O   . ILE A 1 142 ? 7.364   4.960   -5.976  1.00 27.04 ? 142 ILE A O   1 
ATOM   1142 C CB  . ILE A 1 142 ? 7.600   2.000   -6.991  1.00 16.91 ? 142 ILE A CB  1 
ATOM   1143 C CG1 . ILE A 1 142 ? 7.072   0.962   -7.985  1.00 17.29 ? 142 ILE A CG1 1 
ATOM   1144 C CG2 . ILE A 1 142 ? 8.378   1.299   -5.893  1.00 12.33 ? 142 ILE A CG2 1 
ATOM   1145 C CD1 . ILE A 1 142 ? 6.640   1.550   -9.314  1.00 38.93 ? 142 ILE A CD1 1 
ATOM   1146 N N   . ILE A 1 143 ? 7.163   3.616   -4.179  1.00 20.67 ? 143 ILE A N   1 
ATOM   1147 C CA  . ILE A 1 143 ? 7.731   4.589   -3.253  1.00 23.36 ? 143 ILE A CA  1 
ATOM   1148 C C   . ILE A 1 143 ? 8.436   3.891   -2.086  1.00 31.34 ? 143 ILE A C   1 
ATOM   1149 O O   . ILE A 1 143 ? 7.868   2.993   -1.451  1.00 29.11 ? 143 ILE A O   1 
ATOM   1150 C CB  . ILE A 1 143 ? 6.634   5.529   -2.647  1.00 31.89 ? 143 ILE A CB  1 
ATOM   1151 C CG1 . ILE A 1 143 ? 5.796   6.211   -3.738  1.00 31.15 ? 143 ILE A CG1 1 
ATOM   1152 C CG2 . ILE A 1 143 ? 7.300   6.587   -1.765  1.00 25.34 ? 143 ILE A CG2 1 
ATOM   1153 C CD1 . ILE A 1 143 ? 6.561   7.248   -4.566  1.00 52.35 ? 143 ILE A CD1 1 
ATOM   1154 N N   . ASP A 1 144 ? 9.675   4.304   -1.820  1.00 35.30 ? 144 ASP A N   1 
ATOM   1155 C CA  . ASP A 1 144 ? 10.458  3.781   -0.699  1.00 39.79 ? 144 ASP A CA  1 
ATOM   1156 C C   . ASP A 1 144 ? 10.604  4.931   0.274   1.00 40.85 ? 144 ASP A C   1 
ATOM   1157 O O   . ASP A 1 144 ? 10.657  6.089   -0.141  1.00 41.20 ? 144 ASP A O   1 
ATOM   1158 C CB  . ASP A 1 144 ? 11.860  3.360   -1.121  1.00 42.67 ? 144 ASP A CB  1 
ATOM   1159 C CG  . ASP A 1 144 ? 12.167  1.915   -0.775  1.00 55.66 ? 144 ASP A CG  1 
ATOM   1160 O OD1 . ASP A 1 144 ? 11.729  1.439   0.294   1.00 59.18 ? 144 ASP A OD1 1 
ATOM   1161 O OD2 . ASP A 1 144 ? 12.859  1.253   -1.580  1.00 60.52 ? 144 ASP A OD2 1 
ATOM   1162 N N   . SER A 1 145 ? 10.678  4.617   1.559   1.00 41.00 ? 145 SER A N   1 
ATOM   1163 C CA  . SER A 1 145 ? 10.830  5.659   2.558   1.00 41.40 ? 145 SER A CA  1 
ATOM   1164 C C   . SER A 1 145 ? 12.293  6.050   2.663   1.00 39.30 ? 145 SER A C   1 
ATOM   1165 O O   . SER A 1 145 ? 12.634  7.134   3.104   1.00 41.51 ? 145 SER A O   1 
ATOM   1166 C CB  . SER A 1 145 ? 10.317  5.172   3.909   1.00 45.49 ? 145 SER A CB  1 
ATOM   1167 O OG  . SER A 1 145 ? 10.892  3.925   4.231   1.00 41.10 ? 145 SER A OG  1 
ATOM   1168 N N   . ARG A 1 146 ? 13.163  5.153   2.248   1.00 44.33 ? 146 ARG A N   1 
ATOM   1169 C CA  . ARG A 1 146 ? 14.580  5.434   2.304   1.00 47.66 ? 146 ARG A CA  1 
ATOM   1170 C C   . ARG A 1 146 ? 14.938  6.356   1.144   1.00 46.51 ? 146 ARG A C   1 
ATOM   1171 O O   . ARG A 1 146 ? 16.091  6.765   0.982   1.00 49.33 ? 146 ARG A O   1 
ATOM   1172 C CB  . ARG A 1 146 ? 15.353  4.118   2.236   1.00 50.56 ? 146 ARG A CB  1 
ATOM   1173 C CG  . ARG A 1 146 ? 14.935  3.103   3.313   1.00 52.32 ? 146 ARG A CG  1 
ATOM   1174 C CD  . ARG A 1 146 ? 14.962  3.724   4.719   1.00 52.90 ? 146 ARG A CD  1 
ATOM   1175 N NE  . ARG A 1 146 ? 14.773  2.721   5.764   1.00 54.66 ? 146 ARG A NE  1 
ATOM   1176 C CZ  . ARG A 1 146 ? 15.584  1.684   5.955   1.00 60.24 ? 146 ARG A CZ  1 
ATOM   1177 N NH1 . ARG A 1 146 ? 16.644  1.511   5.171   1.00 59.33 ? 146 ARG A NH1 1 
ATOM   1178 N NH2 . ARG A 1 146 ? 15.335  0.811   6.923   1.00 65.30 ? 146 ARG A NH2 1 
ATOM   1179 N N   . GLU A 1 147 ? 13.902  6.723   0.391   1.00 49.54 ? 147 GLU A N   1 
ATOM   1180 C CA  . GLU A 1 147 ? 14.057  7.597   -0.765  1.00 52.16 ? 147 GLU A CA  1 
ATOM   1181 C C   . GLU A 1 147 ? 13.114  8.796   -0.731  1.00 53.84 ? 147 GLU A C   1 
ATOM   1182 O O   . GLU A 1 147 ? 12.800  9.368   -1.764  1.00 52.48 ? 147 GLU A O   1 
ATOM   1183 C CB  . GLU A 1 147 ? 13.769  6.796   -2.037  1.00 51.00 ? 147 GLU A CB  1 
ATOM   1184 C CG  . GLU A 1 147 ? 14.471  5.473   -2.094  1.00 59.99 ? 147 GLU A CG  1 
ATOM   1185 C CD  . GLU A 1 147 ? 15.278  5.285   -3.360  1.00 67.46 ? 147 GLU A CD  1 
ATOM   1186 O OE1 . GLU A 1 147 ? 14.667  5.203   -4.450  1.00 68.77 ? 147 GLU A OE1 1 
ATOM   1187 O OE2 . GLU A 1 147 ? 16.521  5.210   -3.262  1.00 70.35 ? 147 GLU A OE2 1 
ATOM   1188 N N   . ILE A 1 148 ? 12.646  9.204   0.420   1.00 52.75 ? 148 ILE A N   1 
ATOM   1189 C CA  . ILE A 1 148 ? 11.743  10.346  0.427   1.00 53.88 ? 148 ILE A CA  1 
ATOM   1190 C C   . ILE A 1 148 ? 11.873  11.262  1.606   1.00 58.61 ? 148 ILE A C   1 
ATOM   1191 O O   . ILE A 1 148 ? 10.984  12.136  1.774   1.00 59.49 ? 148 ILE A O   1 
ATOM   1192 C CB  . ILE A 1 148 ? 10.222  9.887   0.254   1.00 47.73 ? 148 ILE A CB  1 
ATOM   1193 C CG1 . ILE A 1 148 ? 9.666   9.251   1.540   1.00 47.74 ? 148 ILE A CG1 1 
ATOM   1194 C CG2 . ILE A 1 148 ? 10.099  8.931   -0.887  1.00 44.34 ? 148 ILE A CG2 1 
ATOM   1195 C CD1 . ILE A 1 148 ? 10.672  8.562   2.393   1.00 60.03 ? 148 ILE A CD1 1 
ATOM   1196 O OXT . ILE A 1 148 ? 12.875  11.127  2.361   1.00 65.26 ? 148 ILE A OXT 1 
HETATM 1197 O O   . HOH B 2 .   ? -3.231  10.204  -3.472  1.00 17.20 ? 149 HOH A O   1 
HETATM 1198 O O   . HOH B 2 .   ? -10.000 -3.513  7.946   1.00 44.37 ? 150 HOH A O   1 
HETATM 1199 O O   . HOH B 2 .   ? 17.807  -19.944 -7.172  1.00 31.28 ? 151 HOH A O   1 
HETATM 1200 O O   . HOH B 2 .   ? 15.567  -5.743  -2.584  1.00 29.40 ? 152 HOH A O   1 
HETATM 1201 O O   . HOH B 2 .   ? -15.437 -4.636  4.390   1.00 45.18 ? 153 HOH A O   1 
HETATM 1202 O O   . HOH B 2 .   ? -17.159 -6.897  -3.548  1.00 33.52 ? 154 HOH A O   1 
HETATM 1203 O O   . HOH B 2 .   ? -10.036 7.454   8.785   1.00 27.34 ? 155 HOH A O   1 
HETATM 1204 O O   . HOH B 2 .   ? 14.216  6.820   6.712   1.00 23.01 ? 156 HOH A O   1 
HETATM 1205 O O   . HOH B 2 .   ? 1.562   -10.744 2.226   1.00 35.13 ? 157 HOH A O   1 
HETATM 1206 O O   . HOH B 2 .   ? 1.414   -10.466 6.056   1.00 20.56 ? 158 HOH A O   1 
HETATM 1207 O O   . HOH B 2 .   ? -5.015  19.564  -1.678  1.00 36.37 ? 159 HOH A O   1 
HETATM 1208 O O   . HOH B 2 .   ? 10.862  -24.353 -0.745  1.00 29.28 ? 160 HOH A O   1 
HETATM 1209 O O   . HOH B 2 .   ? -3.207  16.419  -18.845 0.50 33.19 ? 161 HOH A O   1 
HETATM 1210 O O   . HOH B 2 .   ? 16.229  -8.703  0.202   1.00 38.12 ? 162 HOH A O   1 
HETATM 1211 O O   . HOH B 2 .   ? -8.958  -7.186  7.315   1.00 41.86 ? 163 HOH A O   1 
HETATM 1212 O O   . HOH B 2 .   ? -12.531 8.050   2.111   1.00 37.10 ? 164 HOH A O   1 
HETATM 1213 O O   . HOH B 2 .   ? -10.544 13.779  4.990   1.00 30.44 ? 165 HOH A O   1 
HETATM 1214 O O   . HOH B 2 .   ? 2.889   14.318  10.515  1.00 50.80 ? 166 HOH A O   1 
HETATM 1215 O O   . HOH B 2 .   ? -3.980  11.293  -13.684 1.00 23.05 ? 167 HOH A O   1 
HETATM 1216 O O   . HOH B 2 .   ? -1.096  -1.806  -5.206  1.00 38.27 ? 168 HOH A O   1 
HETATM 1217 O O   . HOH B 2 .   ? -12.110 16.635  -21.972 1.00 34.11 ? 169 HOH A O   1 
HETATM 1218 O O   . HOH B 2 .   ? -2.965  -6.952  5.019   1.00 23.30 ? 170 HOH A O   1 
HETATM 1219 O O   . HOH B 2 .   ? -4.488  19.171  -19.764 1.00 32.26 ? 171 HOH A O   1 
HETATM 1220 O O   . HOH B 2 .   ? -9.818  21.005  -13.545 1.00 44.90 ? 172 HOH A O   1 
HETATM 1221 O O   . HOH B 2 .   ? -8.707  9.924   -11.081 1.00 40.06 ? 173 HOH A O   1 
HETATM 1222 O O   . HOH B 2 .   ? -13.966 18.689  -13.509 1.00 32.60 ? 174 HOH A O   1 
HETATM 1223 O O   . HOH B 2 .   ? -9.668  11.277  -17.777 1.00 32.29 ? 175 HOH A O   1 
HETATM 1224 O O   . HOH B 2 .   ? -10.975 -4.082  5.807   1.00 26.78 ? 176 HOH A O   1 
HETATM 1225 O O   . HOH B 2 .   ? -3.710  16.226  -0.737  1.00 20.15 ? 177 HOH A O   1 
HETATM 1226 O O   . HOH B 2 .   ? -6.182  -17.105 8.342   1.00 40.00 ? 178 HOH A O   1 
HETATM 1227 O O   . HOH B 2 .   ? 9.497   3.556   15.657  1.00 39.14 ? 179 HOH A O   1 
HETATM 1228 O O   . HOH B 2 .   ? -9.697  -18.414 8.681   1.00 56.32 ? 180 HOH A O   1 
# 
loop_
_pdbx_poly_seq_scheme.asym_id 
_pdbx_poly_seq_scheme.entity_id 
_pdbx_poly_seq_scheme.seq_id 
_pdbx_poly_seq_scheme.mon_id 
_pdbx_poly_seq_scheme.ndb_seq_num 
_pdbx_poly_seq_scheme.pdb_seq_num 
_pdbx_poly_seq_scheme.auth_seq_num 
_pdbx_poly_seq_scheme.pdb_mon_id 
_pdbx_poly_seq_scheme.auth_mon_id 
_pdbx_poly_seq_scheme.pdb_strand_id 
_pdbx_poly_seq_scheme.pdb_ins_code 
_pdbx_poly_seq_scheme.hetero 
A 1 1   MET 1   1   1   MET MET A . n 
A 1 2   ARG 2   2   2   ARG ARG A . n 
A 1 3   ALA 3   3   3   ALA ALA A . n 
A 1 4   VAL 4   4   4   VAL VAL A . n 
A 1 5   ILE 5   5   5   ILE ILE A . n 
A 1 6   GLN 6   6   6   GLN GLN A . n 
A 1 7   ARG 7   7   7   ARG ARG A . n 
A 1 8   VAL 8   8   8   VAL VAL A . n 
A 1 9   LYS 9   9   9   LYS LYS A . n 
A 1 10  LYS 10  10  10  LYS LYS A . n 
A 1 11  SER 11  11  11  SER SER A . n 
A 1 12  TRP 12  12  12  TRP TRP A . n 
A 1 13  VAL 13  13  13  VAL VAL A . n 
A 1 14  GLU 14  14  14  GLU GLU A . n 
A 1 15  VAL 15  15  15  VAL VAL A . n 
A 1 16  ASP 16  16  16  ASP ASP A . n 
A 1 17  GLY 17  17  17  GLY GLY A . n 
A 1 18  LYS 18  18  18  LYS LYS A . n 
A 1 19  VAL 19  19  19  VAL VAL A . n 
A 1 20  VAL 20  20  20  VAL VAL A . n 
A 1 21  GLY 21  21  21  GLY GLY A . n 
A 1 22  SER 22  22  22  SER SER A . n 
A 1 23  ILE 23  23  23  ILE ILE A . n 
A 1 24  ASN 24  24  24  ASN ASN A . n 
A 1 25  GLU 25  25  25  GLU GLU A . n 
A 1 26  GLY 26  26  26  GLY GLY A . n 
A 1 27  LEU 27  27  27  LEU LEU A . n 
A 1 28  ASN 28  28  28  ASN ASN A . n 
A 1 29  VAL 29  29  29  VAL VAL A . n 
A 1 30  PHE 30  30  30  PHE PHE A . n 
A 1 31  LEU 31  31  31  LEU LEU A . n 
A 1 32  GLY 32  32  32  GLY GLY A . n 
A 1 33  VAL 33  33  33  VAL VAL A . n 
A 1 34  ARG 34  34  34  ARG ARG A . n 
A 1 35  LYS 35  35  35  LYS LYS A . n 
A 1 36  GLY 36  36  36  GLY GLY A . n 
A 1 37  ASP 37  37  37  ASP ASP A . n 
A 1 38  THR 38  38  38  THR THR A . n 
A 1 39  GLU 39  39  39  GLU GLU A . n 
A 1 40  GLU 40  40  40  GLU GLU A . n 
A 1 41  ASP 41  41  41  ASP ASP A . n 
A 1 42  ILE 42  42  42  ILE ILE A . n 
A 1 43  GLU 43  43  43  GLU GLU A . n 
A 1 44  LYS 44  44  44  LYS LYS A . n 
A 1 45  LEU 45  45  45  LEU LEU A . n 
A 1 46  VAL 46  46  46  VAL VAL A . n 
A 1 47  ASN 47  47  47  ASN ASN A . n 
A 1 48  LYS 48  48  48  LYS LYS A . n 
A 1 49  ILE 49  49  49  ILE ILE A . n 
A 1 50  LEU 50  50  50  LEU LEU A . n 
A 1 51  ASN 51  51  51  ASN ASN A . n 
A 1 52  LEU 52  52  52  LEU LEU A . n 
A 1 53  ARG 53  53  53  ARG ARG A . n 
A 1 54  ILE 54  54  54  ILE ILE A . n 
A 1 55  PHE 55  55  55  PHE PHE A . n 
A 1 56  GLU 56  56  56  GLU GLU A . n 
A 1 57  ASP 57  57  57  ASP ASP A . n 
A 1 58  GLU 58  58  58  GLU GLU A . n 
A 1 59  ARG 59  59  59  ARG ARG A . n 
A 1 60  GLY 60  60  60  GLY GLY A . n 
A 1 61  LYS 61  61  61  LYS LYS A . n 
A 1 62  PHE 62  62  62  PHE PHE A . n 
A 1 63  GLN 63  63  63  GLN GLN A . n 
A 1 64  TYR 64  64  64  TYR TYR A . n 
A 1 65  SER 65  65  65  SER SER A . n 
A 1 66  VAL 66  66  66  VAL VAL A . n 
A 1 67  LEU 67  67  67  LEU LEU A . n 
A 1 68  ASP 68  68  68  ASP ASP A . n 
A 1 69  ILE 69  69  69  ILE ILE A . n 
A 1 70  LYS 70  70  70  LYS LYS A . n 
A 1 71  GLY 71  71  71  GLY GLY A . n 
A 1 72  GLU 72  72  72  GLU GLU A . n 
A 1 73  ILE 73  73  73  ILE ILE A . n 
A 1 74  LEU 74  74  74  LEU LEU A . n 
A 1 75  VAL 75  75  75  VAL VAL A . n 
A 1 76  VAL 76  76  76  VAL VAL A . n 
A 1 77  SER 77  77  77  SER SER A . n 
A 1 78  GLN 78  78  78  GLN GLN A . n 
A 1 79  PHE 79  79  79  PHE PHE A . n 
A 1 80  THR 80  80  80  THR THR A . n 
A 1 81  LEU 81  81  81  LEU LEU A . n 
A 1 82  TYR 82  82  82  TYR TYR A . n 
A 1 83  ALA 83  83  83  ALA ALA A . n 
A 1 84  ASN 84  84  84  ASN ASN A . n 
A 1 85  VAL 85  85  85  VAL VAL A . n 
A 1 86  LYS 86  86  86  LYS LYS A . n 
A 1 87  LYS 87  87  87  LYS LYS A . n 
A 1 88  GLY 88  88  88  GLY GLY A . n 
A 1 89  ARG 89  89  89  ARG ARG A . n 
A 1 90  ARG 90  90  90  ARG ARG A . n 
A 1 91  PRO 91  91  91  PRO PRO A . n 
A 1 92  SER 92  92  92  SER SER A . n 
A 1 93  PHE 93  93  93  PHE PHE A . n 
A 1 94  GLU 94  94  94  GLU GLU A . n 
A 1 95  GLU 95  95  95  GLU GLU A . n 
A 1 96  ALA 96  96  96  ALA ALA A . n 
A 1 97  GLU 97  97  97  GLU GLU A . n 
A 1 98  GLU 98  98  98  GLU GLU A . n 
A 1 99  PRO 99  99  99  PRO PRO A . n 
A 1 100 LYS 100 100 100 LYS LYS A . n 
A 1 101 ARG 101 101 101 ARG ARG A . n 
A 1 102 ALA 102 102 102 ALA ALA A . n 
A 1 103 LYS 103 103 103 LYS LYS A . n 
A 1 104 GLU 104 104 104 GLU GLU A . n 
A 1 105 LEU 105 105 105 LEU LEU A . n 
A 1 106 TYR 106 106 106 TYR TYR A . n 
A 1 107 GLU 107 107 107 GLU GLU A . n 
A 1 108 LYS 108 108 108 LYS LYS A . n 
A 1 109 PHE 109 109 109 PHE PHE A . n 
A 1 110 VAL 110 110 110 VAL VAL A . n 
A 1 111 ASP 111 111 111 ASP ASP A . n 
A 1 112 LYS 112 112 112 LYS LYS A . n 
A 1 113 ILE 113 113 113 ILE ILE A . n 
A 1 114 LYS 114 114 114 LYS LYS A . n 
A 1 115 GLU 115 115 115 GLU GLU A . n 
A 1 116 SER 116 116 116 SER SER A . n 
A 1 117 GLY 117 117 117 GLY GLY A . n 
A 1 118 LEU 118 118 118 LEU LEU A . n 
A 1 119 LYS 119 119 119 LYS LYS A . n 
A 1 120 VAL 120 120 120 VAL VAL A . n 
A 1 121 GLU 121 121 121 GLU GLU A . n 
A 1 122 THR 122 122 122 THR THR A . n 
A 1 123 GLY 123 123 123 GLY GLY A . n 
A 1 124 ILE 124 124 124 ILE ILE A . n 
A 1 125 PHE 125 125 125 PHE PHE A . n 
A 1 126 GLY 126 126 126 GLY GLY A . n 
A 1 127 ALA 127 127 127 ALA ALA A . n 
A 1 128 MET 128 128 128 MET MET A . n 
A 1 129 MET 129 129 129 MET MET A . n 
A 1 130 ASP 130 130 130 ASP ASP A . n 
A 1 131 VAL 131 131 131 VAL VAL A . n 
A 1 132 PHE 132 132 132 PHE PHE A . n 
A 1 133 ILE 133 133 133 ILE ILE A . n 
A 1 134 GLU 134 134 134 GLU GLU A . n 
A 1 135 ASN 135 135 135 ASN ASN A . n 
A 1 136 TRP 136 136 136 TRP TRP A . n 
A 1 137 GLY 137 137 137 GLY GLY A . n 
A 1 138 PRO 138 138 138 PRO PRO A . n 
A 1 139 VAL 139 139 139 VAL VAL A . n 
A 1 140 THR 140 140 140 THR THR A . n 
A 1 141 ILE 141 141 141 ILE ILE A . n 
A 1 142 ILE 142 142 142 ILE ILE A . n 
A 1 143 ILE 143 143 143 ILE ILE A . n 
A 1 144 ASP 144 144 144 ASP ASP A . n 
A 1 145 SER 145 145 145 SER SER A . n 
A 1 146 ARG 146 146 146 ARG ARG A . n 
A 1 147 GLU 147 147 147 GLU GLU A . n 
A 1 148 ILE 148 148 148 ILE ILE A . n 
# 
_pdbx_SG_project.id                    1 
_pdbx_SG_project.project_name          'NPPSFA, National Project on Protein Structural and Functional Analyses' 
_pdbx_SG_project.full_name_of_center   'RIKEN Structural Genomics/Proteomics Initiative' 
_pdbx_SG_project.initial_of_center     RSGI 
# 
loop_
_pdbx_nonpoly_scheme.asym_id 
_pdbx_nonpoly_scheme.entity_id 
_pdbx_nonpoly_scheme.mon_id 
_pdbx_nonpoly_scheme.ndb_seq_num 
_pdbx_nonpoly_scheme.pdb_seq_num 
_pdbx_nonpoly_scheme.auth_seq_num 
_pdbx_nonpoly_scheme.pdb_mon_id 
_pdbx_nonpoly_scheme.auth_mon_id 
_pdbx_nonpoly_scheme.pdb_strand_id 
_pdbx_nonpoly_scheme.pdb_ins_code 
B 2 HOH 1  149 1  HOH HOH A . 
B 2 HOH 2  150 2  HOH HOH A . 
B 2 HOH 3  151 3  HOH HOH A . 
B 2 HOH 4  152 4  HOH HOH A . 
B 2 HOH 5  153 5  HOH HOH A . 
B 2 HOH 6  154 6  HOH HOH A . 
B 2 HOH 7  155 7  HOH HOH A . 
B 2 HOH 8  156 8  HOH HOH A . 
B 2 HOH 9  157 9  HOH HOH A . 
B 2 HOH 10 158 10 HOH HOH A . 
B 2 HOH 11 159 11 HOH HOH A . 
B 2 HOH 12 160 12 HOH HOH A . 
B 2 HOH 13 161 13 HOH HOH A . 
B 2 HOH 14 162 14 HOH HOH A . 
B 2 HOH 15 163 15 HOH HOH A . 
B 2 HOH 16 164 16 HOH HOH A . 
B 2 HOH 17 165 17 HOH HOH A . 
B 2 HOH 18 166 18 HOH HOH A . 
B 2 HOH 19 167 19 HOH HOH A . 
B 2 HOH 20 168 20 HOH HOH A . 
B 2 HOH 21 169 21 HOH HOH A . 
B 2 HOH 22 170 22 HOH HOH A . 
B 2 HOH 23 171 23 HOH HOH A . 
B 2 HOH 24 172 24 HOH HOH A . 
B 2 HOH 25 173 25 HOH HOH A . 
B 2 HOH 26 174 26 HOH HOH A . 
B 2 HOH 27 175 27 HOH HOH A . 
B 2 HOH 28 176 28 HOH HOH A . 
B 2 HOH 29 177 29 HOH HOH A . 
B 2 HOH 30 178 30 HOH HOH A . 
B 2 HOH 31 179 31 HOH HOH A . 
B 2 HOH 32 180 32 HOH HOH A . 
# 
_pdbx_struct_assembly.id                   1 
_pdbx_struct_assembly.details              author_and_software_defined_assembly 
_pdbx_struct_assembly.method_details       PISA,PQS 
_pdbx_struct_assembly.oligomeric_details   dimeric 
_pdbx_struct_assembly.oligomeric_count     2 
# 
_pdbx_struct_assembly_gen.assembly_id       1 
_pdbx_struct_assembly_gen.oper_expression   1,2 
_pdbx_struct_assembly_gen.asym_id_list      A,B 
# 
loop_
_pdbx_struct_assembly_prop.biol_id 
_pdbx_struct_assembly_prop.type 
_pdbx_struct_assembly_prop.value 
_pdbx_struct_assembly_prop.details 
1 'ABSA (A^2)' 3950  ? 
1 MORE         -17   ? 
1 'SSA (A^2)'  12690 ? 
# 
loop_
_pdbx_struct_oper_list.id 
_pdbx_struct_oper_list.type 
_pdbx_struct_oper_list.name 
_pdbx_struct_oper_list.symmetry_operation 
_pdbx_struct_oper_list.matrix[1][1] 
_pdbx_struct_oper_list.matrix[1][2] 
_pdbx_struct_oper_list.matrix[1][3] 
_pdbx_struct_oper_list.vector[1] 
_pdbx_struct_oper_list.matrix[2][1] 
_pdbx_struct_oper_list.matrix[2][2] 
_pdbx_struct_oper_list.matrix[2][3] 
_pdbx_struct_oper_list.vector[2] 
_pdbx_struct_oper_list.matrix[3][1] 
_pdbx_struct_oper_list.matrix[3][2] 
_pdbx_struct_oper_list.matrix[3][3] 
_pdbx_struct_oper_list.vector[3] 
1 'identity operation'         1_555 x,y,z          1.0000000000 0.0000000000 0.0000000000 0.0000000000 0.0000000000 1.0000000000  0.0000000000 0.0000000000  0.0000000000 0.0000000000 1.0000000000  0.0000000000   
2 'crystal symmetry operation' 9_555 -x,-x+y,-z+1/3 0.7328087929 0.6258804414 0.2669549516 4.9448521387 0.6258804414 -0.7739356307 0.0964225733 -6.5378678970 0.2669549516 0.0964225733 -0.9588731622 -16.7689701690 
# 
_pdbx_struct_special_symmetry.id              1 
_pdbx_struct_special_symmetry.PDB_model_num   1 
_pdbx_struct_special_symmetry.auth_asym_id    A 
_pdbx_struct_special_symmetry.auth_comp_id    HOH 
_pdbx_struct_special_symmetry.auth_seq_id     161 
_pdbx_struct_special_symmetry.PDB_ins_code    ? 
_pdbx_struct_special_symmetry.label_asym_id   B 
_pdbx_struct_special_symmetry.label_comp_id   HOH 
_pdbx_struct_special_symmetry.label_seq_id    . 
# 
loop_
_pdbx_audit_revision_history.ordinal 
_pdbx_audit_revision_history.data_content_type 
_pdbx_audit_revision_history.major_revision 
_pdbx_audit_revision_history.minor_revision 
_pdbx_audit_revision_history.revision_date 
1 'Structure model' 1 0 2006-06-15 
2 'Structure model' 1 1 2008-04-30 
3 'Structure model' 1 2 2011-07-13 
4 'Structure model' 1 3 2023-10-25 
# 
_pdbx_audit_revision_details.ordinal             1 
_pdbx_audit_revision_details.revision_ordinal    1 
_pdbx_audit_revision_details.data_content_type   'Structure model' 
_pdbx_audit_revision_details.provider            repository 
_pdbx_audit_revision_details.type                'Initial release' 
_pdbx_audit_revision_details.description         ? 
_pdbx_audit_revision_details.details             ? 
# 
loop_
_pdbx_audit_revision_group.ordinal 
_pdbx_audit_revision_group.revision_ordinal 
_pdbx_audit_revision_group.data_content_type 
_pdbx_audit_revision_group.group 
1 2 'Structure model' 'Version format compliance' 
2 3 'Structure model' 'Derived calculations'      
3 3 'Structure model' 'Source and taxonomy'       
4 3 'Structure model' 'Version format compliance' 
5 4 'Structure model' 'Data collection'           
6 4 'Structure model' 'Database references'       
7 4 'Structure model' 'Refinement description'    
# 
loop_
_pdbx_audit_revision_category.ordinal 
_pdbx_audit_revision_category.revision_ordinal 
_pdbx_audit_revision_category.data_content_type 
_pdbx_audit_revision_category.category 
1 4 'Structure model' chem_comp_atom                
2 4 'Structure model' chem_comp_bond                
3 4 'Structure model' database_2                    
4 4 'Structure model' pdbx_initial_refinement_model 
# 
loop_
_pdbx_audit_revision_item.ordinal 
_pdbx_audit_revision_item.revision_ordinal 
_pdbx_audit_revision_item.data_content_type 
_pdbx_audit_revision_item.item 
1 4 'Structure model' '_database_2.pdbx_DOI'                
2 4 'Structure model' '_database_2.pdbx_database_accession' 
# 
loop_
_software.name 
_software.classification 
_software.version 
_software.citation_id 
_software.pdbx_ordinal 
CNS       refinement       1.1 ? 1 
HKL-2000  'data reduction' .   ? 2 
SCALEPACK 'data scaling'   .   ? 3 
MOLREP    phasing          .   ? 4 
# 
_pdbx_validate_symm_contact.id                1 
_pdbx_validate_symm_contact.PDB_model_num     1 
_pdbx_validate_symm_contact.auth_atom_id_1    NZ 
_pdbx_validate_symm_contact.auth_asym_id_1    A 
_pdbx_validate_symm_contact.auth_comp_id_1    LYS 
_pdbx_validate_symm_contact.auth_seq_id_1     48 
_pdbx_validate_symm_contact.PDB_ins_code_1    ? 
_pdbx_validate_symm_contact.label_alt_id_1    ? 
_pdbx_validate_symm_contact.site_symmetry_1   1_555 
_pdbx_validate_symm_contact.auth_atom_id_2    O 
_pdbx_validate_symm_contact.auth_asym_id_2    A 
_pdbx_validate_symm_contact.auth_comp_id_2    VAL 
_pdbx_validate_symm_contact.auth_seq_id_2     85 
_pdbx_validate_symm_contact.PDB_ins_code_2    ? 
_pdbx_validate_symm_contact.label_alt_id_2    ? 
_pdbx_validate_symm_contact.site_symmetry_2   9_555 
_pdbx_validate_symm_contact.dist              2.17 
# 
loop_
_pdbx_validate_torsion.id 
_pdbx_validate_torsion.PDB_model_num 
_pdbx_validate_torsion.auth_comp_id 
_pdbx_validate_torsion.auth_asym_id 
_pdbx_validate_torsion.auth_seq_id 
_pdbx_validate_torsion.PDB_ins_code 
_pdbx_validate_torsion.label_alt_id 
_pdbx_validate_torsion.phi 
_pdbx_validate_torsion.psi 
1 1 SER A 11  ? ? -170.99 133.23  
2 1 ASN A 24  ? ? -102.09 -131.98 
3 1 ASP A 37  ? ? -29.06  139.59  
4 1 ASP A 57  ? ? -123.60 -157.56 
5 1 GLN A 78  ? ? -155.04 77.47   
6 1 TYR A 82  ? ? -108.76 41.75   
7 1 LYS A 87  ? ? -111.28 -97.64  
8 1 GLU A 104 ? ? -45.91  -75.67  
# 
loop_
_chem_comp_atom.comp_id 
_chem_comp_atom.atom_id 
_chem_comp_atom.type_symbol 
_chem_comp_atom.pdbx_aromatic_flag 
_chem_comp_atom.pdbx_stereo_config 
_chem_comp_atom.pdbx_ordinal 
ALA N    N N N 1   
ALA CA   C N S 2   
ALA C    C N N 3   
ALA O    O N N 4   
ALA CB   C N N 5   
ALA OXT  O N N 6   
ALA H    H N N 7   
ALA H2   H N N 8   
ALA HA   H N N 9   
ALA HB1  H N N 10  
ALA HB2  H N N 11  
ALA HB3  H N N 12  
ALA HXT  H N N 13  
ARG N    N N N 14  
ARG CA   C N S 15  
ARG C    C N N 16  
ARG O    O N N 17  
ARG CB   C N N 18  
ARG CG   C N N 19  
ARG CD   C N N 20  
ARG NE   N N N 21  
ARG CZ   C N N 22  
ARG NH1  N N N 23  
ARG NH2  N N N 24  
ARG OXT  O N N 25  
ARG H    H N N 26  
ARG H2   H N N 27  
ARG HA   H N N 28  
ARG HB2  H N N 29  
ARG HB3  H N N 30  
ARG HG2  H N N 31  
ARG HG3  H N N 32  
ARG HD2  H N N 33  
ARG HD3  H N N 34  
ARG HE   H N N 35  
ARG HH11 H N N 36  
ARG HH12 H N N 37  
ARG HH21 H N N 38  
ARG HH22 H N N 39  
ARG HXT  H N N 40  
ASN N    N N N 41  
ASN CA   C N S 42  
ASN C    C N N 43  
ASN O    O N N 44  
ASN CB   C N N 45  
ASN CG   C N N 46  
ASN OD1  O N N 47  
ASN ND2  N N N 48  
ASN OXT  O N N 49  
ASN H    H N N 50  
ASN H2   H N N 51  
ASN HA   H N N 52  
ASN HB2  H N N 53  
ASN HB3  H N N 54  
ASN HD21 H N N 55  
ASN HD22 H N N 56  
ASN HXT  H N N 57  
ASP N    N N N 58  
ASP CA   C N S 59  
ASP C    C N N 60  
ASP O    O N N 61  
ASP CB   C N N 62  
ASP CG   C N N 63  
ASP OD1  O N N 64  
ASP OD2  O N N 65  
ASP OXT  O N N 66  
ASP H    H N N 67  
ASP H2   H N N 68  
ASP HA   H N N 69  
ASP HB2  H N N 70  
ASP HB3  H N N 71  
ASP HD2  H N N 72  
ASP HXT  H N N 73  
GLN N    N N N 74  
GLN CA   C N S 75  
GLN C    C N N 76  
GLN O    O N N 77  
GLN CB   C N N 78  
GLN CG   C N N 79  
GLN CD   C N N 80  
GLN OE1  O N N 81  
GLN NE2  N N N 82  
GLN OXT  O N N 83  
GLN H    H N N 84  
GLN H2   H N N 85  
GLN HA   H N N 86  
GLN HB2  H N N 87  
GLN HB3  H N N 88  
GLN HG2  H N N 89  
GLN HG3  H N N 90  
GLN HE21 H N N 91  
GLN HE22 H N N 92  
GLN HXT  H N N 93  
GLU N    N N N 94  
GLU CA   C N S 95  
GLU C    C N N 96  
GLU O    O N N 97  
GLU CB   C N N 98  
GLU CG   C N N 99  
GLU CD   C N N 100 
GLU OE1  O N N 101 
GLU OE2  O N N 102 
GLU OXT  O N N 103 
GLU H    H N N 104 
GLU H2   H N N 105 
GLU HA   H N N 106 
GLU HB2  H N N 107 
GLU HB3  H N N 108 
GLU HG2  H N N 109 
GLU HG3  H N N 110 
GLU HE2  H N N 111 
GLU HXT  H N N 112 
GLY N    N N N 113 
GLY CA   C N N 114 
GLY C    C N N 115 
GLY O    O N N 116 
GLY OXT  O N N 117 
GLY H    H N N 118 
GLY H2   H N N 119 
GLY HA2  H N N 120 
GLY HA3  H N N 121 
GLY HXT  H N N 122 
HOH O    O N N 123 
HOH H1   H N N 124 
HOH H2   H N N 125 
ILE N    N N N 126 
ILE CA   C N S 127 
ILE C    C N N 128 
ILE O    O N N 129 
ILE CB   C N S 130 
ILE CG1  C N N 131 
ILE CG2  C N N 132 
ILE CD1  C N N 133 
ILE OXT  O N N 134 
ILE H    H N N 135 
ILE H2   H N N 136 
ILE HA   H N N 137 
ILE HB   H N N 138 
ILE HG12 H N N 139 
ILE HG13 H N N 140 
ILE HG21 H N N 141 
ILE HG22 H N N 142 
ILE HG23 H N N 143 
ILE HD11 H N N 144 
ILE HD12 H N N 145 
ILE HD13 H N N 146 
ILE HXT  H N N 147 
LEU N    N N N 148 
LEU CA   C N S 149 
LEU C    C N N 150 
LEU O    O N N 151 
LEU CB   C N N 152 
LEU CG   C N N 153 
LEU CD1  C N N 154 
LEU CD2  C N N 155 
LEU OXT  O N N 156 
LEU H    H N N 157 
LEU H2   H N N 158 
LEU HA   H N N 159 
LEU HB2  H N N 160 
LEU HB3  H N N 161 
LEU HG   H N N 162 
LEU HD11 H N N 163 
LEU HD12 H N N 164 
LEU HD13 H N N 165 
LEU HD21 H N N 166 
LEU HD22 H N N 167 
LEU HD23 H N N 168 
LEU HXT  H N N 169 
LYS N    N N N 170 
LYS CA   C N S 171 
LYS C    C N N 172 
LYS O    O N N 173 
LYS CB   C N N 174 
LYS CG   C N N 175 
LYS CD   C N N 176 
LYS CE   C N N 177 
LYS NZ   N N N 178 
LYS OXT  O N N 179 
LYS H    H N N 180 
LYS H2   H N N 181 
LYS HA   H N N 182 
LYS HB2  H N N 183 
LYS HB3  H N N 184 
LYS HG2  H N N 185 
LYS HG3  H N N 186 
LYS HD2  H N N 187 
LYS HD3  H N N 188 
LYS HE2  H N N 189 
LYS HE3  H N N 190 
LYS HZ1  H N N 191 
LYS HZ2  H N N 192 
LYS HZ3  H N N 193 
LYS HXT  H N N 194 
MET N    N N N 195 
MET CA   C N S 196 
MET C    C N N 197 
MET O    O N N 198 
MET CB   C N N 199 
MET CG   C N N 200 
MET SD   S N N 201 
MET CE   C N N 202 
MET OXT  O N N 203 
MET H    H N N 204 
MET H2   H N N 205 
MET HA   H N N 206 
MET HB2  H N N 207 
MET HB3  H N N 208 
MET HG2  H N N 209 
MET HG3  H N N 210 
MET HE1  H N N 211 
MET HE2  H N N 212 
MET HE3  H N N 213 
MET HXT  H N N 214 
PHE N    N N N 215 
PHE CA   C N S 216 
PHE C    C N N 217 
PHE O    O N N 218 
PHE CB   C N N 219 
PHE CG   C Y N 220 
PHE CD1  C Y N 221 
PHE CD2  C Y N 222 
PHE CE1  C Y N 223 
PHE CE2  C Y N 224 
PHE CZ   C Y N 225 
PHE OXT  O N N 226 
PHE H    H N N 227 
PHE H2   H N N 228 
PHE HA   H N N 229 
PHE HB2  H N N 230 
PHE HB3  H N N 231 
PHE HD1  H N N 232 
PHE HD2  H N N 233 
PHE HE1  H N N 234 
PHE HE2  H N N 235 
PHE HZ   H N N 236 
PHE HXT  H N N 237 
PRO N    N N N 238 
PRO CA   C N S 239 
PRO C    C N N 240 
PRO O    O N N 241 
PRO CB   C N N 242 
PRO CG   C N N 243 
PRO CD   C N N 244 
PRO OXT  O N N 245 
PRO H    H N N 246 
PRO HA   H N N 247 
PRO HB2  H N N 248 
PRO HB3  H N N 249 
PRO HG2  H N N 250 
PRO HG3  H N N 251 
PRO HD2  H N N 252 
PRO HD3  H N N 253 
PRO HXT  H N N 254 
SER N    N N N 255 
SER CA   C N S 256 
SER C    C N N 257 
SER O    O N N 258 
SER CB   C N N 259 
SER OG   O N N 260 
SER OXT  O N N 261 
SER H    H N N 262 
SER H2   H N N 263 
SER HA   H N N 264 
SER HB2  H N N 265 
SER HB3  H N N 266 
SER HG   H N N 267 
SER HXT  H N N 268 
THR N    N N N 269 
THR CA   C N S 270 
THR C    C N N 271 
THR O    O N N 272 
THR CB   C N R 273 
THR OG1  O N N 274 
THR CG2  C N N 275 
THR OXT  O N N 276 
THR H    H N N 277 
THR H2   H N N 278 
THR HA   H N N 279 
THR HB   H N N 280 
THR HG1  H N N 281 
THR HG21 H N N 282 
THR HG22 H N N 283 
THR HG23 H N N 284 
THR HXT  H N N 285 
TRP N    N N N 286 
TRP CA   C N S 287 
TRP C    C N N 288 
TRP O    O N N 289 
TRP CB   C N N 290 
TRP CG   C Y N 291 
TRP CD1  C Y N 292 
TRP CD2  C Y N 293 
TRP NE1  N Y N 294 
TRP CE2  C Y N 295 
TRP CE3  C Y N 296 
TRP CZ2  C Y N 297 
TRP CZ3  C Y N 298 
TRP CH2  C Y N 299 
TRP OXT  O N N 300 
TRP H    H N N 301 
TRP H2   H N N 302 
TRP HA   H N N 303 
TRP HB2  H N N 304 
TRP HB3  H N N 305 
TRP HD1  H N N 306 
TRP HE1  H N N 307 
TRP HE3  H N N 308 
TRP HZ2  H N N 309 
TRP HZ3  H N N 310 
TRP HH2  H N N 311 
TRP HXT  H N N 312 
TYR N    N N N 313 
TYR CA   C N S 314 
TYR C    C N N 315 
TYR O    O N N 316 
TYR CB   C N N 317 
TYR CG   C Y N 318 
TYR CD1  C Y N 319 
TYR CD2  C Y N 320 
TYR CE1  C Y N 321 
TYR CE2  C Y N 322 
TYR CZ   C Y N 323 
TYR OH   O N N 324 
TYR OXT  O N N 325 
TYR H    H N N 326 
TYR H2   H N N 327 
TYR HA   H N N 328 
TYR HB2  H N N 329 
TYR HB3  H N N 330 
TYR HD1  H N N 331 
TYR HD2  H N N 332 
TYR HE1  H N N 333 
TYR HE2  H N N 334 
TYR HH   H N N 335 
TYR HXT  H N N 336 
VAL N    N N N 337 
VAL CA   C N S 338 
VAL C    C N N 339 
VAL O    O N N 340 
VAL CB   C N N 341 
VAL CG1  C N N 342 
VAL CG2  C N N 343 
VAL OXT  O N N 344 
VAL H    H N N 345 
VAL H2   H N N 346 
VAL HA   H N N 347 
VAL HB   H N N 348 
VAL HG11 H N N 349 
VAL HG12 H N N 350 
VAL HG13 H N N 351 
VAL HG21 H N N 352 
VAL HG22 H N N 353 
VAL HG23 H N N 354 
VAL HXT  H N N 355 
# 
loop_
_chem_comp_bond.comp_id 
_chem_comp_bond.atom_id_1 
_chem_comp_bond.atom_id_2 
_chem_comp_bond.value_order 
_chem_comp_bond.pdbx_aromatic_flag 
_chem_comp_bond.pdbx_stereo_config 
_chem_comp_bond.pdbx_ordinal 
ALA N   CA   sing N N 1   
ALA N   H    sing N N 2   
ALA N   H2   sing N N 3   
ALA CA  C    sing N N 4   
ALA CA  CB   sing N N 5   
ALA CA  HA   sing N N 6   
ALA C   O    doub N N 7   
ALA C   OXT  sing N N 8   
ALA CB  HB1  sing N N 9   
ALA CB  HB2  sing N N 10  
ALA CB  HB3  sing N N 11  
ALA OXT HXT  sing N N 12  
ARG N   CA   sing N N 13  
ARG N   H    sing N N 14  
ARG N   H2   sing N N 15  
ARG CA  C    sing N N 16  
ARG CA  CB   sing N N 17  
ARG CA  HA   sing N N 18  
ARG C   O    doub N N 19  
ARG C   OXT  sing N N 20  
ARG CB  CG   sing N N 21  
ARG CB  HB2  sing N N 22  
ARG CB  HB3  sing N N 23  
ARG CG  CD   sing N N 24  
ARG CG  HG2  sing N N 25  
ARG CG  HG3  sing N N 26  
ARG CD  NE   sing N N 27  
ARG CD  HD2  sing N N 28  
ARG CD  HD3  sing N N 29  
ARG NE  CZ   sing N N 30  
ARG NE  HE   sing N N 31  
ARG CZ  NH1  sing N N 32  
ARG CZ  NH2  doub N N 33  
ARG NH1 HH11 sing N N 34  
ARG NH1 HH12 sing N N 35  
ARG NH2 HH21 sing N N 36  
ARG NH2 HH22 sing N N 37  
ARG OXT HXT  sing N N 38  
ASN N   CA   sing N N 39  
ASN N   H    sing N N 40  
ASN N   H2   sing N N 41  
ASN CA  C    sing N N 42  
ASN CA  CB   sing N N 43  
ASN CA  HA   sing N N 44  
ASN C   O    doub N N 45  
ASN C   OXT  sing N N 46  
ASN CB  CG   sing N N 47  
ASN CB  HB2  sing N N 48  
ASN CB  HB3  sing N N 49  
ASN CG  OD1  doub N N 50  
ASN CG  ND2  sing N N 51  
ASN ND2 HD21 sing N N 52  
ASN ND2 HD22 sing N N 53  
ASN OXT HXT  sing N N 54  
ASP N   CA   sing N N 55  
ASP N   H    sing N N 56  
ASP N   H2   sing N N 57  
ASP CA  C    sing N N 58  
ASP CA  CB   sing N N 59  
ASP CA  HA   sing N N 60  
ASP C   O    doub N N 61  
ASP C   OXT  sing N N 62  
ASP CB  CG   sing N N 63  
ASP CB  HB2  sing N N 64  
ASP CB  HB3  sing N N 65  
ASP CG  OD1  doub N N 66  
ASP CG  OD2  sing N N 67  
ASP OD2 HD2  sing N N 68  
ASP OXT HXT  sing N N 69  
GLN N   CA   sing N N 70  
GLN N   H    sing N N 71  
GLN N   H2   sing N N 72  
GLN CA  C    sing N N 73  
GLN CA  CB   sing N N 74  
GLN CA  HA   sing N N 75  
GLN C   O    doub N N 76  
GLN C   OXT  sing N N 77  
GLN CB  CG   sing N N 78  
GLN CB  HB2  sing N N 79  
GLN CB  HB3  sing N N 80  
GLN CG  CD   sing N N 81  
GLN CG  HG2  sing N N 82  
GLN CG  HG3  sing N N 83  
GLN CD  OE1  doub N N 84  
GLN CD  NE2  sing N N 85  
GLN NE2 HE21 sing N N 86  
GLN NE2 HE22 sing N N 87  
GLN OXT HXT  sing N N 88  
GLU N   CA   sing N N 89  
GLU N   H    sing N N 90  
GLU N   H2   sing N N 91  
GLU CA  C    sing N N 92  
GLU CA  CB   sing N N 93  
GLU CA  HA   sing N N 94  
GLU C   O    doub N N 95  
GLU C   OXT  sing N N 96  
GLU CB  CG   sing N N 97  
GLU CB  HB2  sing N N 98  
GLU CB  HB3  sing N N 99  
GLU CG  CD   sing N N 100 
GLU CG  HG2  sing N N 101 
GLU CG  HG3  sing N N 102 
GLU CD  OE1  doub N N 103 
GLU CD  OE2  sing N N 104 
GLU OE2 HE2  sing N N 105 
GLU OXT HXT  sing N N 106 
GLY N   CA   sing N N 107 
GLY N   H    sing N N 108 
GLY N   H2   sing N N 109 
GLY CA  C    sing N N 110 
GLY CA  HA2  sing N N 111 
GLY CA  HA3  sing N N 112 
GLY C   O    doub N N 113 
GLY C   OXT  sing N N 114 
GLY OXT HXT  sing N N 115 
HOH O   H1   sing N N 116 
HOH O   H2   sing N N 117 
ILE N   CA   sing N N 118 
ILE N   H    sing N N 119 
ILE N   H2   sing N N 120 
ILE CA  C    sing N N 121 
ILE CA  CB   sing N N 122 
ILE CA  HA   sing N N 123 
ILE C   O    doub N N 124 
ILE C   OXT  sing N N 125 
ILE CB  CG1  sing N N 126 
ILE CB  CG2  sing N N 127 
ILE CB  HB   sing N N 128 
ILE CG1 CD1  sing N N 129 
ILE CG1 HG12 sing N N 130 
ILE CG1 HG13 sing N N 131 
ILE CG2 HG21 sing N N 132 
ILE CG2 HG22 sing N N 133 
ILE CG2 HG23 sing N N 134 
ILE CD1 HD11 sing N N 135 
ILE CD1 HD12 sing N N 136 
ILE CD1 HD13 sing N N 137 
ILE OXT HXT  sing N N 138 
LEU N   CA   sing N N 139 
LEU N   H    sing N N 140 
LEU N   H2   sing N N 141 
LEU CA  C    sing N N 142 
LEU CA  CB   sing N N 143 
LEU CA  HA   sing N N 144 
LEU C   O    doub N N 145 
LEU C   OXT  sing N N 146 
LEU CB  CG   sing N N 147 
LEU CB  HB2  sing N N 148 
LEU CB  HB3  sing N N 149 
LEU CG  CD1  sing N N 150 
LEU CG  CD2  sing N N 151 
LEU CG  HG   sing N N 152 
LEU CD1 HD11 sing N N 153 
LEU CD1 HD12 sing N N 154 
LEU CD1 HD13 sing N N 155 
LEU CD2 HD21 sing N N 156 
LEU CD2 HD22 sing N N 157 
LEU CD2 HD23 sing N N 158 
LEU OXT HXT  sing N N 159 
LYS N   CA   sing N N 160 
LYS N   H    sing N N 161 
LYS N   H2   sing N N 162 
LYS CA  C    sing N N 163 
LYS CA  CB   sing N N 164 
LYS CA  HA   sing N N 165 
LYS C   O    doub N N 166 
LYS C   OXT  sing N N 167 
LYS CB  CG   sing N N 168 
LYS CB  HB2  sing N N 169 
LYS CB  HB3  sing N N 170 
LYS CG  CD   sing N N 171 
LYS CG  HG2  sing N N 172 
LYS CG  HG3  sing N N 173 
LYS CD  CE   sing N N 174 
LYS CD  HD2  sing N N 175 
LYS CD  HD3  sing N N 176 
LYS CE  NZ   sing N N 177 
LYS CE  HE2  sing N N 178 
LYS CE  HE3  sing N N 179 
LYS NZ  HZ1  sing N N 180 
LYS NZ  HZ2  sing N N 181 
LYS NZ  HZ3  sing N N 182 
LYS OXT HXT  sing N N 183 
MET N   CA   sing N N 184 
MET N   H    sing N N 185 
MET N   H2   sing N N 186 
MET CA  C    sing N N 187 
MET CA  CB   sing N N 188 
MET CA  HA   sing N N 189 
MET C   O    doub N N 190 
MET C   OXT  sing N N 191 
MET CB  CG   sing N N 192 
MET CB  HB2  sing N N 193 
MET CB  HB3  sing N N 194 
MET CG  SD   sing N N 195 
MET CG  HG2  sing N N 196 
MET CG  HG3  sing N N 197 
MET SD  CE   sing N N 198 
MET CE  HE1  sing N N 199 
MET CE  HE2  sing N N 200 
MET CE  HE3  sing N N 201 
MET OXT HXT  sing N N 202 
PHE N   CA   sing N N 203 
PHE N   H    sing N N 204 
PHE N   H2   sing N N 205 
PHE CA  C    sing N N 206 
PHE CA  CB   sing N N 207 
PHE CA  HA   sing N N 208 
PHE C   O    doub N N 209 
PHE C   OXT  sing N N 210 
PHE CB  CG   sing N N 211 
PHE CB  HB2  sing N N 212 
PHE CB  HB3  sing N N 213 
PHE CG  CD1  doub Y N 214 
PHE CG  CD2  sing Y N 215 
PHE CD1 CE1  sing Y N 216 
PHE CD1 HD1  sing N N 217 
PHE CD2 CE2  doub Y N 218 
PHE CD2 HD2  sing N N 219 
PHE CE1 CZ   doub Y N 220 
PHE CE1 HE1  sing N N 221 
PHE CE2 CZ   sing Y N 222 
PHE CE2 HE2  sing N N 223 
PHE CZ  HZ   sing N N 224 
PHE OXT HXT  sing N N 225 
PRO N   CA   sing N N 226 
PRO N   CD   sing N N 227 
PRO N   H    sing N N 228 
PRO CA  C    sing N N 229 
PRO CA  CB   sing N N 230 
PRO CA  HA   sing N N 231 
PRO C   O    doub N N 232 
PRO C   OXT  sing N N 233 
PRO CB  CG   sing N N 234 
PRO CB  HB2  sing N N 235 
PRO CB  HB3  sing N N 236 
PRO CG  CD   sing N N 237 
PRO CG  HG2  sing N N 238 
PRO CG  HG3  sing N N 239 
PRO CD  HD2  sing N N 240 
PRO CD  HD3  sing N N 241 
PRO OXT HXT  sing N N 242 
SER N   CA   sing N N 243 
SER N   H    sing N N 244 
SER N   H2   sing N N 245 
SER CA  C    sing N N 246 
SER CA  CB   sing N N 247 
SER CA  HA   sing N N 248 
SER C   O    doub N N 249 
SER C   OXT  sing N N 250 
SER CB  OG   sing N N 251 
SER CB  HB2  sing N N 252 
SER CB  HB3  sing N N 253 
SER OG  HG   sing N N 254 
SER OXT HXT  sing N N 255 
THR N   CA   sing N N 256 
THR N   H    sing N N 257 
THR N   H2   sing N N 258 
THR CA  C    sing N N 259 
THR CA  CB   sing N N 260 
THR CA  HA   sing N N 261 
THR C   O    doub N N 262 
THR C   OXT  sing N N 263 
THR CB  OG1  sing N N 264 
THR CB  CG2  sing N N 265 
THR CB  HB   sing N N 266 
THR OG1 HG1  sing N N 267 
THR CG2 HG21 sing N N 268 
THR CG2 HG22 sing N N 269 
THR CG2 HG23 sing N N 270 
THR OXT HXT  sing N N 271 
TRP N   CA   sing N N 272 
TRP N   H    sing N N 273 
TRP N   H2   sing N N 274 
TRP CA  C    sing N N 275 
TRP CA  CB   sing N N 276 
TRP CA  HA   sing N N 277 
TRP C   O    doub N N 278 
TRP C   OXT  sing N N 279 
TRP CB  CG   sing N N 280 
TRP CB  HB2  sing N N 281 
TRP CB  HB3  sing N N 282 
TRP CG  CD1  doub Y N 283 
TRP CG  CD2  sing Y N 284 
TRP CD1 NE1  sing Y N 285 
TRP CD1 HD1  sing N N 286 
TRP CD2 CE2  doub Y N 287 
TRP CD2 CE3  sing Y N 288 
TRP NE1 CE2  sing Y N 289 
TRP NE1 HE1  sing N N 290 
TRP CE2 CZ2  sing Y N 291 
TRP CE3 CZ3  doub Y N 292 
TRP CE3 HE3  sing N N 293 
TRP CZ2 CH2  doub Y N 294 
TRP CZ2 HZ2  sing N N 295 
TRP CZ3 CH2  sing Y N 296 
TRP CZ3 HZ3  sing N N 297 
TRP CH2 HH2  sing N N 298 
TRP OXT HXT  sing N N 299 
TYR N   CA   sing N N 300 
TYR N   H    sing N N 301 
TYR N   H2   sing N N 302 
TYR CA  C    sing N N 303 
TYR CA  CB   sing N N 304 
TYR CA  HA   sing N N 305 
TYR C   O    doub N N 306 
TYR C   OXT  sing N N 307 
TYR CB  CG   sing N N 308 
TYR CB  HB2  sing N N 309 
TYR CB  HB3  sing N N 310 
TYR CG  CD1  doub Y N 311 
TYR CG  CD2  sing Y N 312 
TYR CD1 CE1  sing Y N 313 
TYR CD1 HD1  sing N N 314 
TYR CD2 CE2  doub Y N 315 
TYR CD2 HD2  sing N N 316 
TYR CE1 CZ   doub Y N 317 
TYR CE1 HE1  sing N N 318 
TYR CE2 CZ   sing Y N 319 
TYR CE2 HE2  sing N N 320 
TYR CZ  OH   sing N N 321 
TYR OH  HH   sing N N 322 
TYR OXT HXT  sing N N 323 
VAL N   CA   sing N N 324 
VAL N   H    sing N N 325 
VAL N   H2   sing N N 326 
VAL CA  C    sing N N 327 
VAL CA  CB   sing N N 328 
VAL CA  HA   sing N N 329 
VAL C   O    doub N N 330 
VAL C   OXT  sing N N 331 
VAL CB  CG1  sing N N 332 
VAL CB  CG2  sing N N 333 
VAL CB  HB   sing N N 334 
VAL CG1 HG11 sing N N 335 
VAL CG1 HG12 sing N N 336 
VAL CG1 HG13 sing N N 337 
VAL CG2 HG21 sing N N 338 
VAL CG2 HG22 sing N N 339 
VAL CG2 HG23 sing N N 340 
VAL OXT HXT  sing N N 341 
# 
_pdbx_entity_nonpoly.entity_id   2 
_pdbx_entity_nonpoly.name        water 
_pdbx_entity_nonpoly.comp_id     HOH 
# 
_pdbx_initial_refinement_model.id               1 
_pdbx_initial_refinement_model.entity_id_list   ? 
_pdbx_initial_refinement_model.type             'experimental model' 
_pdbx_initial_refinement_model.source_name      PDB 
_pdbx_initial_refinement_model.accession_code   1J7G 
_pdbx_initial_refinement_model.details          ? 
# 
